data_5QP0
# 
_entry.id   5QP0 
# 
_audit_conform.dict_name       mmcif_pdbx.dic 
_audit_conform.dict_version    5.387 
_audit_conform.dict_location   http://mmcif.pdb.org/dictionaries/ascii/mmcif_pdbx.dic 
# 
loop_
_database_2.database_id 
_database_2.database_code 
_database_2.pdbx_database_accession 
_database_2.pdbx_DOI 
PDB   5QP0         pdb_00005qp0 10.2210/pdb5qp0/pdb 
WWPDB D_1001402225 ?            ?                   
# 
loop_
_pdbx_audit_revision_history.ordinal 
_pdbx_audit_revision_history.data_content_type 
_pdbx_audit_revision_history.major_revision 
_pdbx_audit_revision_history.minor_revision 
_pdbx_audit_revision_history.revision_date 
1 'Structure model' 1 0 2019-05-08 
2 'Structure model' 1 1 2019-11-20 
3 'Structure model' 1 2 2024-03-06 
# 
_pdbx_audit_revision_details.ordinal             1 
_pdbx_audit_revision_details.revision_ordinal    1 
_pdbx_audit_revision_details.data_content_type   'Structure model' 
_pdbx_audit_revision_details.provider            repository 
_pdbx_audit_revision_details.type                'Initial release' 
_pdbx_audit_revision_details.description         ? 
_pdbx_audit_revision_details.details             ? 
# 
loop_
_pdbx_audit_revision_group.ordinal 
_pdbx_audit_revision_group.revision_ordinal 
_pdbx_audit_revision_group.data_content_type 
_pdbx_audit_revision_group.group 
1 2 'Structure model' 'Data collection'     
2 3 'Structure model' 'Data collection'     
3 3 'Structure model' 'Database references' 
# 
loop_
_pdbx_audit_revision_category.ordinal 
_pdbx_audit_revision_category.revision_ordinal 
_pdbx_audit_revision_category.data_content_type 
_pdbx_audit_revision_category.category 
1 2 'Structure model' diffrn_source  
2 3 'Structure model' chem_comp_atom 
3 3 'Structure model' chem_comp_bond 
4 3 'Structure model' database_2     
# 
loop_
_pdbx_audit_revision_item.ordinal 
_pdbx_audit_revision_item.revision_ordinal 
_pdbx_audit_revision_item.data_content_type 
_pdbx_audit_revision_item.item 
1 2 'Structure model' '_diffrn_source.pdbx_synchrotron_beamline' 
2 2 'Structure model' '_diffrn_source.type'                      
3 3 'Structure model' '_database_2.pdbx_DOI'                     
4 3 'Structure model' '_database_2.pdbx_database_accession'      
# 
_pdbx_database_status.entry_id                        5QP0 
_pdbx_database_status.status_code                     REL 
_pdbx_database_status.status_code_sf                  REL 
_pdbx_database_status.status_code_mr                  ? 
_pdbx_database_status.status_code_cs                  ? 
_pdbx_database_status.recvd_initial_deposition_date   2019-02-22 
_pdbx_database_status.deposit_site                    RCSB 
_pdbx_database_status.process_site                    RCSB 
_pdbx_database_status.SG_entry                        ? 
_pdbx_database_status.pdb_format_compatible           Y 
_pdbx_database_status.methods_development_category    ? 
_pdbx_database_status.status_code_nmr_data            ? 
# 
loop_
_audit_author.name 
_audit_author.pdbx_ordinal 
_audit_author.identifier_ORCID 
'Nelson, E.R.'      1  ? 
'Velupillai, S.'    2  ? 
'Talon, R.'         3  ? 
'Collins, P.M.'     4  ? 
'Krojer, T.'        5  ? 
'Wang, D.'          6  ? 
'Brandao-Neto, J.'  7  ? 
'Douangamath, A.'   8  ? 
'Burgess-Brown, N.' 9  ? 
'Arrowsmith, C.H.'  10 ? 
'Bountra, C.'       11 ? 
'Huber, K.'         12 ? 
'von Delft, F.'     13 ? 
# 
_citation.id                        primary 
_citation.title                     'PanDDA analysis group deposition' 
_citation.journal_abbrev            'To Be Published' 
_citation.journal_volume            ? 
_citation.page_first                ? 
_citation.page_last                 ? 
_citation.year                      ? 
_citation.journal_id_ASTM           ? 
_citation.country                   ? 
_citation.journal_id_ISSN           ? 
_citation.journal_id_CSD            0353 
_citation.book_publisher            ? 
_citation.pdbx_database_id_PubMed   ? 
_citation.pdbx_database_id_DOI      ? 
# 
loop_
_citation_author.citation_id 
_citation_author.name 
_citation_author.identifier_ORCID 
_citation_author.ordinal 
primary 'Nelson, E.R.'      ? 1  
primary 'Velupillai, S.'    ? 2  
primary 'Talon, R.'         ? 3  
primary 'Collins, P.M.'     ? 4  
primary 'Krojer, T.'        ? 5  
primary 'Wang, D.'          ? 6  
primary 'Brandao-Neto, J.'  ? 7  
primary 'Douangamath, A.'   ? 8  
primary 'Burgess-Brown, N.' ? 9  
primary 'Arrowsmith, C.H.'  ? 10 
primary 'Bountra, C.'       ? 11 
primary 'Huber, K.'         ? 12 
primary 'von Delft, F.'     ? 13 
# 
loop_
_entity.id 
_entity.type 
_entity.src_method 
_entity.pdbx_description 
_entity.formula_weight 
_entity.pdbx_number_of_molecules 
_entity.pdbx_ec 
_entity.pdbx_mutation 
_entity.pdbx_fragment 
_entity.details 
1 polymer     man 'DCP2 (NUDT20)'                                                        19073.738 1  3.6.1.62 ? 
'UNP residues 95-260' ? 
2 non-polymer syn 1,2-ETHANEDIOL                                                         62.068    2  ?        ? ? ? 
3 non-polymer syn 'DIMETHYL SULFOXIDE'                                                   78.133    1  ?        ? ? ? 
4 non-polymer syn 'ACETATE ION'                                                          59.044    2  ?        ? ? ? 
5 non-polymer syn 'N-[(4-fluorophenyl)methyl]-3-(propan-2-yl)-1H-pyrazole-5-carboxamide' 261.295   1  ?        ? ? ? 
6 water       nat water                                                                  18.015    79 ?        ? ? ? 
# 
_entity_name_com.entity_id   1 
_entity_name_com.name        
'Nucleoside diphosphate-linked moiety X motif 20, Nudix motif 20, mRNA-decapping enzyme 2, hDpc, m7GpppN-mRNA hydrolase' 
# 
_entity_poly.entity_id                      1 
_entity_poly.type                           'polypeptide(L)' 
_entity_poly.nstd_linkage                   no 
_entity_poly.nstd_monomer                   no 
_entity_poly.pdbx_seq_one_letter_code       
;SMGVPTYGAIILDETLENVLLVQGYLAKSGWGFPKGKVNKEEAPHDCAAREVFEETGFDIKDYICKDDYIELRINDQLAR
LYIIPGIPKDTKFNPKTRREIRNIEWFSIEKLPCHRNDMTPKSKLGLAPNKFFMAIPFIRPLRDWLSRRFGDSSDSDNGF
SSTGSTP
;
_entity_poly.pdbx_seq_one_letter_code_can   
;SMGVPTYGAIILDETLENVLLVQGYLAKSGWGFPKGKVNKEEAPHDCAAREVFEETGFDIKDYICKDDYIELRINDQLAR
LYIIPGIPKDTKFNPKTRREIRNIEWFSIEKLPCHRNDMTPKSKLGLAPNKFFMAIPFIRPLRDWLSRRFGDSSDSDNGF
SSTGSTP
;
_entity_poly.pdbx_strand_id                 A 
_entity_poly.pdbx_target_identifier         ? 
# 
loop_
_pdbx_entity_nonpoly.entity_id 
_pdbx_entity_nonpoly.name 
_pdbx_entity_nonpoly.comp_id 
2 1,2-ETHANEDIOL                                                         EDO 
3 'DIMETHYL SULFOXIDE'                                                   DMS 
4 'ACETATE ION'                                                          ACT 
5 'N-[(4-fluorophenyl)methyl]-3-(propan-2-yl)-1H-pyrazole-5-carboxamide' LF4 
6 water                                                                  HOH 
# 
loop_
_entity_poly_seq.entity_id 
_entity_poly_seq.num 
_entity_poly_seq.mon_id 
_entity_poly_seq.hetero 
1 1   SER n 
1 2   MET n 
1 3   GLY n 
1 4   VAL n 
1 5   PRO n 
1 6   THR n 
1 7   TYR n 
1 8   GLY n 
1 9   ALA n 
1 10  ILE n 
1 11  ILE n 
1 12  LEU n 
1 13  ASP n 
1 14  GLU n 
1 15  THR n 
1 16  LEU n 
1 17  GLU n 
1 18  ASN n 
1 19  VAL n 
1 20  LEU n 
1 21  LEU n 
1 22  VAL n 
1 23  GLN n 
1 24  GLY n 
1 25  TYR n 
1 26  LEU n 
1 27  ALA n 
1 28  LYS n 
1 29  SER n 
1 30  GLY n 
1 31  TRP n 
1 32  GLY n 
1 33  PHE n 
1 34  PRO n 
1 35  LYS n 
1 36  GLY n 
1 37  LYS n 
1 38  VAL n 
1 39  ASN n 
1 40  LYS n 
1 41  GLU n 
1 42  GLU n 
1 43  ALA n 
1 44  PRO n 
1 45  HIS n 
1 46  ASP n 
1 47  CYS n 
1 48  ALA n 
1 49  ALA n 
1 50  ARG n 
1 51  GLU n 
1 52  VAL n 
1 53  PHE n 
1 54  GLU n 
1 55  GLU n 
1 56  THR n 
1 57  GLY n 
1 58  PHE n 
1 59  ASP n 
1 60  ILE n 
1 61  LYS n 
1 62  ASP n 
1 63  TYR n 
1 64  ILE n 
1 65  CYS n 
1 66  LYS n 
1 67  ASP n 
1 68  ASP n 
1 69  TYR n 
1 70  ILE n 
1 71  GLU n 
1 72  LEU n 
1 73  ARG n 
1 74  ILE n 
1 75  ASN n 
1 76  ASP n 
1 77  GLN n 
1 78  LEU n 
1 79  ALA n 
1 80  ARG n 
1 81  LEU n 
1 82  TYR n 
1 83  ILE n 
1 84  ILE n 
1 85  PRO n 
1 86  GLY n 
1 87  ILE n 
1 88  PRO n 
1 89  LYS n 
1 90  ASP n 
1 91  THR n 
1 92  LYS n 
1 93  PHE n 
1 94  ASN n 
1 95  PRO n 
1 96  LYS n 
1 97  THR n 
1 98  ARG n 
1 99  ARG n 
1 100 GLU n 
1 101 ILE n 
1 102 ARG n 
1 103 ASN n 
1 104 ILE n 
1 105 GLU n 
1 106 TRP n 
1 107 PHE n 
1 108 SER n 
1 109 ILE n 
1 110 GLU n 
1 111 LYS n 
1 112 LEU n 
1 113 PRO n 
1 114 CYS n 
1 115 HIS n 
1 116 ARG n 
1 117 ASN n 
1 118 ASP n 
1 119 MET n 
1 120 THR n 
1 121 PRO n 
1 122 LYS n 
1 123 SER n 
1 124 LYS n 
1 125 LEU n 
1 126 GLY n 
1 127 LEU n 
1 128 ALA n 
1 129 PRO n 
1 130 ASN n 
1 131 LYS n 
1 132 PHE n 
1 133 PHE n 
1 134 MET n 
1 135 ALA n 
1 136 ILE n 
1 137 PRO n 
1 138 PHE n 
1 139 ILE n 
1 140 ARG n 
1 141 PRO n 
1 142 LEU n 
1 143 ARG n 
1 144 ASP n 
1 145 TRP n 
1 146 LEU n 
1 147 SER n 
1 148 ARG n 
1 149 ARG n 
1 150 PHE n 
1 151 GLY n 
1 152 ASP n 
1 153 SER n 
1 154 SER n 
1 155 ASP n 
1 156 SER n 
1 157 ASP n 
1 158 ASN n 
1 159 GLY n 
1 160 PHE n 
1 161 SER n 
1 162 SER n 
1 163 THR n 
1 164 GLY n 
1 165 SER n 
1 166 THR n 
1 167 PRO n 
# 
_entity_src_gen.entity_id                          1 
_entity_src_gen.pdbx_src_id                        1 
_entity_src_gen.pdbx_alt_source_flag               sample 
_entity_src_gen.pdbx_seq_type                      'Biological sequence' 
_entity_src_gen.pdbx_beg_seq_num                   1 
_entity_src_gen.pdbx_end_seq_num                   167 
_entity_src_gen.gene_src_common_name               Human 
_entity_src_gen.gene_src_genus                     ? 
_entity_src_gen.pdbx_gene_src_gene                 'DCP2, NUDT20' 
_entity_src_gen.gene_src_species                   ? 
_entity_src_gen.gene_src_strain                    ? 
_entity_src_gen.gene_src_tissue                    ? 
_entity_src_gen.gene_src_tissue_fraction           ? 
_entity_src_gen.gene_src_details                   ? 
_entity_src_gen.pdbx_gene_src_fragment             ? 
_entity_src_gen.pdbx_gene_src_scientific_name      'Homo sapiens' 
_entity_src_gen.pdbx_gene_src_ncbi_taxonomy_id     9606 
_entity_src_gen.pdbx_gene_src_variant              ? 
_entity_src_gen.pdbx_gene_src_cell_line            ? 
_entity_src_gen.pdbx_gene_src_atcc                 ? 
_entity_src_gen.pdbx_gene_src_organ                ? 
_entity_src_gen.pdbx_gene_src_organelle            ? 
_entity_src_gen.pdbx_gene_src_cell                 ? 
_entity_src_gen.pdbx_gene_src_cellular_location    ? 
_entity_src_gen.host_org_common_name               ? 
_entity_src_gen.pdbx_host_org_scientific_name      'Escherichia coli' 
_entity_src_gen.pdbx_host_org_ncbi_taxonomy_id     562 
_entity_src_gen.host_org_genus                     ? 
_entity_src_gen.pdbx_host_org_gene                 ? 
_entity_src_gen.pdbx_host_org_organ                ? 
_entity_src_gen.host_org_species                   ? 
_entity_src_gen.pdbx_host_org_tissue               ? 
_entity_src_gen.pdbx_host_org_tissue_fraction      ? 
_entity_src_gen.pdbx_host_org_strain               ? 
_entity_src_gen.pdbx_host_org_variant              ? 
_entity_src_gen.pdbx_host_org_cell_line            ? 
_entity_src_gen.pdbx_host_org_atcc                 ? 
_entity_src_gen.pdbx_host_org_culture_collection   ? 
_entity_src_gen.pdbx_host_org_cell                 ? 
_entity_src_gen.pdbx_host_org_organelle            ? 
_entity_src_gen.pdbx_host_org_cellular_location    ? 
_entity_src_gen.pdbx_host_org_vector_type          ? 
_entity_src_gen.pdbx_host_org_vector               ? 
_entity_src_gen.host_org_details                   ? 
_entity_src_gen.expression_system_id               ? 
_entity_src_gen.plasmid_name                       ? 
_entity_src_gen.plasmid_details                    ? 
_entity_src_gen.pdbx_description                   ? 
# 
loop_
_chem_comp.id 
_chem_comp.type 
_chem_comp.mon_nstd_flag 
_chem_comp.name 
_chem_comp.pdbx_synonyms 
_chem_comp.formula 
_chem_comp.formula_weight 
ACT non-polymer         . 'ACETATE ION'                                                          ?                 'C2 H3 O2 -1' 
59.044  
ALA 'L-peptide linking' y ALANINE                                                                ?                 'C3 H7 N O2' 
89.093  
ARG 'L-peptide linking' y ARGININE                                                               ?                 
'C6 H15 N4 O2 1' 175.209 
ASN 'L-peptide linking' y ASPARAGINE                                                             ?                 'C4 H8 N2 O3' 
132.118 
ASP 'L-peptide linking' y 'ASPARTIC ACID'                                                        ?                 'C4 H7 N O4' 
133.103 
CYS 'L-peptide linking' y CYSTEINE                                                               ?                 'C3 H7 N O2 S' 
121.158 
DMS non-polymer         . 'DIMETHYL SULFOXIDE'                                                   ?                 'C2 H6 O S' 
78.133  
EDO non-polymer         . 1,2-ETHANEDIOL                                                         'ETHYLENE GLYCOL' 'C2 H6 O2' 
62.068  
GLN 'L-peptide linking' y GLUTAMINE                                                              ?                 'C5 H10 N2 O3' 
146.144 
GLU 'L-peptide linking' y 'GLUTAMIC ACID'                                                        ?                 'C5 H9 N O4' 
147.129 
GLY 'peptide linking'   y GLYCINE                                                                ?                 'C2 H5 N O2' 
75.067  
HIS 'L-peptide linking' y HISTIDINE                                                              ?                 
'C6 H10 N3 O2 1' 156.162 
HOH non-polymer         . WATER                                                                  ?                 'H2 O' 18.015  
ILE 'L-peptide linking' y ISOLEUCINE                                                             ?                 'C6 H13 N O2' 
131.173 
LEU 'L-peptide linking' y LEUCINE                                                                ?                 'C6 H13 N O2' 
131.173 
LF4 non-polymer         . 'N-[(4-fluorophenyl)methyl]-3-(propan-2-yl)-1H-pyrazole-5-carboxamide' ?                 
'C14 H16 F N3 O' 261.295 
LYS 'L-peptide linking' y LYSINE                                                                 ?                 
'C6 H15 N2 O2 1' 147.195 
MET 'L-peptide linking' y METHIONINE                                                             ?                 'C5 H11 N O2 S' 
149.211 
PHE 'L-peptide linking' y PHENYLALANINE                                                          ?                 'C9 H11 N O2' 
165.189 
PRO 'L-peptide linking' y PROLINE                                                                ?                 'C5 H9 N O2' 
115.130 
SER 'L-peptide linking' y SERINE                                                                 ?                 'C3 H7 N O3' 
105.093 
THR 'L-peptide linking' y THREONINE                                                              ?                 'C4 H9 N O3' 
119.119 
TRP 'L-peptide linking' y TRYPTOPHAN                                                             ?                 'C11 H12 N2 O2' 
204.225 
TYR 'L-peptide linking' y TYROSINE                                                               ?                 'C9 H11 N O3' 
181.189 
VAL 'L-peptide linking' y VALINE                                                                 ?                 'C5 H11 N O2' 
117.146 
# 
loop_
_pdbx_poly_seq_scheme.asym_id 
_pdbx_poly_seq_scheme.entity_id 
_pdbx_poly_seq_scheme.seq_id 
_pdbx_poly_seq_scheme.mon_id 
_pdbx_poly_seq_scheme.ndb_seq_num 
_pdbx_poly_seq_scheme.pdb_seq_num 
_pdbx_poly_seq_scheme.auth_seq_num 
_pdbx_poly_seq_scheme.pdb_mon_id 
_pdbx_poly_seq_scheme.auth_mon_id 
_pdbx_poly_seq_scheme.pdb_strand_id 
_pdbx_poly_seq_scheme.pdb_ins_code 
_pdbx_poly_seq_scheme.hetero 
A 1 1   SER 1   94  ?   ?   ?   A . n 
A 1 2   MET 2   95  ?   ?   ?   A . n 
A 1 3   GLY 3   96  96  GLY GLY A . n 
A 1 4   VAL 4   97  97  VAL VAL A . n 
A 1 5   PRO 5   98  98  PRO PRO A . n 
A 1 6   THR 6   99  99  THR THR A . n 
A 1 7   TYR 7   100 100 TYR TYR A . n 
A 1 8   GLY 8   101 101 GLY GLY A . n 
A 1 9   ALA 9   102 102 ALA ALA A . n 
A 1 10  ILE 10  103 103 ILE ILE A . n 
A 1 11  ILE 11  104 104 ILE ILE A . n 
A 1 12  LEU 12  105 105 LEU LEU A . n 
A 1 13  ASP 13  106 106 ASP ASP A . n 
A 1 14  GLU 14  107 107 GLU GLU A . n 
A 1 15  THR 15  108 108 THR THR A . n 
A 1 16  LEU 16  109 109 LEU LEU A . n 
A 1 17  GLU 17  110 110 GLU GLU A . n 
A 1 18  ASN 18  111 111 ASN ASN A . n 
A 1 19  VAL 19  112 112 VAL VAL A . n 
A 1 20  LEU 20  113 113 LEU LEU A . n 
A 1 21  LEU 21  114 114 LEU LEU A . n 
A 1 22  VAL 22  115 115 VAL VAL A . n 
A 1 23  GLN 23  116 116 GLN GLN A . n 
A 1 24  GLY 24  117 117 GLY GLY A . n 
A 1 25  TYR 25  118 118 TYR TYR A . n 
A 1 26  LEU 26  119 119 LEU LEU A . n 
A 1 27  ALA 27  120 120 ALA ALA A . n 
A 1 28  LYS 28  121 121 LYS LYS A . n 
A 1 29  SER 29  122 122 SER SER A . n 
A 1 30  GLY 30  123 123 GLY GLY A . n 
A 1 31  TRP 31  124 124 TRP TRP A . n 
A 1 32  GLY 32  125 125 GLY GLY A . n 
A 1 33  PHE 33  126 126 PHE PHE A . n 
A 1 34  PRO 34  127 127 PRO PRO A . n 
A 1 35  LYS 35  128 128 LYS LYS A . n 
A 1 36  GLY 36  129 129 GLY GLY A . n 
A 1 37  LYS 37  130 130 LYS LYS A . n 
A 1 38  VAL 38  131 131 VAL VAL A . n 
A 1 39  ASN 39  132 132 ASN ASN A . n 
A 1 40  LYS 40  133 133 LYS LYS A . n 
A 1 41  GLU 41  134 134 GLU GLU A . n 
A 1 42  GLU 42  135 135 GLU GLU A . n 
A 1 43  ALA 43  136 136 ALA ALA A . n 
A 1 44  PRO 44  137 137 PRO PRO A . n 
A 1 45  HIS 45  138 138 HIS HIS A . n 
A 1 46  ASP 46  139 139 ASP ASP A . n 
A 1 47  CYS 47  140 140 CYS CYS A . n 
A 1 48  ALA 48  141 141 ALA ALA A . n 
A 1 49  ALA 49  142 142 ALA ALA A . n 
A 1 50  ARG 50  143 143 ARG ARG A . n 
A 1 51  GLU 51  144 144 GLU GLU A . n 
A 1 52  VAL 52  145 145 VAL VAL A . n 
A 1 53  PHE 53  146 146 PHE PHE A . n 
A 1 54  GLU 54  147 147 GLU GLU A . n 
A 1 55  GLU 55  148 148 GLU GLU A . n 
A 1 56  THR 56  149 149 THR THR A . n 
A 1 57  GLY 57  150 150 GLY GLY A . n 
A 1 58  PHE 58  151 151 PHE PHE A . n 
A 1 59  ASP 59  152 152 ASP ASP A . n 
A 1 60  ILE 60  153 153 ILE ILE A . n 
A 1 61  LYS 61  154 154 LYS LYS A . n 
A 1 62  ASP 62  155 155 ASP ASP A . n 
A 1 63  TYR 63  156 156 TYR TYR A . n 
A 1 64  ILE 64  157 157 ILE ILE A . n 
A 1 65  CYS 65  158 158 CYS CYS A . n 
A 1 66  LYS 66  159 159 LYS LYS A . n 
A 1 67  ASP 67  160 160 ASP ASP A . n 
A 1 68  ASP 68  161 161 ASP ASP A . n 
A 1 69  TYR 69  162 162 TYR TYR A . n 
A 1 70  ILE 70  163 163 ILE ILE A . n 
A 1 71  GLU 71  164 164 GLU GLU A . n 
A 1 72  LEU 72  165 165 LEU LEU A . n 
A 1 73  ARG 73  166 166 ARG ARG A . n 
A 1 74  ILE 74  167 167 ILE ILE A . n 
A 1 75  ASN 75  168 168 ASN ASN A . n 
A 1 76  ASP 76  169 169 ASP ASP A . n 
A 1 77  GLN 77  170 170 GLN GLN A . n 
A 1 78  LEU 78  171 171 LEU LEU A . n 
A 1 79  ALA 79  172 172 ALA ALA A . n 
A 1 80  ARG 80  173 173 ARG ARG A . n 
A 1 81  LEU 81  174 174 LEU LEU A . n 
A 1 82  TYR 82  175 175 TYR TYR A . n 
A 1 83  ILE 83  176 176 ILE ILE A . n 
A 1 84  ILE 84  177 177 ILE ILE A . n 
A 1 85  PRO 85  178 178 PRO PRO A . n 
A 1 86  GLY 86  179 179 GLY GLY A . n 
A 1 87  ILE 87  180 180 ILE ILE A . n 
A 1 88  PRO 88  181 181 PRO PRO A . n 
A 1 89  LYS 89  182 182 LYS LYS A . n 
A 1 90  ASP 90  183 183 ASP ASP A . n 
A 1 91  THR 91  184 184 THR THR A . n 
A 1 92  LYS 92  185 185 LYS LYS A . n 
A 1 93  PHE 93  186 186 PHE PHE A . n 
A 1 94  ASN 94  187 187 ASN ASN A . n 
A 1 95  PRO 95  188 188 PRO PRO A . n 
A 1 96  LYS 96  189 189 LYS LYS A . n 
A 1 97  THR 97  190 190 THR THR A . n 
A 1 98  ARG 98  191 191 ARG ARG A . n 
A 1 99  ARG 99  192 192 ARG ARG A . n 
A 1 100 GLU 100 193 193 GLU GLU A . n 
A 1 101 ILE 101 194 194 ILE ILE A . n 
A 1 102 ARG 102 195 195 ARG ARG A . n 
A 1 103 ASN 103 196 196 ASN ASN A . n 
A 1 104 ILE 104 197 197 ILE ILE A . n 
A 1 105 GLU 105 198 198 GLU GLU A . n 
A 1 106 TRP 106 199 199 TRP TRP A . n 
A 1 107 PHE 107 200 200 PHE PHE A . n 
A 1 108 SER 108 201 201 SER SER A . n 
A 1 109 ILE 109 202 202 ILE ILE A . n 
A 1 110 GLU 110 203 203 GLU GLU A . n 
A 1 111 LYS 111 204 204 LYS LYS A . n 
A 1 112 LEU 112 205 205 LEU LEU A . n 
A 1 113 PRO 113 206 206 PRO PRO A . n 
A 1 114 CYS 114 207 207 CYS CYS A . n 
A 1 115 HIS 115 208 208 HIS HIS A . n 
A 1 116 ARG 116 209 209 ARG ARG A . n 
A 1 117 ASN 117 210 210 ASN ASN A . n 
A 1 118 ASP 118 211 211 ASP ASP A . n 
A 1 119 MET 119 212 212 MET MET A . n 
A 1 120 THR 120 213 213 THR THR A . n 
A 1 121 PRO 121 214 214 PRO PRO A . n 
A 1 122 LYS 122 215 215 LYS LYS A . n 
A 1 123 SER 123 216 216 SER SER A . n 
A 1 124 LYS 124 217 217 LYS LYS A . n 
A 1 125 LEU 125 218 218 LEU LEU A . n 
A 1 126 GLY 126 219 219 GLY GLY A . n 
A 1 127 LEU 127 220 220 LEU LEU A . n 
A 1 128 ALA 128 221 221 ALA ALA A . n 
A 1 129 PRO 129 222 222 PRO PRO A . n 
A 1 130 ASN 130 223 223 ASN ASN A . n 
A 1 131 LYS 131 224 224 LYS LYS A . n 
A 1 132 PHE 132 225 225 PHE PHE A . n 
A 1 133 PHE 133 226 226 PHE PHE A . n 
A 1 134 MET 134 227 227 MET MET A . n 
A 1 135 ALA 135 228 228 ALA ALA A . n 
A 1 136 ILE 136 229 229 ILE ILE A . n 
A 1 137 PRO 137 230 230 PRO PRO A . n 
A 1 138 PHE 138 231 231 PHE PHE A . n 
A 1 139 ILE 139 232 232 ILE ILE A . n 
A 1 140 ARG 140 233 233 ARG ARG A . n 
A 1 141 PRO 141 234 234 PRO PRO A . n 
A 1 142 LEU 142 235 235 LEU LEU A . n 
A 1 143 ARG 143 236 236 ARG ARG A . n 
A 1 144 ASP 144 237 237 ASP ASP A . n 
A 1 145 TRP 145 238 238 TRP TRP A . n 
A 1 146 LEU 146 239 239 LEU LEU A . n 
A 1 147 SER 147 240 240 SER SER A . n 
A 1 148 ARG 148 241 241 ARG ARG A . n 
A 1 149 ARG 149 242 242 ARG ARG A . n 
A 1 150 PHE 150 243 243 PHE PHE A . n 
A 1 151 GLY 151 244 244 GLY GLY A . n 
A 1 152 ASP 152 245 ?   ?   ?   A . n 
A 1 153 SER 153 246 ?   ?   ?   A . n 
A 1 154 SER 154 247 ?   ?   ?   A . n 
A 1 155 ASP 155 248 ?   ?   ?   A . n 
A 1 156 SER 156 249 ?   ?   ?   A . n 
A 1 157 ASP 157 250 ?   ?   ?   A . n 
A 1 158 ASN 158 251 ?   ?   ?   A . n 
A 1 159 GLY 159 252 ?   ?   ?   A . n 
A 1 160 PHE 160 253 ?   ?   ?   A . n 
A 1 161 SER 161 254 ?   ?   ?   A . n 
A 1 162 SER 162 255 ?   ?   ?   A . n 
A 1 163 THR 163 256 ?   ?   ?   A . n 
A 1 164 GLY 164 257 ?   ?   ?   A . n 
A 1 165 SER 165 258 ?   ?   ?   A . n 
A 1 166 THR 166 259 ?   ?   ?   A . n 
A 1 167 PRO 167 260 ?   ?   ?   A . n 
# 
loop_
_pdbx_nonpoly_scheme.asym_id 
_pdbx_nonpoly_scheme.entity_id 
_pdbx_nonpoly_scheme.mon_id 
_pdbx_nonpoly_scheme.ndb_seq_num 
_pdbx_nonpoly_scheme.pdb_seq_num 
_pdbx_nonpoly_scheme.auth_seq_num 
_pdbx_nonpoly_scheme.pdb_mon_id 
_pdbx_nonpoly_scheme.auth_mon_id 
_pdbx_nonpoly_scheme.pdb_strand_id 
_pdbx_nonpoly_scheme.pdb_ins_code 
B 2 EDO 1  301 2   EDO EDO A . 
C 2 EDO 1  302 3   EDO EDO A . 
D 3 DMS 1  303 1   DMS DMS A . 
E 4 ACT 1  304 1   ACT ACT A . 
F 4 ACT 1  305 2   ACT ACT A . 
G 5 LF4 1  306 1   LF4 LIG A . 
H 6 HOH 1  401 33  HOH HOH A . 
H 6 HOH 2  402 10  HOH HOH A . 
H 6 HOH 3  403 39  HOH HOH A . 
H 6 HOH 4  404 66  HOH HOH A . 
H 6 HOH 5  405 13  HOH HOH A . 
H 6 HOH 6  406 29  HOH HOH A . 
H 6 HOH 7  407 70  HOH HOH A . 
H 6 HOH 8  408 24  HOH HOH A . 
H 6 HOH 9  409 5   HOH HOH A . 
H 6 HOH 10 410 78  HOH HOH A . 
H 6 HOH 11 411 100 HOH HOH A . 
H 6 HOH 12 412 8   HOH HOH A . 
H 6 HOH 13 413 17  HOH HOH A . 
H 6 HOH 14 414 106 HOH HOH A . 
H 6 HOH 15 415 60  HOH HOH A . 
H 6 HOH 16 416 23  HOH HOH A . 
H 6 HOH 17 417 4   HOH HOH A . 
H 6 HOH 18 418 88  HOH HOH A . 
H 6 HOH 19 419 67  HOH HOH A . 
H 6 HOH 20 420 95  HOH HOH A . 
H 6 HOH 21 421 94  HOH HOH A . 
H 6 HOH 22 422 14  HOH HOH A . 
H 6 HOH 23 423 18  HOH HOH A . 
H 6 HOH 24 424 31  HOH HOH A . 
H 6 HOH 25 425 65  HOH HOH A . 
H 6 HOH 26 426 43  HOH HOH A . 
H 6 HOH 27 427 2   HOH HOH A . 
H 6 HOH 28 428 84  HOH HOH A . 
H 6 HOH 29 429 12  HOH HOH A . 
H 6 HOH 30 430 15  HOH HOH A . 
H 6 HOH 31 431 1   HOH HOH A . 
H 6 HOH 32 432 76  HOH HOH A . 
H 6 HOH 33 433 35  HOH HOH A . 
H 6 HOH 34 434 6   HOH HOH A . 
H 6 HOH 35 435 38  HOH HOH A . 
H 6 HOH 36 436 27  HOH HOH A . 
H 6 HOH 37 437 30  HOH HOH A . 
H 6 HOH 38 438 7   HOH HOH A . 
H 6 HOH 39 439 3   HOH HOH A . 
H 6 HOH 40 440 9   HOH HOH A . 
H 6 HOH 41 441 47  HOH HOH A . 
H 6 HOH 42 442 68  HOH HOH A . 
H 6 HOH 43 443 97  HOH HOH A . 
H 6 HOH 44 444 79  HOH HOH A . 
H 6 HOH 45 445 96  HOH HOH A . 
H 6 HOH 46 446 80  HOH HOH A . 
H 6 HOH 47 447 32  HOH HOH A . 
H 6 HOH 48 448 71  HOH HOH A . 
H 6 HOH 49 449 59  HOH HOH A . 
H 6 HOH 50 450 72  HOH HOH A . 
H 6 HOH 51 451 69  HOH HOH A . 
H 6 HOH 52 452 11  HOH HOH A . 
H 6 HOH 53 453 25  HOH HOH A . 
H 6 HOH 54 454 81  HOH HOH A . 
H 6 HOH 55 455 46  HOH HOH A . 
H 6 HOH 56 456 55  HOH HOH A . 
H 6 HOH 57 457 36  HOH HOH A . 
H 6 HOH 58 458 22  HOH HOH A . 
H 6 HOH 59 459 57  HOH HOH A . 
H 6 HOH 60 460 42  HOH HOH A . 
H 6 HOH 61 461 28  HOH HOH A . 
H 6 HOH 62 462 62  HOH HOH A . 
H 6 HOH 63 463 19  HOH HOH A . 
H 6 HOH 64 464 40  HOH HOH A . 
H 6 HOH 65 465 105 HOH HOH A . 
H 6 HOH 66 466 107 HOH HOH A . 
H 6 HOH 67 467 52  HOH HOH A . 
H 6 HOH 68 468 103 HOH HOH A . 
H 6 HOH 69 469 21  HOH HOH A . 
H 6 HOH 70 470 50  HOH HOH A . 
H 6 HOH 71 471 16  HOH HOH A . 
H 6 HOH 72 472 98  HOH HOH A . 
H 6 HOH 73 473 26  HOH HOH A . 
H 6 HOH 74 474 56  HOH HOH A . 
H 6 HOH 75 475 92  HOH HOH A . 
H 6 HOH 76 476 20  HOH HOH A . 
H 6 HOH 77 477 51  HOH HOH A . 
H 6 HOH 78 478 93  HOH HOH A . 
H 6 HOH 79 479 41  HOH HOH A . 
# 
loop_
_pdbx_unobs_or_zero_occ_atoms.id 
_pdbx_unobs_or_zero_occ_atoms.PDB_model_num 
_pdbx_unobs_or_zero_occ_atoms.polymer_flag 
_pdbx_unobs_or_zero_occ_atoms.occupancy_flag 
_pdbx_unobs_or_zero_occ_atoms.auth_asym_id 
_pdbx_unobs_or_zero_occ_atoms.auth_comp_id 
_pdbx_unobs_or_zero_occ_atoms.auth_seq_id 
_pdbx_unobs_or_zero_occ_atoms.PDB_ins_code 
_pdbx_unobs_or_zero_occ_atoms.auth_atom_id 
_pdbx_unobs_or_zero_occ_atoms.label_alt_id 
_pdbx_unobs_or_zero_occ_atoms.label_asym_id 
_pdbx_unobs_or_zero_occ_atoms.label_comp_id 
_pdbx_unobs_or_zero_occ_atoms.label_seq_id 
_pdbx_unobs_or_zero_occ_atoms.label_atom_id 
1  1 Y 1 A LYS 130 ? CE  ? A LYS 37  CE  
2  1 Y 1 A LYS 130 ? NZ  ? A LYS 37  NZ  
3  1 Y 1 A LYS 133 ? CG  ? A LYS 40  CG  
4  1 Y 1 A LYS 133 ? CD  ? A LYS 40  CD  
5  1 Y 1 A LYS 133 ? CE  ? A LYS 40  CE  
6  1 Y 1 A LYS 133 ? NZ  ? A LYS 40  NZ  
7  1 Y 1 A GLU 134 ? CG  ? A GLU 41  CG  
8  1 Y 1 A GLU 134 ? CD  ? A GLU 41  CD  
9  1 Y 1 A GLU 134 ? OE1 ? A GLU 41  OE1 
10 1 Y 1 A GLU 134 ? OE2 ? A GLU 41  OE2 
11 1 Y 1 A LYS 159 ? CD  ? A LYS 66  CD  
12 1 Y 1 A LYS 159 ? CE  ? A LYS 66  CE  
13 1 Y 1 A LYS 159 ? NZ  ? A LYS 66  NZ  
14 1 Y 1 A LYS 185 ? CE  ? A LYS 92  CE  
15 1 Y 1 A LYS 185 ? NZ  ? A LYS 92  NZ  
16 1 Y 1 A LYS 215 ? CD  ? A LYS 122 CD  
17 1 Y 1 A LYS 215 ? CE  ? A LYS 122 CE  
18 1 Y 1 A LYS 215 ? NZ  ? A LYS 122 NZ  
19 1 Y 1 A LYS 217 ? CE  ? A LYS 124 CE  
20 1 Y 1 A LYS 217 ? NZ  ? A LYS 124 NZ  
21 1 Y 1 A ARG 241 ? CD  ? A ARG 148 CD  
22 1 Y 1 A ARG 241 ? NE  ? A ARG 148 NE  
23 1 Y 1 A ARG 241 ? CZ  ? A ARG 148 CZ  
24 1 Y 1 A ARG 241 ? NH1 ? A ARG 148 NH1 
25 1 Y 1 A ARG 241 ? NH2 ? A ARG 148 NH2 
# 
loop_
_software.pdbx_ordinal 
_software.name 
_software.version 
_software.date 
_software.type 
_software.contact_author 
_software.contact_author_email 
_software.classification 
_software.location 
_software.language 
_software.citation_id 
1 REFMAC      5.8.0158 ?               program 'Garib N. Murshudov' garib@ysbl.york.ac.uk    refinement        
http://www.ccp4.ac.uk/dist/html/refmac5.html        Fortran_77 ? 
2 Aimless     0.5.32   29/03/17        program 'Phil Evans'         ?                        'data scaling'    
http://www.mrc-lmb.cam.ac.uk/harry/pre/aimless.html ?          ? 
3 PDB_EXTRACT 3.23     'SEP. 23, 2016' package PDB                  deposit@deposit.rcsb.org 'data extraction' 
http://sw-tools.pdb.org/apps/PDB_EXTRACT/           C++        ? 
4 XDS         .        ?               program ?                    ?                        'data reduction'  ? ?          ? 
5 REFMAC      .        ?               program ?                    ?                        phasing           ? ?          ? 
# 
_cell.entry_id           5QP0 
_cell.length_a           48.540 
_cell.length_b           60.510 
_cell.length_c           65.740 
_cell.angle_alpha        90.000 
_cell.angle_beta         90.000 
_cell.angle_gamma        90.000 
_cell.Z_PDB              4 
_cell.pdbx_unique_axis   ? 
# 
_symmetry.entry_id                         5QP0 
_symmetry.Int_Tables_number                19 
_symmetry.space_group_name_H-M             'P 21 21 21' 
_symmetry.pdbx_full_space_group_name_H-M   ? 
_symmetry.cell_setting                     ? 
# 
_exptl.crystals_number   1 
_exptl.entry_id          5QP0 
_exptl.method            'X-RAY DIFFRACTION' 
# 
_exptl_crystal.id                    1 
_exptl_crystal.pdbx_mosaicity        0.000 
_exptl_crystal.pdbx_mosaicity_esd    ? 
_exptl_crystal.density_Matthews      2.53 
_exptl_crystal.density_diffrn        ? 
_exptl_crystal.density_meas          ? 
_exptl_crystal.density_meas_temp     ? 
_exptl_crystal.density_percent_sol   51.40 
_exptl_crystal.size_max              ? 
_exptl_crystal.size_mid              ? 
_exptl_crystal.size_min              ? 
_exptl_crystal.size_rad              ? 
_exptl_crystal.description           ? 
# 
_exptl_crystal_grow.crystal_id      1 
_exptl_crystal_grow.method          'VAPOR DIFFUSION, SITTING DROP' 
_exptl_crystal_grow.pH              4.5 
_exptl_crystal_grow.temp            277 
_exptl_crystal_grow.pdbx_details    '0.1 M acetate, pH 4.5, 5-25% PEG3350' 
_exptl_crystal_grow.temp_details    ? 
_exptl_crystal_grow.pdbx_pH_range   ? 
# 
_diffrn.id                     1 
_diffrn.ambient_temp           ? 
_diffrn.crystal_id             1 
_diffrn.ambient_temp_details   ? 
# 
_diffrn_detector.detector               PIXEL 
_diffrn_detector.type                   'DECTRIS PILATUS 2M' 
_diffrn_detector.pdbx_collection_date   2017-07-27 
_diffrn_detector.diffrn_id              1 
_diffrn_detector.details                ? 
# 
_diffrn_radiation.diffrn_id                        1 
_diffrn_radiation.wavelength_id                    1 
_diffrn_radiation.pdbx_diffrn_protocol             'SINGLE WAVELENGTH' 
_diffrn_radiation.pdbx_monochromatic_or_laue_m_l   ? 
_diffrn_radiation.monochromator                    ? 
_diffrn_radiation.pdbx_scattering_type             x-ray 
# 
_diffrn_radiation_wavelength.id           1 
_diffrn_radiation_wavelength.wavelength   0.91587 
_diffrn_radiation_wavelength.wt           1.0 
# 
_diffrn_source.diffrn_id                   1 
_diffrn_source.source                      SYNCHROTRON 
_diffrn_source.type                        'DIAMOND BEAMLINE I04-1' 
_diffrn_source.pdbx_wavelength_list        0.91587 
_diffrn_source.pdbx_synchrotron_site       Diamond 
_diffrn_source.pdbx_synchrotron_beamline   I04-1 
_diffrn_source.pdbx_wavelength             ? 
# 
_reflns.entry_id                     5QP0 
_reflns.pdbx_diffrn_id               1 
_reflns.pdbx_ordinal                 1 
_reflns.observed_criterion_sigma_I   ? 
_reflns.observed_criterion_sigma_F   ? 
_reflns.d_resolution_low             37.860 
_reflns.d_resolution_high            2.000 
_reflns.number_obs                   13553 
_reflns.number_all                   ? 
_reflns.percent_possible_obs         99.500 
_reflns.pdbx_Rmerge_I_obs            0.082 
_reflns.pdbx_Rsym_value              ? 
_reflns.pdbx_netI_over_sigmaI        15.500 
_reflns.B_iso_Wilson_estimate        ? 
_reflns.pdbx_redundancy              6.400 
_reflns.pdbx_Rrim_I_all              0.089 
_reflns.pdbx_Rpim_I_all              0.035 
_reflns.pdbx_CC_half                 0.999 
_reflns.pdbx_netI_over_av_sigmaI     ? 
_reflns.pdbx_number_measured_all     86613 
_reflns.pdbx_scaling_rejects         0 
_reflns.pdbx_chi_squared             ? 
_reflns.Rmerge_F_all                 ? 
_reflns.Rmerge_F_obs                 ? 
_reflns.observed_criterion_F_max     ? 
_reflns.observed_criterion_F_min     ? 
_reflns.observed_criterion_I_max     ? 
_reflns.observed_criterion_I_min     ? 
_reflns.pdbx_d_res_high_opt          ? 
_reflns.pdbx_d_res_low_opt           ? 
_reflns.details                      ? 
# 
loop_
_reflns_shell.pdbx_diffrn_id 
_reflns_shell.pdbx_ordinal 
_reflns_shell.d_res_high 
_reflns_shell.d_res_low 
_reflns_shell.number_measured_obs 
_reflns_shell.number_measured_all 
_reflns_shell.number_unique_obs 
_reflns_shell.pdbx_rejects 
_reflns_shell.Rmerge_I_obs 
_reflns_shell.meanI_over_sigI_obs 
_reflns_shell.pdbx_Rsym_value 
_reflns_shell.pdbx_chi_squared 
_reflns_shell.pdbx_redundancy 
_reflns_shell.percent_possible_obs 
_reflns_shell.pdbx_netI_over_sigmaI_obs 
_reflns_shell.number_possible 
_reflns_shell.number_unique_all 
_reflns_shell.Rmerge_F_all 
_reflns_shell.Rmerge_F_obs 
_reflns_shell.Rmerge_I_all 
_reflns_shell.meanI_over_sigI_all 
_reflns_shell.percent_possible_all 
_reflns_shell.pdbx_Rrim_I_all 
_reflns_shell.pdbx_Rpim_I_all 
_reflns_shell.pdbx_CC_half 
1 1 2.000 2.050  ? 6417 ? ? 1.423 ? ? ? 6.600 ? 1.600  ? 970 ? ? ? ? 99.400 1.544 0.595 0.639 
1 2 8.940 37.860 ? 1005 ? ? 0.020 ? ? ? 5.300 ? 57.200 ? 188 ? ? ? ? 97.300 0.022 0.010 1.000 
# 
_refine.entry_id                                 5QP0 
_refine.pdbx_refine_id                           'X-RAY DIFFRACTION' 
_refine.ls_d_res_high                            2.0000 
_refine.ls_d_res_low                             44.5600 
_refine.pdbx_ls_sigma_F                          0.000 
_refine.pdbx_data_cutoff_high_absF               ? 
_refine.pdbx_data_cutoff_low_absF                ? 
_refine.ls_percent_reflns_obs                    99.3300 
_refine.ls_number_reflns_obs                     12885 
_refine.ls_number_reflns_all                     ? 
_refine.pdbx_ls_cross_valid_method               THROUGHOUT 
_refine.ls_matrix_type                           ? 
_refine.pdbx_R_Free_selection_details            RANDOM 
_refine.details                                  
'HYDROGENS HAVE BEEN ADDED IN THE RIDING POSITIONS U VALUES : REFINED INDIVIDUALLY' 
_refine.ls_R_factor_all                          ? 
_refine.ls_R_factor_obs                          0.2034 
_refine.ls_R_factor_R_work                       0.2012 
_refine.ls_wR_factor_R_work                      ? 
_refine.ls_R_factor_R_free                       0.2509 
_refine.ls_wR_factor_R_free                      ? 
_refine.ls_percent_reflns_R_free                 4.7000 
_refine.ls_number_reflns_R_free                  630 
_refine.ls_number_reflns_R_work                  ? 
_refine.ls_R_factor_R_free_error                 ? 
_refine.B_iso_mean                               48.1600 
_refine.solvent_model_param_bsol                 ? 
_refine.solvent_model_param_ksol                 ? 
_refine.pdbx_isotropic_thermal_model             ? 
_refine.aniso_B[1][1]                            4.2100 
_refine.aniso_B[2][2]                            -2.8000 
_refine.aniso_B[3][3]                            -1.4100 
_refine.aniso_B[1][2]                            0.0000 
_refine.aniso_B[1][3]                            -0.0000 
_refine.aniso_B[2][3]                            0.0000 
_refine.correlation_coeff_Fo_to_Fc               0.9600 
_refine.correlation_coeff_Fo_to_Fc_free          0.9250 
_refine.overall_SU_R_Cruickshank_DPI             ? 
_refine.pdbx_overall_SU_R_free_Cruickshank_DPI   ? 
_refine.pdbx_overall_SU_R_Blow_DPI               ? 
_refine.pdbx_overall_SU_R_free_Blow_DPI          ? 
_refine.overall_SU_R_free                        ? 
_refine.pdbx_overall_ESU_R                       0.2140 
_refine.pdbx_overall_ESU_R_Free                  0.1850 
_refine.overall_SU_ML                            0.1750 
_refine.overall_SU_B                             6.7970 
_refine.solvent_model_details                    MASK 
_refine.pdbx_solvent_vdw_probe_radii             1.2000 
_refine.pdbx_solvent_ion_probe_radii             0.8000 
_refine.pdbx_solvent_shrinkage_radii             0.8000 
_refine.ls_number_parameters                     ? 
_refine.ls_number_restraints                     ? 
_refine.pdbx_starting_model                      'PDB entry 5MP0' 
_refine.pdbx_method_to_determine_struct          'FOURIER SYNTHESIS' 
_refine.pdbx_stereochemistry_target_values       'MAXIMUM LIKELIHOOD' 
_refine.pdbx_stereochem_target_val_spec_case     ? 
_refine.overall_FOM_work_R_set                   ? 
_refine.B_iso_max                                129.410 
_refine.B_iso_min                                26.240 
_refine.pdbx_overall_phase_error                 ? 
_refine.occupancy_max                            ? 
_refine.occupancy_min                            ? 
_refine.pdbx_diffrn_id                           1 
_refine.pdbx_TLS_residual_ADP_flag               ? 
_refine.pdbx_ls_sigma_I                          ? 
_refine.pdbx_data_cutoff_high_rms_absF           ? 
_refine.ls_R_factor_R_free_error_details         ? 
# 
_refine_hist.cycle_id                         final 
_refine_hist.pdbx_refine_id                   'X-RAY DIFFRACTION' 
_refine_hist.d_res_high                       2.0000 
_refine_hist.d_res_low                        44.5600 
_refine_hist.pdbx_number_atoms_ligand         39 
_refine_hist.number_atoms_solvent             79 
_refine_hist.number_atoms_total               1313 
_refine_hist.pdbx_number_residues_total       149 
_refine_hist.pdbx_B_iso_mean_ligand           62.73 
_refine_hist.pdbx_B_iso_mean_solvent          49.34 
_refine_hist.pdbx_number_atoms_protein        1195 
_refine_hist.pdbx_number_atoms_nucleic_acid   0 
# 
loop_
_refine_ls_restr.pdbx_refine_id 
_refine_ls_restr.type 
_refine_ls_restr.number 
_refine_ls_restr.dev_ideal 
_refine_ls_restr.dev_ideal_target 
_refine_ls_restr.weight 
_refine_ls_restr.pdbx_restraint_function 
'X-RAY DIFFRACTION' r_bond_refined_d       1885 0.014  0.019  ? ? 
'X-RAY DIFFRACTION' r_bond_other_d         1547 0.003  0.020  ? ? 
'X-RAY DIFFRACTION' r_angle_refined_deg    2206 1.743  1.962  ? ? 
'X-RAY DIFFRACTION' r_angle_other_deg      3574 1.043  2.973  ? ? 
'X-RAY DIFFRACTION' r_dihedral_angle_1_deg 202  6.137  5.000  ? ? 
'X-RAY DIFFRACTION' r_dihedral_angle_2_deg 78   29.463 21.026 ? ? 
'X-RAY DIFFRACTION' r_dihedral_angle_3_deg 289  17.420 15.000 ? ? 
'X-RAY DIFFRACTION' r_dihedral_angle_4_deg 22   17.056 15.000 ? ? 
'X-RAY DIFFRACTION' r_chiral_restr         214  0.104  0.200  ? ? 
'X-RAY DIFFRACTION' r_gen_planes_refined   1881 0.008  0.021  ? ? 
'X-RAY DIFFRACTION' r_gen_planes_other     395  0.002  0.020  ? ? 
'X-RAY DIFFRACTION' r_mcbond_it            855  3.969  4.647  ? ? 
'X-RAY DIFFRACTION' r_mcbond_other         839  3.887  4.610  ? ? 
'X-RAY DIFFRACTION' r_mcangle_it           970  6.281  6.825  ? ? 
# 
_refine_ls_shell.d_res_high                       2.0000 
_refine_ls_shell.d_res_low                        2.0520 
_refine_ls_shell.pdbx_total_number_of_bins_used   20 
_refine_ls_shell.percent_reflns_obs               99.0800 
_refine_ls_shell.number_reflns_R_work             914 
_refine_ls_shell.R_factor_all                     ? 
_refine_ls_shell.R_factor_R_work                  0.3310 
_refine_ls_shell.R_factor_R_free                  0.2770 
_refine_ls_shell.percent_reflns_R_free            ? 
_refine_ls_shell.number_reflns_R_free             52 
_refine_ls_shell.R_factor_R_free_error            ? 
_refine_ls_shell.number_reflns_all                966 
_refine_ls_shell.number_reflns_obs                ? 
_refine_ls_shell.pdbx_refine_id                   'X-RAY DIFFRACTION' 
# 
_struct.entry_id                  5QP0 
_struct.title                     
'PanDDA analysis group deposition -- Crystal Structure of DCP2 (NUDT20) in complex with Z454376544' 
_struct.pdbx_model_details        ? 
_struct.pdbx_CASP_flag            ? 
_struct.pdbx_model_type_details   ? 
# 
_struct_keywords.entry_id        5QP0 
_struct_keywords.text            'SGC - Diamond I04-1 fragment screening, PanDDA, XChemExplorer, HYDROLASE' 
_struct_keywords.pdbx_keywords   HYDROLASE 
# 
loop_
_struct_asym.id 
_struct_asym.pdbx_blank_PDB_chainid_flag 
_struct_asym.pdbx_modified 
_struct_asym.entity_id 
_struct_asym.details 
A N N 1 ? 
B N N 2 ? 
C N N 2 ? 
D N N 3 ? 
E N N 4 ? 
F N N 4 ? 
G N N 5 ? 
H N N 6 ? 
# 
_struct_ref.id                         1 
_struct_ref.db_name                    UNP 
_struct_ref.db_code                    DCP2_HUMAN 
_struct_ref.pdbx_db_accession          Q8IU60 
_struct_ref.pdbx_db_isoform            ? 
_struct_ref.entity_id                  1 
_struct_ref.pdbx_seq_one_letter_code   
;MGVPTYGAIILDETLENVLLVQGYLAKSGWGFPKGKVNKEEAPHDCAAREVFEETGFDIKDYICKDDYIELRINDQLARL
YIIPGIPKDTKFNPKTRREIRNIEWFSIEKLPCHRNDMTPKSKLGLAPNKFFMAIPFIRPLRDWLSRRFGDSSDSDNGFS
STGSTP
;
_struct_ref.pdbx_align_begin           95 
# 
_struct_ref_seq.align_id                      1 
_struct_ref_seq.ref_id                        1 
_struct_ref_seq.pdbx_PDB_id_code              5QP0 
_struct_ref_seq.pdbx_strand_id                A 
_struct_ref_seq.seq_align_beg                 2 
_struct_ref_seq.pdbx_seq_align_beg_ins_code   ? 
_struct_ref_seq.seq_align_end                 167 
_struct_ref_seq.pdbx_seq_align_end_ins_code   ? 
_struct_ref_seq.pdbx_db_accession             Q8IU60 
_struct_ref_seq.db_align_beg                  95 
_struct_ref_seq.pdbx_db_align_beg_ins_code    ? 
_struct_ref_seq.db_align_end                  260 
_struct_ref_seq.pdbx_db_align_end_ins_code    ? 
_struct_ref_seq.pdbx_auth_seq_align_beg       95 
_struct_ref_seq.pdbx_auth_seq_align_end       260 
# 
_struct_ref_seq_dif.align_id                     1 
_struct_ref_seq_dif.pdbx_pdb_id_code             5QP0 
_struct_ref_seq_dif.mon_id                       SER 
_struct_ref_seq_dif.pdbx_pdb_strand_id           A 
_struct_ref_seq_dif.seq_num                      1 
_struct_ref_seq_dif.pdbx_pdb_ins_code            ? 
_struct_ref_seq_dif.pdbx_seq_db_name             UNP 
_struct_ref_seq_dif.pdbx_seq_db_accession_code   Q8IU60 
_struct_ref_seq_dif.db_mon_id                    ? 
_struct_ref_seq_dif.pdbx_seq_db_seq_num          ? 
_struct_ref_seq_dif.details                      'expression tag' 
_struct_ref_seq_dif.pdbx_auth_seq_num            94 
_struct_ref_seq_dif.pdbx_ordinal                 1 
# 
_pdbx_struct_assembly.id                   1 
_pdbx_struct_assembly.details              author_and_software_defined_assembly 
_pdbx_struct_assembly.method_details       PISA 
_pdbx_struct_assembly.oligomeric_details   monomeric 
_pdbx_struct_assembly.oligomeric_count     1 
# 
loop_
_pdbx_struct_assembly_prop.biol_id 
_pdbx_struct_assembly_prop.type 
_pdbx_struct_assembly_prop.value 
_pdbx_struct_assembly_prop.details 
1 'ABSA (A^2)' 870  ? 
1 MORE         5    ? 
1 'SSA (A^2)'  8600 ? 
# 
_pdbx_struct_assembly_gen.assembly_id       1 
_pdbx_struct_assembly_gen.oper_expression   1 
_pdbx_struct_assembly_gen.asym_id_list      A,B,C,D,E,F,G,H 
# 
_pdbx_struct_oper_list.id                   1 
_pdbx_struct_oper_list.type                 'identity operation' 
_pdbx_struct_oper_list.name                 1_555 
_pdbx_struct_oper_list.symmetry_operation   x,y,z 
_pdbx_struct_oper_list.matrix[1][1]         1.0000000000 
_pdbx_struct_oper_list.matrix[1][2]         0.0000000000 
_pdbx_struct_oper_list.matrix[1][3]         0.0000000000 
_pdbx_struct_oper_list.vector[1]            0.0000000000 
_pdbx_struct_oper_list.matrix[2][1]         0.0000000000 
_pdbx_struct_oper_list.matrix[2][2]         1.0000000000 
_pdbx_struct_oper_list.matrix[2][3]         0.0000000000 
_pdbx_struct_oper_list.vector[2]            0.0000000000 
_pdbx_struct_oper_list.matrix[3][1]         0.0000000000 
_pdbx_struct_oper_list.matrix[3][2]         0.0000000000 
_pdbx_struct_oper_list.matrix[3][3]         1.0000000000 
_pdbx_struct_oper_list.vector[3]            0.0000000000 
# 
loop_
_struct_conf.conf_type_id 
_struct_conf.id 
_struct_conf.pdbx_PDB_helix_id 
_struct_conf.beg_label_comp_id 
_struct_conf.beg_label_asym_id 
_struct_conf.beg_label_seq_id 
_struct_conf.pdbx_beg_PDB_ins_code 
_struct_conf.end_label_comp_id 
_struct_conf.end_label_asym_id 
_struct_conf.end_label_seq_id 
_struct_conf.pdbx_end_PDB_ins_code 
_struct_conf.beg_auth_comp_id 
_struct_conf.beg_auth_asym_id 
_struct_conf.beg_auth_seq_id 
_struct_conf.end_auth_comp_id 
_struct_conf.end_auth_asym_id 
_struct_conf.end_auth_seq_id 
_struct_conf.pdbx_PDB_helix_class 
_struct_conf.details 
_struct_conf.pdbx_PDB_helix_length 
HELX_P HELX_P1 AA1 LEU A 26  ? SER A 29  ? LEU A 119 SER A 122 5 ? 4  
HELX_P HELX_P2 AA2 ALA A 43  ? GLY A 57  ? ALA A 136 GLY A 150 1 ? 15 
HELX_P HELX_P3 AA3 GLU A 110 ? LEU A 112 ? GLU A 203 LEU A 205 5 ? 3  
HELX_P HELX_P4 AA4 THR A 120 ? SER A 123 ? THR A 213 SER A 216 5 ? 4  
HELX_P HELX_P5 AA5 ALA A 135 ? PHE A 150 ? ALA A 228 PHE A 243 1 ? 16 
# 
_struct_conf_type.id          HELX_P 
_struct_conf_type.criteria    ? 
_struct_conf_type.reference   ? 
# 
loop_
_struct_sheet.id 
_struct_sheet.type 
_struct_sheet.number_strands 
_struct_sheet.details 
AA1 ? 4 ? 
AA2 ? 3 ? 
AA3 ? 2 ? 
# 
loop_
_struct_sheet_order.sheet_id 
_struct_sheet_order.range_id_1 
_struct_sheet_order.range_id_2 
_struct_sheet_order.offset 
_struct_sheet_order.sense 
AA1 1 2 ? anti-parallel 
AA1 2 3 ? parallel      
AA1 3 4 ? anti-parallel 
AA2 1 2 ? anti-parallel 
AA2 2 3 ? anti-parallel 
AA3 1 2 ? anti-parallel 
# 
loop_
_struct_sheet_range.sheet_id 
_struct_sheet_range.id 
_struct_sheet_range.beg_label_comp_id 
_struct_sheet_range.beg_label_asym_id 
_struct_sheet_range.beg_label_seq_id 
_struct_sheet_range.pdbx_beg_PDB_ins_code 
_struct_sheet_range.end_label_comp_id 
_struct_sheet_range.end_label_asym_id 
_struct_sheet_range.end_label_seq_id 
_struct_sheet_range.pdbx_end_PDB_ins_code 
_struct_sheet_range.beg_auth_comp_id 
_struct_sheet_range.beg_auth_asym_id 
_struct_sheet_range.beg_auth_seq_id 
_struct_sheet_range.end_auth_comp_id 
_struct_sheet_range.end_auth_asym_id 
_struct_sheet_range.end_auth_seq_id 
AA1 1 LYS A 35  ? LYS A 37  ? LYS A 128 LYS A 130 
AA1 2 THR A 6   ? ILE A 11  ? THR A 99  ILE A 104 
AA1 3 GLN A 77  ? ILE A 84  ? GLN A 170 ILE A 177 
AA1 4 TYR A 69  ? ILE A 74  ? TYR A 162 ILE A 167 
AA2 1 TRP A 31  ? GLY A 32  ? TRP A 124 GLY A 125 
AA2 2 ASN A 18  ? GLY A 24  ? ASN A 111 GLY A 117 
AA2 3 ILE A 101 ? SER A 108 ? ILE A 194 SER A 201 
AA3 1 ASP A 118 ? MET A 119 ? ASP A 211 MET A 212 
AA3 2 LYS A 124 ? LEU A 127 ? LYS A 217 LEU A 220 
# 
loop_
_pdbx_struct_sheet_hbond.sheet_id 
_pdbx_struct_sheet_hbond.range_id_1 
_pdbx_struct_sheet_hbond.range_id_2 
_pdbx_struct_sheet_hbond.range_1_label_atom_id 
_pdbx_struct_sheet_hbond.range_1_label_comp_id 
_pdbx_struct_sheet_hbond.range_1_label_asym_id 
_pdbx_struct_sheet_hbond.range_1_label_seq_id 
_pdbx_struct_sheet_hbond.range_1_PDB_ins_code 
_pdbx_struct_sheet_hbond.range_1_auth_atom_id 
_pdbx_struct_sheet_hbond.range_1_auth_comp_id 
_pdbx_struct_sheet_hbond.range_1_auth_asym_id 
_pdbx_struct_sheet_hbond.range_1_auth_seq_id 
_pdbx_struct_sheet_hbond.range_2_label_atom_id 
_pdbx_struct_sheet_hbond.range_2_label_comp_id 
_pdbx_struct_sheet_hbond.range_2_label_asym_id 
_pdbx_struct_sheet_hbond.range_2_label_seq_id 
_pdbx_struct_sheet_hbond.range_2_PDB_ins_code 
_pdbx_struct_sheet_hbond.range_2_auth_atom_id 
_pdbx_struct_sheet_hbond.range_2_auth_comp_id 
_pdbx_struct_sheet_hbond.range_2_auth_asym_id 
_pdbx_struct_sheet_hbond.range_2_auth_seq_id 
AA1 1 2 O GLY A 36  ? O GLY A 129 N TYR A 7   ? N TYR A 100 
AA1 2 3 N ILE A 10  ? N ILE A 103 O ILE A 84  ? O ILE A 177 
AA1 3 4 O LEU A 81  ? O LEU A 174 N ILE A 70  ? N ILE A 163 
AA2 1 2 O GLY A 32  ? O GLY A 125 N VAL A 22  ? N VAL A 115 
AA2 2 3 N VAL A 19  ? N VAL A 112 O PHE A 107 ? O PHE A 200 
AA3 1 2 O MET A 119 ? O MET A 212 N LYS A 124 ? N LYS A 217 
# 
loop_
_struct_site.id 
_struct_site.pdbx_evidence_code 
_struct_site.pdbx_auth_asym_id 
_struct_site.pdbx_auth_comp_id 
_struct_site.pdbx_auth_seq_id 
_struct_site.pdbx_auth_ins_code 
_struct_site.pdbx_num_residues 
_struct_site.details 
AC1 Software A EDO 301 ? 5  'binding site for residue EDO A 301' 
AC2 Software A EDO 302 ? 3  'binding site for residue EDO A 302' 
AC3 Software A DMS 303 ? 1  'binding site for residue DMS A 303' 
AC4 Software A ACT 304 ? 3  'binding site for residue ACT A 304' 
AC5 Software A ACT 305 ? 4  'binding site for residue ACT A 305' 
AC6 Software A LF4 306 ? 11 'binding site for residue LF4 A 306' 
# 
loop_
_struct_site_gen.id 
_struct_site_gen.site_id 
_struct_site_gen.pdbx_num_res 
_struct_site_gen.label_comp_id 
_struct_site_gen.label_asym_id 
_struct_site_gen.label_seq_id 
_struct_site_gen.pdbx_auth_ins_code 
_struct_site_gen.auth_comp_id 
_struct_site_gen.auth_asym_id 
_struct_site_gen.auth_seq_id 
_struct_site_gen.label_atom_id 
_struct_site_gen.label_alt_id 
_struct_site_gen.symmetry 
_struct_site_gen.details 
1  AC1 5  ALA A 49  ? ALA A 142 . ? 1_555 ? 
2  AC1 5  PHE A 53  ? PHE A 146 . ? 1_555 ? 
3  AC1 5  ASP A 59  ? ASP A 152 . ? 1_555 ? 
4  AC1 5  LYS A 61  ? LYS A 154 . ? 1_555 ? 
5  AC1 5  HOH H .   ? HOH A 443 . ? 1_555 ? 
6  AC2 3  ASN A 130 ? ASN A 223 . ? 1_555 ? 
7  AC2 3  LYS A 131 ? LYS A 224 . ? 1_555 ? 
8  AC2 3  ACT F .   ? ACT A 305 . ? 1_555 ? 
9  AC3 1  TRP A 106 ? TRP A 199 . ? 1_555 ? 
10 AC4 3  SER A 29  ? SER A 122 . ? 1_555 ? 
11 AC4 3  TYR A 63  ? TYR A 156 . ? 3_357 ? 
12 AC4 3  HOH H .   ? HOH A 442 . ? 1_555 ? 
13 AC5 4  ARG A 116 ? ARG A 209 . ? 1_555 ? 
14 AC5 4  PRO A 129 ? PRO A 222 . ? 1_555 ? 
15 AC5 4  ASN A 130 ? ASN A 223 . ? 1_555 ? 
16 AC5 4  EDO C .   ? EDO A 302 . ? 1_555 ? 
17 AC6 11 VAL A 22  ? VAL A 115 . ? 1_555 ? 
18 AC6 11 GLY A 24  ? GLY A 117 . ? 1_555 ? 
19 AC6 11 ALA A 27  ? ALA A 120 . ? 1_555 ? 
20 AC6 11 LYS A 28  ? LYS A 121 . ? 1_555 ? 
21 AC6 11 SER A 29  ? SER A 122 . ? 1_555 ? 
22 AC6 11 GLY A 30  ? GLY A 123 . ? 1_555 ? 
23 AC6 11 GLY A 32  ? GLY A 125 . ? 1_555 ? 
24 AC6 11 GLU A 55  ? GLU A 148 . ? 1_555 ? 
25 AC6 11 ILE A 101 ? ILE A 194 . ? 1_555 ? 
26 AC6 11 PHE A 133 ? PHE A 226 . ? 1_555 ? 
27 AC6 11 MET A 134 ? MET A 227 . ? 1_555 ? 
# 
_pdbx_validate_close_contact.id               1 
_pdbx_validate_close_contact.PDB_model_num    1 
_pdbx_validate_close_contact.auth_atom_id_1   O 
_pdbx_validate_close_contact.auth_asym_id_1   A 
_pdbx_validate_close_contact.auth_comp_id_1   ARG 
_pdbx_validate_close_contact.auth_seq_id_1    236 
_pdbx_validate_close_contact.PDB_ins_code_1   ? 
_pdbx_validate_close_contact.label_alt_id_1   ? 
_pdbx_validate_close_contact.auth_atom_id_2   O 
_pdbx_validate_close_contact.auth_asym_id_2   A 
_pdbx_validate_close_contact.auth_comp_id_2   HOH 
_pdbx_validate_close_contact.auth_seq_id_2    401 
_pdbx_validate_close_contact.PDB_ins_code_2   ? 
_pdbx_validate_close_contact.label_alt_id_2   ? 
_pdbx_validate_close_contact.dist             2.16 
# 
loop_
_pdbx_validate_torsion.id 
_pdbx_validate_torsion.PDB_model_num 
_pdbx_validate_torsion.auth_comp_id 
_pdbx_validate_torsion.auth_asym_id 
_pdbx_validate_torsion.auth_seq_id 
_pdbx_validate_torsion.PDB_ins_code 
_pdbx_validate_torsion.label_alt_id 
_pdbx_validate_torsion.phi 
_pdbx_validate_torsion.psi 
1 1 LEU A 119 ? ? 59.77   -117.28 
2 1 LYS A 121 ? ? -95.46  37.35   
3 1 ASP A 169 ? ? 58.39   14.88   
4 1 PRO A 214 ? ? -68.78  6.81    
5 1 PHE A 243 ? ? -124.23 -67.10  
# 
_phasing.method   MR 
# 
loop_
_pdbx_unobs_or_zero_occ_residues.id 
_pdbx_unobs_or_zero_occ_residues.PDB_model_num 
_pdbx_unobs_or_zero_occ_residues.polymer_flag 
_pdbx_unobs_or_zero_occ_residues.occupancy_flag 
_pdbx_unobs_or_zero_occ_residues.auth_asym_id 
_pdbx_unobs_or_zero_occ_residues.auth_comp_id 
_pdbx_unobs_or_zero_occ_residues.auth_seq_id 
_pdbx_unobs_or_zero_occ_residues.PDB_ins_code 
_pdbx_unobs_or_zero_occ_residues.label_asym_id 
_pdbx_unobs_or_zero_occ_residues.label_comp_id 
_pdbx_unobs_or_zero_occ_residues.label_seq_id 
1  1 Y 1 A SER 94  ? A SER 1   
2  1 Y 1 A MET 95  ? A MET 2   
3  1 Y 1 A ASP 245 ? A ASP 152 
4  1 Y 1 A SER 246 ? A SER 153 
5  1 Y 1 A SER 247 ? A SER 154 
6  1 Y 1 A ASP 248 ? A ASP 155 
7  1 Y 1 A SER 249 ? A SER 156 
8  1 Y 1 A ASP 250 ? A ASP 157 
9  1 Y 1 A ASN 251 ? A ASN 158 
10 1 Y 1 A GLY 252 ? A GLY 159 
11 1 Y 1 A PHE 253 ? A PHE 160 
12 1 Y 1 A SER 254 ? A SER 161 
13 1 Y 1 A SER 255 ? A SER 162 
14 1 Y 1 A THR 256 ? A THR 163 
15 1 Y 1 A GLY 257 ? A GLY 164 
16 1 Y 1 A SER 258 ? A SER 165 
17 1 Y 1 A THR 259 ? A THR 166 
18 1 Y 1 A PRO 260 ? A PRO 167 
# 
loop_
_chem_comp_atom.comp_id 
_chem_comp_atom.atom_id 
_chem_comp_atom.type_symbol 
_chem_comp_atom.pdbx_aromatic_flag 
_chem_comp_atom.pdbx_stereo_config 
_chem_comp_atom.pdbx_ordinal 
ACT C    C N N 1   
ACT O    O N N 2   
ACT OXT  O N N 3   
ACT CH3  C N N 4   
ACT H1   H N N 5   
ACT H2   H N N 6   
ACT H3   H N N 7   
ALA N    N N N 8   
ALA CA   C N S 9   
ALA C    C N N 10  
ALA O    O N N 11  
ALA CB   C N N 12  
ALA OXT  O N N 13  
ALA H    H N N 14  
ALA H2   H N N 15  
ALA HA   H N N 16  
ALA HB1  H N N 17  
ALA HB2  H N N 18  
ALA HB3  H N N 19  
ALA HXT  H N N 20  
ARG N    N N N 21  
ARG CA   C N S 22  
ARG C    C N N 23  
ARG O    O N N 24  
ARG CB   C N N 25  
ARG CG   C N N 26  
ARG CD   C N N 27  
ARG NE   N N N 28  
ARG CZ   C N N 29  
ARG NH1  N N N 30  
ARG NH2  N N N 31  
ARG OXT  O N N 32  
ARG H    H N N 33  
ARG H2   H N N 34  
ARG HA   H N N 35  
ARG HB2  H N N 36  
ARG HB3  H N N 37  
ARG HG2  H N N 38  
ARG HG3  H N N 39  
ARG HD2  H N N 40  
ARG HD3  H N N 41  
ARG HE   H N N 42  
ARG HH11 H N N 43  
ARG HH12 H N N 44  
ARG HH21 H N N 45  
ARG HH22 H N N 46  
ARG HXT  H N N 47  
ASN N    N N N 48  
ASN CA   C N S 49  
ASN C    C N N 50  
ASN O    O N N 51  
ASN CB   C N N 52  
ASN CG   C N N 53  
ASN OD1  O N N 54  
ASN ND2  N N N 55  
ASN OXT  O N N 56  
ASN H    H N N 57  
ASN H2   H N N 58  
ASN HA   H N N 59  
ASN HB2  H N N 60  
ASN HB3  H N N 61  
ASN HD21 H N N 62  
ASN HD22 H N N 63  
ASN HXT  H N N 64  
ASP N    N N N 65  
ASP CA   C N S 66  
ASP C    C N N 67  
ASP O    O N N 68  
ASP CB   C N N 69  
ASP CG   C N N 70  
ASP OD1  O N N 71  
ASP OD2  O N N 72  
ASP OXT  O N N 73  
ASP H    H N N 74  
ASP H2   H N N 75  
ASP HA   H N N 76  
ASP HB2  H N N 77  
ASP HB3  H N N 78  
ASP HD2  H N N 79  
ASP HXT  H N N 80  
CYS N    N N N 81  
CYS CA   C N R 82  
CYS C    C N N 83  
CYS O    O N N 84  
CYS CB   C N N 85  
CYS SG   S N N 86  
CYS OXT  O N N 87  
CYS H    H N N 88  
CYS H2   H N N 89  
CYS HA   H N N 90  
CYS HB2  H N N 91  
CYS HB3  H N N 92  
CYS HG   H N N 93  
CYS HXT  H N N 94  
DMS S    S N N 95  
DMS O    O N N 96  
DMS C1   C N N 97  
DMS C2   C N N 98  
DMS H11  H N N 99  
DMS H12  H N N 100 
DMS H13  H N N 101 
DMS H21  H N N 102 
DMS H22  H N N 103 
DMS H23  H N N 104 
EDO C1   C N N 105 
EDO O1   O N N 106 
EDO C2   C N N 107 
EDO O2   O N N 108 
EDO H11  H N N 109 
EDO H12  H N N 110 
EDO HO1  H N N 111 
EDO H21  H N N 112 
EDO H22  H N N 113 
EDO HO2  H N N 114 
GLN N    N N N 115 
GLN CA   C N S 116 
GLN C    C N N 117 
GLN O    O N N 118 
GLN CB   C N N 119 
GLN CG   C N N 120 
GLN CD   C N N 121 
GLN OE1  O N N 122 
GLN NE2  N N N 123 
GLN OXT  O N N 124 
GLN H    H N N 125 
GLN H2   H N N 126 
GLN HA   H N N 127 
GLN HB2  H N N 128 
GLN HB3  H N N 129 
GLN HG2  H N N 130 
GLN HG3  H N N 131 
GLN HE21 H N N 132 
GLN HE22 H N N 133 
GLN HXT  H N N 134 
GLU N    N N N 135 
GLU CA   C N S 136 
GLU C    C N N 137 
GLU O    O N N 138 
GLU CB   C N N 139 
GLU CG   C N N 140 
GLU CD   C N N 141 
GLU OE1  O N N 142 
GLU OE2  O N N 143 
GLU OXT  O N N 144 
GLU H    H N N 145 
GLU H2   H N N 146 
GLU HA   H N N 147 
GLU HB2  H N N 148 
GLU HB3  H N N 149 
GLU HG2  H N N 150 
GLU HG3  H N N 151 
GLU HE2  H N N 152 
GLU HXT  H N N 153 
GLY N    N N N 154 
GLY CA   C N N 155 
GLY C    C N N 156 
GLY O    O N N 157 
GLY OXT  O N N 158 
GLY H    H N N 159 
GLY H2   H N N 160 
GLY HA2  H N N 161 
GLY HA3  H N N 162 
GLY HXT  H N N 163 
HIS N    N N N 164 
HIS CA   C N S 165 
HIS C    C N N 166 
HIS O    O N N 167 
HIS CB   C N N 168 
HIS CG   C Y N 169 
HIS ND1  N Y N 170 
HIS CD2  C Y N 171 
HIS CE1  C Y N 172 
HIS NE2  N Y N 173 
HIS OXT  O N N 174 
HIS H    H N N 175 
HIS H2   H N N 176 
HIS HA   H N N 177 
HIS HB2  H N N 178 
HIS HB3  H N N 179 
HIS HD1  H N N 180 
HIS HD2  H N N 181 
HIS HE1  H N N 182 
HIS HE2  H N N 183 
HIS HXT  H N N 184 
HOH O    O N N 185 
HOH H1   H N N 186 
HOH H2   H N N 187 
ILE N    N N N 188 
ILE CA   C N S 189 
ILE C    C N N 190 
ILE O    O N N 191 
ILE CB   C N S 192 
ILE CG1  C N N 193 
ILE CG2  C N N 194 
ILE CD1  C N N 195 
ILE OXT  O N N 196 
ILE H    H N N 197 
ILE H2   H N N 198 
ILE HA   H N N 199 
ILE HB   H N N 200 
ILE HG12 H N N 201 
ILE HG13 H N N 202 
ILE HG21 H N N 203 
ILE HG22 H N N 204 
ILE HG23 H N N 205 
ILE HD11 H N N 206 
ILE HD12 H N N 207 
ILE HD13 H N N 208 
ILE HXT  H N N 209 
LEU N    N N N 210 
LEU CA   C N S 211 
LEU C    C N N 212 
LEU O    O N N 213 
LEU CB   C N N 214 
LEU CG   C N N 215 
LEU CD1  C N N 216 
LEU CD2  C N N 217 
LEU OXT  O N N 218 
LEU H    H N N 219 
LEU H2   H N N 220 
LEU HA   H N N 221 
LEU HB2  H N N 222 
LEU HB3  H N N 223 
LEU HG   H N N 224 
LEU HD11 H N N 225 
LEU HD12 H N N 226 
LEU HD13 H N N 227 
LEU HD21 H N N 228 
LEU HD22 H N N 229 
LEU HD23 H N N 230 
LEU HXT  H N N 231 
LF4 N1   N Y N 232 
LF4 N3   N N N 233 
LF4 C4   C Y N 234 
LF4 C5   C Y N 235 
LF4 C6   C Y N 236 
LF4 C7   C N N 237 
LF4 C8   C N N 238 
LF4 C10  C Y N 239 
LF4 C13  C Y N 240 
LF4 C1   C N N 241 
LF4 C11  C Y N 242 
LF4 C12  C Y N 243 
LF4 C14  C Y N 244 
LF4 C2   C N N 245 
LF4 C3   C N N 246 
LF4 C9   C Y N 247 
LF4 F1   F N N 248 
LF4 N2   N Y N 249 
LF4 O1   O N N 250 
LF4 H1   H N N 251 
LF4 H2   H N N 252 
LF4 H3   H N N 253 
LF4 H4   H N N 254 
LF4 H5   H N N 255 
LF4 H6   H N N 256 
LF4 H7   H N N 257 
LF4 H8   H N N 258 
LF4 H9   H N N 259 
LF4 H10  H N N 260 
LF4 H11  H N N 261 
LF4 H12  H N N 262 
LF4 H13  H N N 263 
LF4 H14  H N N 264 
LF4 H15  H N N 265 
LF4 H16  H N N 266 
LYS N    N N N 267 
LYS CA   C N S 268 
LYS C    C N N 269 
LYS O    O N N 270 
LYS CB   C N N 271 
LYS CG   C N N 272 
LYS CD   C N N 273 
LYS CE   C N N 274 
LYS NZ   N N N 275 
LYS OXT  O N N 276 
LYS H    H N N 277 
LYS H2   H N N 278 
LYS HA   H N N 279 
LYS HB2  H N N 280 
LYS HB3  H N N 281 
LYS HG2  H N N 282 
LYS HG3  H N N 283 
LYS HD2  H N N 284 
LYS HD3  H N N 285 
LYS HE2  H N N 286 
LYS HE3  H N N 287 
LYS HZ1  H N N 288 
LYS HZ2  H N N 289 
LYS HZ3  H N N 290 
LYS HXT  H N N 291 
MET N    N N N 292 
MET CA   C N S 293 
MET C    C N N 294 
MET O    O N N 295 
MET CB   C N N 296 
MET CG   C N N 297 
MET SD   S N N 298 
MET CE   C N N 299 
MET OXT  O N N 300 
MET H    H N N 301 
MET H2   H N N 302 
MET HA   H N N 303 
MET HB2  H N N 304 
MET HB3  H N N 305 
MET HG2  H N N 306 
MET HG3  H N N 307 
MET HE1  H N N 308 
MET HE2  H N N 309 
MET HE3  H N N 310 
MET HXT  H N N 311 
PHE N    N N N 312 
PHE CA   C N S 313 
PHE C    C N N 314 
PHE O    O N N 315 
PHE CB   C N N 316 
PHE CG   C Y N 317 
PHE CD1  C Y N 318 
PHE CD2  C Y N 319 
PHE CE1  C Y N 320 
PHE CE2  C Y N 321 
PHE CZ   C Y N 322 
PHE OXT  O N N 323 
PHE H    H N N 324 
PHE H2   H N N 325 
PHE HA   H N N 326 
PHE HB2  H N N 327 
PHE HB3  H N N 328 
PHE HD1  H N N 329 
PHE HD2  H N N 330 
PHE HE1  H N N 331 
PHE HE2  H N N 332 
PHE HZ   H N N 333 
PHE HXT  H N N 334 
PRO N    N N N 335 
PRO CA   C N S 336 
PRO C    C N N 337 
PRO O    O N N 338 
PRO CB   C N N 339 
PRO CG   C N N 340 
PRO CD   C N N 341 
PRO OXT  O N N 342 
PRO H    H N N 343 
PRO HA   H N N 344 
PRO HB2  H N N 345 
PRO HB3  H N N 346 
PRO HG2  H N N 347 
PRO HG3  H N N 348 
PRO HD2  H N N 349 
PRO HD3  H N N 350 
PRO HXT  H N N 351 
SER N    N N N 352 
SER CA   C N S 353 
SER C    C N N 354 
SER O    O N N 355 
SER CB   C N N 356 
SER OG   O N N 357 
SER OXT  O N N 358 
SER H    H N N 359 
SER H2   H N N 360 
SER HA   H N N 361 
SER HB2  H N N 362 
SER HB3  H N N 363 
SER HG   H N N 364 
SER HXT  H N N 365 
THR N    N N N 366 
THR CA   C N S 367 
THR C    C N N 368 
THR O    O N N 369 
THR CB   C N R 370 
THR OG1  O N N 371 
THR CG2  C N N 372 
THR OXT  O N N 373 
THR H    H N N 374 
THR H2   H N N 375 
THR HA   H N N 376 
THR HB   H N N 377 
THR HG1  H N N 378 
THR HG21 H N N 379 
THR HG22 H N N 380 
THR HG23 H N N 381 
THR HXT  H N N 382 
TRP N    N N N 383 
TRP CA   C N S 384 
TRP C    C N N 385 
TRP O    O N N 386 
TRP CB   C N N 387 
TRP CG   C Y N 388 
TRP CD1  C Y N 389 
TRP CD2  C Y N 390 
TRP NE1  N Y N 391 
TRP CE2  C Y N 392 
TRP CE3  C Y N 393 
TRP CZ2  C Y N 394 
TRP CZ3  C Y N 395 
TRP CH2  C Y N 396 
TRP OXT  O N N 397 
TRP H    H N N 398 
TRP H2   H N N 399 
TRP HA   H N N 400 
TRP HB2  H N N 401 
TRP HB3  H N N 402 
TRP HD1  H N N 403 
TRP HE1  H N N 404 
TRP HE3  H N N 405 
TRP HZ2  H N N 406 
TRP HZ3  H N N 407 
TRP HH2  H N N 408 
TRP HXT  H N N 409 
TYR N    N N N 410 
TYR CA   C N S 411 
TYR C    C N N 412 
TYR O    O N N 413 
TYR CB   C N N 414 
TYR CG   C Y N 415 
TYR CD1  C Y N 416 
TYR CD2  C Y N 417 
TYR CE1  C Y N 418 
TYR CE2  C Y N 419 
TYR CZ   C Y N 420 
TYR OH   O N N 421 
TYR OXT  O N N 422 
TYR H    H N N 423 
TYR H2   H N N 424 
TYR HA   H N N 425 
TYR HB2  H N N 426 
TYR HB3  H N N 427 
TYR HD1  H N N 428 
TYR HD2  H N N 429 
TYR HE1  H N N 430 
TYR HE2  H N N 431 
TYR HH   H N N 432 
TYR HXT  H N N 433 
VAL N    N N N 434 
VAL CA   C N S 435 
VAL C    C N N 436 
VAL O    O N N 437 
VAL CB   C N N 438 
VAL CG1  C N N 439 
VAL CG2  C N N 440 
VAL OXT  O N N 441 
VAL H    H N N 442 
VAL H2   H N N 443 
VAL HA   H N N 444 
VAL HB   H N N 445 
VAL HG11 H N N 446 
VAL HG12 H N N 447 
VAL HG13 H N N 448 
VAL HG21 H N N 449 
VAL HG22 H N N 450 
VAL HG23 H N N 451 
VAL HXT  H N N 452 
# 
loop_
_chem_comp_bond.comp_id 
_chem_comp_bond.atom_id_1 
_chem_comp_bond.atom_id_2 
_chem_comp_bond.value_order 
_chem_comp_bond.pdbx_aromatic_flag 
_chem_comp_bond.pdbx_stereo_config 
_chem_comp_bond.pdbx_ordinal 
ACT C   O    doub N N 1   
ACT C   OXT  sing N N 2   
ACT C   CH3  sing N N 3   
ACT CH3 H1   sing N N 4   
ACT CH3 H2   sing N N 5   
ACT CH3 H3   sing N N 6   
ALA N   CA   sing N N 7   
ALA N   H    sing N N 8   
ALA N   H2   sing N N 9   
ALA CA  C    sing N N 10  
ALA CA  CB   sing N N 11  
ALA CA  HA   sing N N 12  
ALA C   O    doub N N 13  
ALA C   OXT  sing N N 14  
ALA CB  HB1  sing N N 15  
ALA CB  HB2  sing N N 16  
ALA CB  HB3  sing N N 17  
ALA OXT HXT  sing N N 18  
ARG N   CA   sing N N 19  
ARG N   H    sing N N 20  
ARG N   H2   sing N N 21  
ARG CA  C    sing N N 22  
ARG CA  CB   sing N N 23  
ARG CA  HA   sing N N 24  
ARG C   O    doub N N 25  
ARG C   OXT  sing N N 26  
ARG CB  CG   sing N N 27  
ARG CB  HB2  sing N N 28  
ARG CB  HB3  sing N N 29  
ARG CG  CD   sing N N 30  
ARG CG  HG2  sing N N 31  
ARG CG  HG3  sing N N 32  
ARG CD  NE   sing N N 33  
ARG CD  HD2  sing N N 34  
ARG CD  HD3  sing N N 35  
ARG NE  CZ   sing N N 36  
ARG NE  HE   sing N N 37  
ARG CZ  NH1  sing N N 38  
ARG CZ  NH2  doub N N 39  
ARG NH1 HH11 sing N N 40  
ARG NH1 HH12 sing N N 41  
ARG NH2 HH21 sing N N 42  
ARG NH2 HH22 sing N N 43  
ARG OXT HXT  sing N N 44  
ASN N   CA   sing N N 45  
ASN N   H    sing N N 46  
ASN N   H2   sing N N 47  
ASN CA  C    sing N N 48  
ASN CA  CB   sing N N 49  
ASN CA  HA   sing N N 50  
ASN C   O    doub N N 51  
ASN C   OXT  sing N N 52  
ASN CB  CG   sing N N 53  
ASN CB  HB2  sing N N 54  
ASN CB  HB3  sing N N 55  
ASN CG  OD1  doub N N 56  
ASN CG  ND2  sing N N 57  
ASN ND2 HD21 sing N N 58  
ASN ND2 HD22 sing N N 59  
ASN OXT HXT  sing N N 60  
ASP N   CA   sing N N 61  
ASP N   H    sing N N 62  
ASP N   H2   sing N N 63  
ASP CA  C    sing N N 64  
ASP CA  CB   sing N N 65  
ASP CA  HA   sing N N 66  
ASP C   O    doub N N 67  
ASP C   OXT  sing N N 68  
ASP CB  CG   sing N N 69  
ASP CB  HB2  sing N N 70  
ASP CB  HB3  sing N N 71  
ASP CG  OD1  doub N N 72  
ASP CG  OD2  sing N N 73  
ASP OD2 HD2  sing N N 74  
ASP OXT HXT  sing N N 75  
CYS N   CA   sing N N 76  
CYS N   H    sing N N 77  
CYS N   H2   sing N N 78  
CYS CA  C    sing N N 79  
CYS CA  CB   sing N N 80  
CYS CA  HA   sing N N 81  
CYS C   O    doub N N 82  
CYS C   OXT  sing N N 83  
CYS CB  SG   sing N N 84  
CYS CB  HB2  sing N N 85  
CYS CB  HB3  sing N N 86  
CYS SG  HG   sing N N 87  
CYS OXT HXT  sing N N 88  
DMS S   O    doub N N 89  
DMS S   C1   sing N N 90  
DMS S   C2   sing N N 91  
DMS C1  H11  sing N N 92  
DMS C1  H12  sing N N 93  
DMS C1  H13  sing N N 94  
DMS C2  H21  sing N N 95  
DMS C2  H22  sing N N 96  
DMS C2  H23  sing N N 97  
EDO C1  O1   sing N N 98  
EDO C1  C2   sing N N 99  
EDO C1  H11  sing N N 100 
EDO C1  H12  sing N N 101 
EDO O1  HO1  sing N N 102 
EDO C2  O2   sing N N 103 
EDO C2  H21  sing N N 104 
EDO C2  H22  sing N N 105 
EDO O2  HO2  sing N N 106 
GLN N   CA   sing N N 107 
GLN N   H    sing N N 108 
GLN N   H2   sing N N 109 
GLN CA  C    sing N N 110 
GLN CA  CB   sing N N 111 
GLN CA  HA   sing N N 112 
GLN C   O    doub N N 113 
GLN C   OXT  sing N N 114 
GLN CB  CG   sing N N 115 
GLN CB  HB2  sing N N 116 
GLN CB  HB3  sing N N 117 
GLN CG  CD   sing N N 118 
GLN CG  HG2  sing N N 119 
GLN CG  HG3  sing N N 120 
GLN CD  OE1  doub N N 121 
GLN CD  NE2  sing N N 122 
GLN NE2 HE21 sing N N 123 
GLN NE2 HE22 sing N N 124 
GLN OXT HXT  sing N N 125 
GLU N   CA   sing N N 126 
GLU N   H    sing N N 127 
GLU N   H2   sing N N 128 
GLU CA  C    sing N N 129 
GLU CA  CB   sing N N 130 
GLU CA  HA   sing N N 131 
GLU C   O    doub N N 132 
GLU C   OXT  sing N N 133 
GLU CB  CG   sing N N 134 
GLU CB  HB2  sing N N 135 
GLU CB  HB3  sing N N 136 
GLU CG  CD   sing N N 137 
GLU CG  HG2  sing N N 138 
GLU CG  HG3  sing N N 139 
GLU CD  OE1  doub N N 140 
GLU CD  OE2  sing N N 141 
GLU OE2 HE2  sing N N 142 
GLU OXT HXT  sing N N 143 
GLY N   CA   sing N N 144 
GLY N   H    sing N N 145 
GLY N   H2   sing N N 146 
GLY CA  C    sing N N 147 
GLY CA  HA2  sing N N 148 
GLY CA  HA3  sing N N 149 
GLY C   O    doub N N 150 
GLY C   OXT  sing N N 151 
GLY OXT HXT  sing N N 152 
HIS N   CA   sing N N 153 
HIS N   H    sing N N 154 
HIS N   H2   sing N N 155 
HIS CA  C    sing N N 156 
HIS CA  CB   sing N N 157 
HIS CA  HA   sing N N 158 
HIS C   O    doub N N 159 
HIS C   OXT  sing N N 160 
HIS CB  CG   sing N N 161 
HIS CB  HB2  sing N N 162 
HIS CB  HB3  sing N N 163 
HIS CG  ND1  sing Y N 164 
HIS CG  CD2  doub Y N 165 
HIS ND1 CE1  doub Y N 166 
HIS ND1 HD1  sing N N 167 
HIS CD2 NE2  sing Y N 168 
HIS CD2 HD2  sing N N 169 
HIS CE1 NE2  sing Y N 170 
HIS CE1 HE1  sing N N 171 
HIS NE2 HE2  sing N N 172 
HIS OXT HXT  sing N N 173 
HOH O   H1   sing N N 174 
HOH O   H2   sing N N 175 
ILE N   CA   sing N N 176 
ILE N   H    sing N N 177 
ILE N   H2   sing N N 178 
ILE CA  C    sing N N 179 
ILE CA  CB   sing N N 180 
ILE CA  HA   sing N N 181 
ILE C   O    doub N N 182 
ILE C   OXT  sing N N 183 
ILE CB  CG1  sing N N 184 
ILE CB  CG2  sing N N 185 
ILE CB  HB   sing N N 186 
ILE CG1 CD1  sing N N 187 
ILE CG1 HG12 sing N N 188 
ILE CG1 HG13 sing N N 189 
ILE CG2 HG21 sing N N 190 
ILE CG2 HG22 sing N N 191 
ILE CG2 HG23 sing N N 192 
ILE CD1 HD11 sing N N 193 
ILE CD1 HD12 sing N N 194 
ILE CD1 HD13 sing N N 195 
ILE OXT HXT  sing N N 196 
LEU N   CA   sing N N 197 
LEU N   H    sing N N 198 
LEU N   H2   sing N N 199 
LEU CA  C    sing N N 200 
LEU CA  CB   sing N N 201 
LEU CA  HA   sing N N 202 
LEU C   O    doub N N 203 
LEU C   OXT  sing N N 204 
LEU CB  CG   sing N N 205 
LEU CB  HB2  sing N N 206 
LEU CB  HB3  sing N N 207 
LEU CG  CD1  sing N N 208 
LEU CG  CD2  sing N N 209 
LEU CG  HG   sing N N 210 
LEU CD1 HD11 sing N N 211 
LEU CD1 HD12 sing N N 212 
LEU CD1 HD13 sing N N 213 
LEU CD2 HD21 sing N N 214 
LEU CD2 HD22 sing N N 215 
LEU CD2 HD23 sing N N 216 
LEU OXT HXT  sing N N 217 
LF4 C1  C2   sing N N 218 
LF4 C2  C3   sing N N 219 
LF4 C2  C4   sing N N 220 
LF4 C4  N2   doub Y N 221 
LF4 C4  C5   sing Y N 222 
LF4 N2  N1   sing Y N 223 
LF4 C5  C6   doub Y N 224 
LF4 N1  C6   sing Y N 225 
LF4 C6  C7   sing N N 226 
LF4 C7  N3   sing N N 227 
LF4 C7  O1   doub N N 228 
LF4 N3  C8   sing N N 229 
LF4 C8  C9   sing N N 230 
LF4 C9  C10  doub Y N 231 
LF4 C9  C14  sing Y N 232 
LF4 C10 C11  sing Y N 233 
LF4 C14 C13  doub Y N 234 
LF4 C11 C12  doub Y N 235 
LF4 C13 C12  sing Y N 236 
LF4 C12 F1   sing N N 237 
LF4 N1  H1   sing N N 238 
LF4 N3  H2   sing N N 239 
LF4 C5  H3   sing N N 240 
LF4 C8  H4   sing N N 241 
LF4 C8  H5   sing N N 242 
LF4 C10 H6   sing N N 243 
LF4 C13 H7   sing N N 244 
LF4 C1  H8   sing N N 245 
LF4 C1  H9   sing N N 246 
LF4 C1  H10  sing N N 247 
LF4 C11 H11  sing N N 248 
LF4 C14 H12  sing N N 249 
LF4 C2  H13  sing N N 250 
LF4 C3  H14  sing N N 251 
LF4 C3  H15  sing N N 252 
LF4 C3  H16  sing N N 253 
LYS N   CA   sing N N 254 
LYS N   H    sing N N 255 
LYS N   H2   sing N N 256 
LYS CA  C    sing N N 257 
LYS CA  CB   sing N N 258 
LYS CA  HA   sing N N 259 
LYS C   O    doub N N 260 
LYS C   OXT  sing N N 261 
LYS CB  CG   sing N N 262 
LYS CB  HB2  sing N N 263 
LYS CB  HB3  sing N N 264 
LYS CG  CD   sing N N 265 
LYS CG  HG2  sing N N 266 
LYS CG  HG3  sing N N 267 
LYS CD  CE   sing N N 268 
LYS CD  HD2  sing N N 269 
LYS CD  HD3  sing N N 270 
LYS CE  NZ   sing N N 271 
LYS CE  HE2  sing N N 272 
LYS CE  HE3  sing N N 273 
LYS NZ  HZ1  sing N N 274 
LYS NZ  HZ2  sing N N 275 
LYS NZ  HZ3  sing N N 276 
LYS OXT HXT  sing N N 277 
MET N   CA   sing N N 278 
MET N   H    sing N N 279 
MET N   H2   sing N N 280 
MET CA  C    sing N N 281 
MET CA  CB   sing N N 282 
MET CA  HA   sing N N 283 
MET C   O    doub N N 284 
MET C   OXT  sing N N 285 
MET CB  CG   sing N N 286 
MET CB  HB2  sing N N 287 
MET CB  HB3  sing N N 288 
MET CG  SD   sing N N 289 
MET CG  HG2  sing N N 290 
MET CG  HG3  sing N N 291 
MET SD  CE   sing N N 292 
MET CE  HE1  sing N N 293 
MET CE  HE2  sing N N 294 
MET CE  HE3  sing N N 295 
MET OXT HXT  sing N N 296 
PHE N   CA   sing N N 297 
PHE N   H    sing N N 298 
PHE N   H2   sing N N 299 
PHE CA  C    sing N N 300 
PHE CA  CB   sing N N 301 
PHE CA  HA   sing N N 302 
PHE C   O    doub N N 303 
PHE C   OXT  sing N N 304 
PHE CB  CG   sing N N 305 
PHE CB  HB2  sing N N 306 
PHE CB  HB3  sing N N 307 
PHE CG  CD1  doub Y N 308 
PHE CG  CD2  sing Y N 309 
PHE CD1 CE1  sing Y N 310 
PHE CD1 HD1  sing N N 311 
PHE CD2 CE2  doub Y N 312 
PHE CD2 HD2  sing N N 313 
PHE CE1 CZ   doub Y N 314 
PHE CE1 HE1  sing N N 315 
PHE CE2 CZ   sing Y N 316 
PHE CE2 HE2  sing N N 317 
PHE CZ  HZ   sing N N 318 
PHE OXT HXT  sing N N 319 
PRO N   CA   sing N N 320 
PRO N   CD   sing N N 321 
PRO N   H    sing N N 322 
PRO CA  C    sing N N 323 
PRO CA  CB   sing N N 324 
PRO CA  HA   sing N N 325 
PRO C   O    doub N N 326 
PRO C   OXT  sing N N 327 
PRO CB  CG   sing N N 328 
PRO CB  HB2  sing N N 329 
PRO CB  HB3  sing N N 330 
PRO CG  CD   sing N N 331 
PRO CG  HG2  sing N N 332 
PRO CG  HG3  sing N N 333 
PRO CD  HD2  sing N N 334 
PRO CD  HD3  sing N N 335 
PRO OXT HXT  sing N N 336 
SER N   CA   sing N N 337 
SER N   H    sing N N 338 
SER N   H2   sing N N 339 
SER CA  C    sing N N 340 
SER CA  CB   sing N N 341 
SER CA  HA   sing N N 342 
SER C   O    doub N N 343 
SER C   OXT  sing N N 344 
SER CB  OG   sing N N 345 
SER CB  HB2  sing N N 346 
SER CB  HB3  sing N N 347 
SER OG  HG   sing N N 348 
SER OXT HXT  sing N N 349 
THR N   CA   sing N N 350 
THR N   H    sing N N 351 
THR N   H2   sing N N 352 
THR CA  C    sing N N 353 
THR CA  CB   sing N N 354 
THR CA  HA   sing N N 355 
THR C   O    doub N N 356 
THR C   OXT  sing N N 357 
THR CB  OG1  sing N N 358 
THR CB  CG2  sing N N 359 
THR CB  HB   sing N N 360 
THR OG1 HG1  sing N N 361 
THR CG2 HG21 sing N N 362 
THR CG2 HG22 sing N N 363 
THR CG2 HG23 sing N N 364 
THR OXT HXT  sing N N 365 
TRP N   CA   sing N N 366 
TRP N   H    sing N N 367 
TRP N   H2   sing N N 368 
TRP CA  C    sing N N 369 
TRP CA  CB   sing N N 370 
TRP CA  HA   sing N N 371 
TRP C   O    doub N N 372 
TRP C   OXT  sing N N 373 
TRP CB  CG   sing N N 374 
TRP CB  HB2  sing N N 375 
TRP CB  HB3  sing N N 376 
TRP CG  CD1  doub Y N 377 
TRP CG  CD2  sing Y N 378 
TRP CD1 NE1  sing Y N 379 
TRP CD1 HD1  sing N N 380 
TRP CD2 CE2  doub Y N 381 
TRP CD2 CE3  sing Y N 382 
TRP NE1 CE2  sing Y N 383 
TRP NE1 HE1  sing N N 384 
TRP CE2 CZ2  sing Y N 385 
TRP CE3 CZ3  doub Y N 386 
TRP CE3 HE3  sing N N 387 
TRP CZ2 CH2  doub Y N 388 
TRP CZ2 HZ2  sing N N 389 
TRP CZ3 CH2  sing Y N 390 
TRP CZ3 HZ3  sing N N 391 
TRP CH2 HH2  sing N N 392 
TRP OXT HXT  sing N N 393 
TYR N   CA   sing N N 394 
TYR N   H    sing N N 395 
TYR N   H2   sing N N 396 
TYR CA  C    sing N N 397 
TYR CA  CB   sing N N 398 
TYR CA  HA   sing N N 399 
TYR C   O    doub N N 400 
TYR C   OXT  sing N N 401 
TYR CB  CG   sing N N 402 
TYR CB  HB2  sing N N 403 
TYR CB  HB3  sing N N 404 
TYR CG  CD1  doub Y N 405 
TYR CG  CD2  sing Y N 406 
TYR CD1 CE1  sing Y N 407 
TYR CD1 HD1  sing N N 408 
TYR CD2 CE2  doub Y N 409 
TYR CD2 HD2  sing N N 410 
TYR CE1 CZ   doub Y N 411 
TYR CE1 HE1  sing N N 412 
TYR CE2 CZ   sing Y N 413 
TYR CE2 HE2  sing N N 414 
TYR CZ  OH   sing N N 415 
TYR OH  HH   sing N N 416 
TYR OXT HXT  sing N N 417 
VAL N   CA   sing N N 418 
VAL N   H    sing N N 419 
VAL N   H2   sing N N 420 
VAL CA  C    sing N N 421 
VAL CA  CB   sing N N 422 
VAL CA  HA   sing N N 423 
VAL C   O    doub N N 424 
VAL C   OXT  sing N N 425 
VAL CB  CG1  sing N N 426 
VAL CB  CG2  sing N N 427 
VAL CB  HB   sing N N 428 
VAL CG1 HG11 sing N N 429 
VAL CG1 HG12 sing N N 430 
VAL CG1 HG13 sing N N 431 
VAL CG2 HG21 sing N N 432 
VAL CG2 HG22 sing N N 433 
VAL CG2 HG23 sing N N 434 
VAL OXT HXT  sing N N 435 
# 
_pdbx_deposit_group.group_id            G_1002061 
_pdbx_deposit_group.group_description   
;XDomainX of XOrganismX DCP2 (NUDT20) screened against the XXX Fragment Library by X-ray Crystallography at the XChem facility of Diamond Light Source beamline I04-1
;
_pdbx_deposit_group.group_title         'PanDDA analysis group deposition' 
_pdbx_deposit_group.group_type          'changed state' 
# 
_pdbx_related_exp_data_set.ordinal              1 
_pdbx_related_exp_data_set.data_reference       10.5281/zenodo.1437589 
_pdbx_related_exp_data_set.metadata_reference   10.5281/zenodo.1437589 
_pdbx_related_exp_data_set.data_set_type        'other data' 
_pdbx_related_exp_data_set.details              'Complete PanDDA analysis' 
# 
_atom_sites.entry_id                    5QP0 
_atom_sites.fract_transf_matrix[1][1]   0.01291421 
_atom_sites.fract_transf_matrix[1][2]   0.01354205 
_atom_sites.fract_transf_matrix[1][3]   0.00861850 
_atom_sites.fract_transf_matrix[2][1]   0.00049377 
_atom_sites.fract_transf_matrix[2][2]   0.00853135 
_atom_sites.fract_transf_matrix[2][3]   -0.01414500 
_atom_sites.fract_transf_matrix[3][1]   -0.01184287 
_atom_sites.fract_transf_matrix[3][2]   0.00835127 
_atom_sites.fract_transf_matrix[3][3]   0.00462354 
_atom_sites.fract_transf_vector[1]      -0.883483 
_atom_sites.fract_transf_vector[2]      0.226191 
_atom_sites.fract_transf_vector[3]      1.165000 
# 
loop_
_atom_type.symbol 
C 
F 
N 
O 
S 
# 
loop_
_atom_site.group_PDB 
_atom_site.id 
_atom_site.type_symbol 
_atom_site.label_atom_id 
_atom_site.label_alt_id 
_atom_site.label_comp_id 
_atom_site.label_asym_id 
_atom_site.label_entity_id 
_atom_site.label_seq_id 
_atom_site.pdbx_PDB_ins_code 
_atom_site.Cartn_x 
_atom_site.Cartn_y 
_atom_site.Cartn_z 
_atom_site.occupancy 
_atom_site.B_iso_or_equiv 
_atom_site.pdbx_formal_charge 
_atom_site.auth_seq_id 
_atom_site.auth_comp_id 
_atom_site.auth_asym_id 
_atom_site.auth_atom_id 
_atom_site.pdbx_PDB_model_num 
ATOM   1    N N   . GLY A 1 3   ? 11.243  14.245  7.610   1.00 82.86  ? 96  GLY A N   1 
ATOM   2    C CA  . GLY A 1 3   ? 9.931   13.878  6.998   1.00 81.70  ? 96  GLY A CA  1 
ATOM   3    C C   . GLY A 1 3   ? 8.925   13.355  8.021   1.00 78.48  ? 96  GLY A C   1 
ATOM   4    O O   . GLY A 1 3   ? 9.272   12.675  9.001   1.00 82.47  ? 96  GLY A O   1 
ATOM   5    N N   . VAL A 1 4   ? 7.664   13.679  7.779   1.00 69.19  ? 97  VAL A N   1 
ATOM   6    C CA  . VAL A 1 4   ? 6.572   13.312  8.678   1.00 65.44  ? 97  VAL A CA  1 
ATOM   7    C C   . VAL A 1 4   ? 6.119   11.883  8.364   1.00 52.76  ? 97  VAL A C   1 
ATOM   8    O O   . VAL A 1 4   ? 5.896   11.566  7.203   1.00 43.53  ? 97  VAL A O   1 
ATOM   9    C CB  . VAL A 1 4   ? 5.368   14.259  8.496   1.00 69.62  ? 97  VAL A CB  1 
ATOM   10   C CG1 . VAL A 1 4   ? 4.215   13.827  9.391   1.00 69.62  ? 97  VAL A CG1 1 
ATOM   11   C CG2 . VAL A 1 4   ? 5.778   15.701  8.787   1.00 68.08  ? 97  VAL A CG2 1 
ATOM   12   N N   . PRO A 1 5   ? 5.976   11.033  9.389   1.00 47.70  ? 98  PRO A N   1 
ATOM   13   C CA  . PRO A 1 5   ? 5.671   9.636   9.072   1.00 47.92  ? 98  PRO A CA  1 
ATOM   14   C C   . PRO A 1 5   ? 4.339   9.471   8.321   1.00 46.86  ? 98  PRO A C   1 
ATOM   15   O O   . PRO A 1 5   ? 3.440   10.324  8.434   1.00 44.28  ? 98  PRO A O   1 
ATOM   16   C CB  . PRO A 1 5   ? 5.628   8.958   10.435  1.00 51.36  ? 98  PRO A CB  1 
ATOM   17   C CG  . PRO A 1 5   ? 6.330   9.876   11.366  1.00 49.43  ? 98  PRO A CG  1 
ATOM   18   C CD  . PRO A 1 5   ? 6.273   11.238  10.820  1.00 44.00  ? 98  PRO A CD  1 
ATOM   19   N N   . THR A 1 6   ? 4.218   8.392   7.548   1.00 41.36  ? 99  THR A N   1 
ATOM   20   C CA  . THR A 1 6   ? 2.947   8.052   6.874   1.00 40.02  ? 99  THR A CA  1 
ATOM   21   C C   . THR A 1 6   ? 2.425   6.694   7.344   1.00 35.63  ? 99  THR A C   1 
ATOM   22   O O   . THR A 1 6   ? 3.193   5.820   7.772   1.00 35.32  ? 99  THR A O   1 
ATOM   23   C CB  . THR A 1 6   ? 3.115   8.103   5.363   1.00 38.96  ? 99  THR A CB  1 
ATOM   24   O OG1 . THR A 1 6   ? 4.082   7.116   5.014   1.00 38.55  ? 99  THR A OG1 1 
ATOM   25   C CG2 . THR A 1 6   ? 3.622   9.481   4.951   1.00 39.71  ? 99  THR A CG2 1 
ATOM   26   N N   . TYR A 1 7   ? 1.106   6.536   7.328   1.00 34.72  ? 100 TYR A N   1 
ATOM   27   C CA  . TYR A 1 7   ? 0.496   5.319   7.809   1.00 33.83  ? 100 TYR A CA  1 
ATOM   28   C C   . TYR A 1 7   ? -0.630  4.930   6.864   1.00 33.64  ? 100 TYR A C   1 
ATOM   29   O O   . TYR A 1 7   ? -1.260  5.776   6.240   1.00 30.56  ? 100 TYR A O   1 
ATOM   30   C CB  . TYR A 1 7   ? -0.049  5.478   9.270   1.00 38.43  ? 100 TYR A CB  1 
ATOM   31   C CG  . TYR A 1 7   ? 1.017   5.769   10.284  1.00 37.65  ? 100 TYR A CG  1 
ATOM   32   C CD1 . TYR A 1 7   ? 1.787   4.746   10.823  1.00 38.92  ? 100 TYR A CD1 1 
ATOM   33   C CD2 . TYR A 1 7   ? 1.264   7.071   10.697  1.00 40.67  ? 100 TYR A CD2 1 
ATOM   34   C CE1 . TYR A 1 7   ? 2.824   5.016   11.700  1.00 42.46  ? 100 TYR A CE1 1 
ATOM   35   C CE2 . TYR A 1 7   ? 2.259   7.366   11.598  1.00 40.71  ? 100 TYR A CE2 1 
ATOM   36   C CZ  . TYR A 1 7   ? 3.026   6.350   12.108  1.00 42.71  ? 100 TYR A CZ  1 
ATOM   37   O OH  . TYR A 1 7   ? 4.015   6.690   12.977  1.00 51.89  ? 100 TYR A OH  1 
ATOM   38   N N   . GLY A 1 8   ? -0.905  3.635   6.794   1.00 33.70  ? 101 GLY A N   1 
ATOM   39   C CA  . GLY A 1 8   ? -1.843  3.119   5.814   1.00 30.46  ? 101 GLY A CA  1 
ATOM   40   C C   . GLY A 1 8   ? -2.043  1.656   6.021   1.00 30.09  ? 101 GLY A C   1 
ATOM   41   O O   . GLY A 1 8   ? -1.776  1.123   7.129   1.00 29.42  ? 101 GLY A O   1 
ATOM   42   N N   . ALA A 1 9   ? -2.534  0.991   4.979   1.00 29.29  ? 102 ALA A N   1 
ATOM   43   C CA  . ALA A 1 9   ? -2.754  -0.433  5.040   1.00 31.92  ? 102 ALA A CA  1 
ATOM   44   C C   . ALA A 1 9   ? -2.459  -1.146  3.762   1.00 30.26  ? 102 ALA A C   1 
ATOM   45   O O   . ALA A 1 9   ? -2.625  -0.602  2.679   1.00 29.16  ? 102 ALA A O   1 
ATOM   46   C CB  . ALA A 1 9   ? -4.199  -0.751  5.405   1.00 32.87  ? 102 ALA A CB  1 
ATOM   47   N N   . ILE A 1 10  ? -2.090  -2.399  3.966   1.00 28.33  ? 103 ILE A N   1 
ATOM   48   C CA  . ILE A 1 10  ? -2.086  -3.466  2.973   1.00 27.58  ? 103 ILE A CA  1 
ATOM   49   C C   . ILE A 1 10  ? -3.262  -4.354  3.232   1.00 27.08  ? 103 ILE A C   1 
ATOM   50   O O   . ILE A 1 10  ? -3.254  -5.187  4.183   1.00 29.65  ? 103 ILE A O   1 
ATOM   51   C CB  . ILE A 1 10  ? -0.805  -4.316  3.058   1.00 26.81  ? 103 ILE A CB  1 
ATOM   52   C CG1 . ILE A 1 10  ? 0.405   -3.470  2.774   1.00 28.02  ? 103 ILE A CG1 1 
ATOM   53   C CG2 . ILE A 1 10  ? -0.898  -5.448  2.037   1.00 28.33  ? 103 ILE A CG2 1 
ATOM   54   C CD1 . ILE A 1 10  ? 1.775   -4.145  3.051   1.00 30.42  ? 103 ILE A CD1 1 
ATOM   55   N N   . ILE A 1 11  ? -4.253  -4.234  2.375   1.00 28.04  ? 104 ILE A N   1 
ATOM   56   C CA  . ILE A 1 11  ? -5.503  -4.981  2.475   1.00 29.01  ? 104 ILE A CA  1 
ATOM   57   C C   . ILE A 1 11  ? -5.422  -6.131  1.490   1.00 28.17  ? 104 ILE A C   1 
ATOM   58   O O   . ILE A 1 11  ? -5.173  -5.894  0.292   1.00 29.68  ? 104 ILE A O   1 
ATOM   59   C CB  . ILE A 1 11  ? -6.695  -4.080  2.079   1.00 29.95  ? 104 ILE A CB  1 
ATOM   60   C CG1 . ILE A 1 11  ? -6.834  -2.946  3.085   1.00 32.77  ? 104 ILE A CG1 1 
ATOM   61   C CG2 . ILE A 1 11  ? -7.993  -4.867  1.983   1.00 32.25  ? 104 ILE A CG2 1 
ATOM   62   C CD1 . ILE A 1 11  ? -7.747  -1.795  2.657   1.00 33.87  ? 104 ILE A CD1 1 
ATOM   63   N N   . LEU A 1 12  ? -5.689  -7.358  1.984   1.00 28.31  ? 105 LEU A N   1 
ATOM   64   C CA  . LEU A 1 12  ? -5.703  -8.552  1.207   1.00 28.80  ? 105 LEU A CA  1 
ATOM   65   C C   . LEU A 1 12  ? -7.093  -9.142  1.211   1.00 31.44  ? 105 LEU A C   1 
ATOM   66   O O   . LEU A 1 12  ? -7.920  -8.963  2.156   1.00 29.89  ? 105 LEU A O   1 
ATOM   67   C CB  . LEU A 1 12  ? -4.696  -9.590  1.770   1.00 30.71  ? 105 LEU A CB  1 
ATOM   68   C CG  . LEU A 1 12  ? -3.265  -9.108  1.790   1.00 31.69  ? 105 LEU A CG  1 
ATOM   69   C CD1 . LEU A 1 12  ? -2.779  -8.716  3.153   1.00 36.70  ? 105 LEU A CD1 1 
ATOM   70   C CD2 . LEU A 1 12  ? -2.333  -10.155 1.214   1.00 37.43  ? 105 LEU A CD2 1 
ATOM   71   N N   . ASP A 1 13  ? -7.362  -9.870  0.147   1.00 30.61  ? 106 ASP A N   1 
ATOM   72   C CA  . ASP A 1 13  ? -8.608  -10.568 0.019   1.00 32.65  ? 106 ASP A CA  1 
ATOM   73   C C   . ASP A 1 13  ? -8.595  -11.854 0.846   1.00 29.91  ? 106 ASP A C   1 
ATOM   74   O O   . ASP A 1 13  ? -7.690  -12.086 1.692   1.00 31.23  ? 106 ASP A O   1 
ATOM   75   C CB  . ASP A 1 13  ? -8.961  -10.743 -1.472  1.00 36.85  ? 106 ASP A CB  1 
ATOM   76   C CG  . ASP A 1 13  ? -8.115  -11.764 -2.157  1.00 39.43  ? 106 ASP A CG  1 
ATOM   77   O OD1 . ASP A 1 13  ? -6.988  -12.112 -1.663  1.00 36.81  ? 106 ASP A OD1 1 
ATOM   78   O OD2 . ASP A 1 13  ? -8.588  -12.175 -3.212  1.00 45.47  ? 106 ASP A OD2 1 
ATOM   79   N N   . GLU A 1 14  ? -9.646  -12.623 0.684   1.00 34.79  ? 107 GLU A N   1 
ATOM   80   C CA  . GLU A 1 14  ? -9.879  -13.834 1.457   1.00 39.32  ? 107 GLU A CA  1 
ATOM   81   C C   . GLU A 1 14  ? -8.904  -14.948 1.086   1.00 40.13  ? 107 GLU A C   1 
ATOM   82   O O   . GLU A 1 14  ? -8.555  -15.760 1.935   1.00 38.16  ? 107 GLU A O   1 
ATOM   83   C CB  . GLU A 1 14  ? -11.370 -14.294 1.342   1.00 46.79  ? 107 GLU A CB  1 
ATOM   84   C CG  . GLU A 1 14  ? -11.930 -14.584 -0.070  1.00 56.18  ? 107 GLU A CG  1 
ATOM   85   C CD  . GLU A 1 14  ? -12.746 -13.426 -0.702  1.00 63.38  ? 107 GLU A CD  1 
ATOM   86   O OE1 . GLU A 1 14  ? -12.177 -12.389 -1.090  1.00 56.61  ? 107 GLU A OE1 1 
ATOM   87   O OE2 . GLU A 1 14  ? -13.982 -13.549 -0.837  1.00 81.57  ? 107 GLU A OE2 1 
ATOM   88   N N   . THR A 1 15  ? -8.467  -14.974 -0.187  1.00 40.67  ? 108 THR A N   1 
ATOM   89   C CA  . THR A 1 15  ? -7.533  -15.967 -0.681  1.00 40.09  ? 108 THR A CA  1 
ATOM   90   C C   . THR A 1 15  ? -6.118  -15.660 -0.318  1.00 37.11  ? 108 THR A C   1 
ATOM   91   O O   . THR A 1 15  ? -5.256  -16.535 -0.414  1.00 38.52  ? 108 THR A O   1 
ATOM   92   C CB  . THR A 1 15  ? -7.513  -16.050 -2.228  1.00 45.51  ? 108 THR A CB  1 
ATOM   93   O OG1 . THR A 1 15  ? -6.870  -14.889 -2.740  1.00 45.12  ? 108 THR A OG1 1 
ATOM   94   C CG2 . THR A 1 15  ? -8.908  -16.138 -2.806  1.00 47.89  ? 108 THR A CG2 1 
ATOM   95   N N   . LEU A 1 16  ? -5.849  -14.414 0.042   1.00 34.46  ? 109 LEU A N   1 
ATOM   96   C CA  . LEU A 1 16  ? -4.470  -13.924 0.265   1.00 35.44  ? 109 LEU A CA  1 
ATOM   97   C C   . LEU A 1 16  ? -3.624  -13.729 -1.046  1.00 37.16  ? 109 LEU A C   1 
ATOM   98   O O   . LEU A 1 16  ? -2.419  -13.467 -0.941  1.00 40.21  ? 109 LEU A O   1 
ATOM   99   C CB  . LEU A 1 16  ? -3.674  -14.774 1.288   1.00 38.60  ? 109 LEU A CB  1 
ATOM   100  C CG  . LEU A 1 16  ? -4.284  -15.091 2.662   1.00 37.72  ? 109 LEU A CG  1 
ATOM   101  C CD1 . LEU A 1 16  ? -3.493  -16.144 3.454   1.00 41.86  ? 109 LEU A CD1 1 
ATOM   102  C CD2 . LEU A 1 16  ? -4.400  -13.764 3.398   1.00 38.48  ? 109 LEU A CD2 1 
ATOM   103  N N   . GLU A 1 17  ? -4.267  -13.853 -2.212  0.50 38.45  ? 110 GLU A N   1 
ATOM   104  C CA  . GLU A 1 17  ? -3.613  -13.724 -3.520  0.50 43.77  ? 110 GLU A CA  1 
ATOM   105  C C   . GLU A 1 17  ? -3.473  -12.253 -3.943  0.50 40.99  ? 110 GLU A C   1 
ATOM   106  O O   . GLU A 1 17  ? -2.494  -11.885 -4.600  0.50 39.76  ? 110 GLU A O   1 
ATOM   107  C CB  . GLU A 1 17  ? -4.441  -14.414 -4.622  0.50 47.37  ? 110 GLU A CB  1 
ATOM   108  C CG  . GLU A 1 17  ? -4.524  -15.935 -4.592  0.50 54.32  ? 110 GLU A CG  1 
ATOM   109  C CD  . GLU A 1 17  ? -5.563  -16.468 -5.579  0.50 59.10  ? 110 GLU A CD  1 
ATOM   110  O OE1 . GLU A 1 17  ? -6.783  -16.259 -5.364  0.50 61.04  ? 110 GLU A OE1 1 
ATOM   111  O OE2 . GLU A 1 17  ? -5.161  -17.107 -6.576  0.50 60.86  ? 110 GLU A OE2 1 
ATOM   112  N N   . ASN A 1 18  ? -4.466  -11.444 -3.568  1.00 37.73  ? 111 ASN A N   1 
ATOM   113  C CA  . ASN A 1 18  ? -4.651  -10.069 -4.067  1.00 36.45  ? 111 ASN A CA  1 
ATOM   114  C C   . ASN A 1 18  ? -4.540  -8.994  -2.977  1.00 39.25  ? 111 ASN A C   1 
ATOM   115  O O   . ASN A 1 18  ? -4.972  -9.205  -1.834  1.00 35.25  ? 111 ASN A O   1 
ATOM   116  C CB  . ASN A 1 18  ? -6.045  -10.022 -4.676  1.00 38.20  ? 111 ASN A CB  1 
ATOM   117  C CG  . ASN A 1 18  ? -6.206  -11.050 -5.790  1.00 46.16  ? 111 ASN A CG  1 
ATOM   118  O OD1 . ASN A 1 18  ? -5.428  -11.077 -6.757  1.00 48.44  ? 111 ASN A OD1 1 
ATOM   119  N ND2 . ASN A 1 18  ? -7.138  -11.933 -5.621  1.00 43.29  ? 111 ASN A ND2 1 
ATOM   120  N N   . VAL A 1 19  ? -4.015  -7.827  -3.369  1.00 36.08  ? 112 VAL A N   1 
ATOM   121  C CA  . VAL A 1 19  ? -3.882  -6.681  -2.506  1.00 29.71  ? 112 VAL A CA  1 
ATOM   122  C C   . VAL A 1 19  ? -4.622  -5.495  -3.138  1.00 29.45  ? 112 VAL A C   1 
ATOM   123  O O   . VAL A 1 19  ? -4.754  -5.397  -4.372  1.00 31.12  ? 112 VAL A O   1 
ATOM   124  C CB  . VAL A 1 19  ? -2.421  -6.304  -2.317  1.00 30.14  ? 112 VAL A CB  1 
ATOM   125  C CG1 . VAL A 1 19  ? -1.683  -7.351  -1.496  1.00 32.35  ? 112 VAL A CG1 1 
ATOM   126  C CG2 . VAL A 1 19  ? -1.695  -6.089  -3.676  1.00 28.16  ? 112 VAL A CG2 1 
ATOM   127  N N   . LEU A 1 20  ? -5.028  -4.555  -2.306  1.00 27.49  ? 113 LEU A N   1 
ATOM   128  C CA  . LEU A 1 20  ? -5.758  -3.366  -2.774  1.00 28.08  ? 113 LEU A CA  1 
ATOM   129  C C   . LEU A 1 20  ? -4.824  -2.181  -2.967  1.00 27.79  ? 113 LEU A C   1 
ATOM   130  O O   . LEU A 1 20  ? -4.147  -1.779  -2.048  1.00 28.25  ? 113 LEU A O   1 
ATOM   131  C CB  . LEU A 1 20  ? -6.874  -2.977  -1.790  1.00 29.79  ? 113 LEU A CB  1 
ATOM   132  C CG  . LEU A 1 20  ? -7.973  -2.065  -2.421  1.00 31.96  ? 113 LEU A CG  1 
ATOM   133  C CD1 . LEU A 1 20  ? -8.899  -2.797  -3.397  1.00 30.33  ? 113 LEU A CD1 1 
ATOM   134  C CD2 . LEU A 1 20  ? -8.791  -1.438  -1.307  1.00 30.13  ? 113 LEU A CD2 1 
ATOM   135  N N   . LEU A 1 21  ? -4.797  -1.630  -4.200  1.00 27.63  ? 114 LEU A N   1 
ATOM   136  C CA  . LEU A 1 21  ? -3.968  -0.511  -4.492  1.00 29.35  ? 114 LEU A CA  1 
ATOM   137  C C   . LEU A 1 21  ? -4.894  0.604   -4.952  1.00 27.21  ? 114 LEU A C   1 
ATOM   138  O O   . LEU A 1 21  ? -5.993  0.356   -5.362  1.00 29.16  ? 114 LEU A O   1 
ATOM   139  C CB  . LEU A 1 21  ? -2.930  -0.820  -5.590  1.00 28.71  ? 114 LEU A CB  1 
ATOM   140  C CG  . LEU A 1 21  ? -1.925  -1.948  -5.331  1.00 28.21  ? 114 LEU A CG  1 
ATOM   141  C CD1 . LEU A 1 21  ? -0.834  -1.963  -6.382  1.00 29.75  ? 114 LEU A CD1 1 
ATOM   142  C CD2 . LEU A 1 21  ? -1.272  -1.730  -3.981  1.00 27.79  ? 114 LEU A CD2 1 
ATOM   143  N N   . VAL A 1 22  ? -4.414  1.815   -4.795  1.00 26.24  ? 115 VAL A N   1 
ATOM   144  C CA  . VAL A 1 22  ? -5.113  2.985   -5.242  1.00 29.85  ? 115 VAL A CA  1 
ATOM   145  C C   . VAL A 1 22  ? -4.180  3.765   -6.121  1.00 31.29  ? 115 VAL A C   1 
ATOM   146  O O   . VAL A 1 22  ? -2.945  3.711   -5.952  1.00 29.94  ? 115 VAL A O   1 
ATOM   147  C CB  . VAL A 1 22  ? -5.605  3.876   -4.113  1.00 31.51  ? 115 VAL A CB  1 
ATOM   148  C CG1 . VAL A 1 22  ? -6.579  3.088   -3.259  1.00 31.31  ? 115 VAL A CG1 1 
ATOM   149  C CG2 . VAL A 1 22  ? -4.452  4.459   -3.302  1.00 31.16  ? 115 VAL A CG2 1 
ATOM   150  N N   . GLN A 1 23  ? -4.799  4.504   -7.044  1.00 29.08  ? 116 GLN A N   1 
ATOM   151  C CA  . GLN A 1 23  ? -4.090  5.338   -8.019  1.00 29.50  ? 116 GLN A CA  1 
ATOM   152  C C   . GLN A 1 23  ? -4.524  6.748   -7.818  1.00 29.82  ? 116 GLN A C   1 
ATOM   153  O O   . GLN A 1 23  ? -5.738  7.017   -7.716  1.00 29.78  ? 116 GLN A O   1 
ATOM   154  C CB  . GLN A 1 23  ? -4.477  4.916   -9.434  1.00 28.28  ? 116 GLN A CB  1 
ATOM   155  C CG  . GLN A 1 23  ? -3.757  5.690   -10.533 1.00 30.07  ? 116 GLN A CG  1 
ATOM   156  C CD  . GLN A 1 23  ? -4.218  5.247   -11.894 1.00 30.78  ? 116 GLN A CD  1 
ATOM   157  O OE1 . GLN A 1 23  ? -5.377  4.920   -12.087 1.00 36.68  ? 116 GLN A OE1 1 
ATOM   158  N NE2 . GLN A 1 23  ? -3.307  5.176   -12.807 1.00 33.62  ? 116 GLN A NE2 1 
ATOM   159  N N   . GLY A 1 24  ? -3.571  7.655   -7.710  1.00 30.81  ? 117 GLY A N   1 
ATOM   160  C CA  . GLY A 1 24  ? -3.939  9.068   -7.526  1.00 34.86  ? 117 GLY A CA  1 
ATOM   161  C C   . GLY A 1 24  ? -3.758  9.829   -8.835  1.00 32.82  ? 117 GLY A C   1 
ATOM   162  O O   . GLY A 1 24  ? -3.809  9.256   -9.897  1.00 38.73  ? 117 GLY A O   1 
ATOM   163  N N   . TYR A 1 25  ? -3.488  11.105  -8.705  1.00 37.51  ? 118 TYR A N   1 
ATOM   164  C CA  . TYR A 1 25  ? -3.281  12.038  -9.811  1.00 40.77  ? 118 TYR A CA  1 
ATOM   165  C C   . TYR A 1 25  ? -1.928  12.737  -9.739  1.00 44.00  ? 118 TYR A C   1 
ATOM   166  O O   . TYR A 1 25  ? -1.255  12.787  -8.685  1.00 38.68  ? 118 TYR A O   1 
ATOM   167  C CB  . TYR A 1 25  ? -4.352  13.123  -9.763  1.00 39.97  ? 118 TYR A CB  1 
ATOM   168  C CG  . TYR A 1 25  ? -5.761  12.611  -10.028 1.00 37.22  ? 118 TYR A CG  1 
ATOM   169  C CD1 . TYR A 1 25  ? -6.133  12.207  -11.300 1.00 40.82  ? 118 TYR A CD1 1 
ATOM   170  C CD2 . TYR A 1 25  ? -6.706  12.513  -9.008  1.00 35.81  ? 118 TYR A CD2 1 
ATOM   171  C CE1 . TYR A 1 25  ? -7.427  11.741  -11.559 1.00 37.05  ? 118 TYR A CE1 1 
ATOM   172  C CE2 . TYR A 1 25  ? -7.993  12.027  -9.264  1.00 36.30  ? 118 TYR A CE2 1 
ATOM   173  C CZ  . TYR A 1 25  ? -8.334  11.640  -10.536 1.00 35.39  ? 118 TYR A CZ  1 
ATOM   174  O OH  . TYR A 1 25  ? -9.571  11.172  -10.866 1.00 39.60  ? 118 TYR A OH  1 
ATOM   175  N N   . LEU A 1 26  ? -1.526  13.242  -10.905 1.00 52.07  ? 119 LEU A N   1 
ATOM   176  C CA  . LEU A 1 26  ? -0.404  14.156  -11.041 1.00 52.94  ? 119 LEU A CA  1 
ATOM   177  C C   . LEU A 1 26  ? 0.889   13.530  -10.540 1.00 53.26  ? 119 LEU A C   1 
ATOM   178  O O   . LEU A 1 26  ? 1.320   12.549  -11.110 1.00 54.87  ? 119 LEU A O   1 
ATOM   179  C CB  . LEU A 1 26  ? -0.725  15.516  -10.396 1.00 52.94  ? 119 LEU A CB  1 
ATOM   180  C CG  . LEU A 1 26  ? -1.900  16.312  -11.005 1.00 57.27  ? 119 LEU A CG  1 
ATOM   181  C CD1 . LEU A 1 26  ? -2.129  17.538  -10.134 1.00 54.65  ? 119 LEU A CD1 1 
ATOM   182  C CD2 . LEU A 1 26  ? -1.672  16.681  -12.487 1.00 59.07  ? 119 LEU A CD2 1 
ATOM   183  N N   . ALA A 1 27  ? 1.516   14.084  -9.501  1.00 53.08  ? 120 ALA A N   1 
ATOM   184  C CA  . ALA A 1 27  ? 2.731   13.494  -8.941  1.00 55.25  ? 120 ALA A CA  1 
ATOM   185  C C   . ALA A 1 27  ? 2.450   12.069  -8.387  1.00 54.48  ? 120 ALA A C   1 
ATOM   186  O O   . ALA A 1 27  ? 3.315   11.178  -8.498  1.00 55.87  ? 120 ALA A O   1 
ATOM   187  C CB  . ALA A 1 27  ? 3.317   14.405  -7.845  1.00 54.62  ? 120 ALA A CB  1 
ATOM   188  N N   . LYS A 1 28  ? 1.250   11.886  -7.831  0.51 52.30  ? 121 LYS A N   1 
ATOM   189  C CA  . LYS A 1 28  ? 0.830   10.624  -7.246  0.51 47.74  ? 121 LYS A CA  1 
ATOM   190  C C   . LYS A 1 28  ? 0.017   9.782   -8.272  0.51 43.73  ? 121 LYS A C   1 
ATOM   191  O O   . LYS A 1 28  ? -0.918  9.064   -7.919  0.51 40.33  ? 121 LYS A O   1 
ATOM   192  C CB  . LYS A 1 28  ? 0.071   10.895  -5.934  0.51 49.52  ? 121 LYS A CB  1 
ATOM   193  C CG  . LYS A 1 28  ? 0.945   11.075  -4.682  0.51 50.53  ? 121 LYS A CG  1 
ATOM   194  C CD  . LYS A 1 28  ? 1.963   12.214  -4.744  0.51 50.09  ? 121 LYS A CD  1 
ATOM   195  C CE  . LYS A 1 28  ? 3.378   11.709  -5.010  0.51 50.69  ? 121 LYS A CE  1 
ATOM   196  N NZ  . LYS A 1 28  ? 4.427   12.768  -4.984  0.51 50.02  ? 121 LYS A NZ  1 
ATOM   197  N N   . SER A 1 29  ? 0.434   9.843   -9.536  1.00 40.49  ? 122 SER A N   1 
ATOM   198  C CA  . SER A 1 29  ? -0.263  9.194   -10.664 1.00 45.45  ? 122 SER A CA  1 
ATOM   199  C C   . SER A 1 29  ? -0.159  7.668   -10.830 1.00 44.16  ? 122 SER A C   1 
ATOM   200  O O   . SER A 1 29  ? -0.899  7.080   -11.637 1.00 57.34  ? 122 SER A O   1 
ATOM   201  C CB  . SER A 1 29  ? 0.280   9.790   -11.968 1.00 43.52  ? 122 SER A CB  1 
ATOM   202  O OG  . SER A 1 29  ? -0.510  9.301   -13.027 1.00 66.55  ? 122 SER A OG  1 
ATOM   203  N N   . GLY A 1 30  ? 0.746   7.038   -10.105 1.00 38.74  ? 123 GLY A N   1 
ATOM   204  C CA  . GLY A 1 30  ? 0.871   5.591   -10.171 1.00 40.64  ? 123 GLY A CA  1 
ATOM   205  C C   . GLY A 1 30  ? 0.013   4.943   -9.106  1.00 38.20  ? 123 GLY A C   1 
ATOM   206  O O   . GLY A 1 30  ? -0.839  5.584   -8.466  1.00 35.63  ? 123 GLY A O   1 
ATOM   207  N N   . TRP A 1 31  ? 0.273   3.659   -8.937  1.00 35.48  ? 124 TRP A N   1 
ATOM   208  C CA  . TRP A 1 31  ? -0.447  2.819   -8.022  1.00 32.22  ? 124 TRP A CA  1 
ATOM   209  C C   . TRP A 1 31  ? 0.399   2.621   -6.773  1.00 33.88  ? 124 TRP A C   1 
ATOM   210  O O   . TRP A 1 31  ? 1.634   2.438   -6.855  1.00 34.64  ? 124 TRP A O   1 
ATOM   211  C CB  . TRP A 1 31  ? -0.729  1.465   -8.656  1.00 29.62  ? 124 TRP A CB  1 
ATOM   212  C CG  . TRP A 1 31  ? -1.661  1.487   -9.718  1.00 29.22  ? 124 TRP A CG  1 
ATOM   213  C CD1 . TRP A 1 31  ? -1.373  1.625   -11.046 1.00 29.36  ? 124 TRP A CD1 1 
ATOM   214  C CD2 . TRP A 1 31  ? -3.096  1.411   -9.624  1.00 31.34  ? 124 TRP A CD2 1 
ATOM   215  N NE1 . TRP A 1 31  ? -2.518  1.583   -11.765 1.00 33.55  ? 124 TRP A NE1 1 
ATOM   216  C CE2 . TRP A 1 31  ? -3.595  1.489   -10.928 1.00 28.82  ? 124 TRP A CE2 1 
ATOM   217  C CE3 . TRP A 1 31  ? -4.001  1.301   -8.562  1.00 27.26  ? 124 TRP A CE3 1 
ATOM   218  C CZ2 . TRP A 1 31  ? -4.959  1.414   -11.221 1.00 33.37  ? 124 TRP A CZ2 1 
ATOM   219  C CZ3 . TRP A 1 31  ? -5.383  1.258   -8.834  1.00 29.37  ? 124 TRP A CZ3 1 
ATOM   220  C CH2 . TRP A 1 31  ? -5.849  1.319   -10.167 1.00 31.06  ? 124 TRP A CH2 1 
ATOM   221  N N   . GLY A 1 32  ? -0.279  2.631   -5.625  1.00 30.09  ? 125 GLY A N   1 
ATOM   222  C CA  . GLY A 1 32  ? 0.338   2.398   -4.359  1.00 29.71  ? 125 GLY A CA  1 
ATOM   223  C C   . GLY A 1 32  ? -0.695  2.015   -3.316  1.00 30.97  ? 125 GLY A C   1 
ATOM   224  O O   . GLY A 1 32  ? -1.887  2.003   -3.596  1.00 29.25  ? 125 GLY A O   1 
ATOM   225  N N   . PHE A 1 33  ? -0.209  1.664   -2.121  1.00 29.54  ? 126 PHE A N   1 
ATOM   226  C CA  . PHE A 1 33  ? -1.055  1.334   -0.990  1.00 31.07  ? 126 PHE A CA  1 
ATOM   227  C C   . PHE A 1 33  ? -1.634  2.635   -0.416  1.00 28.04  ? 126 PHE A C   1 
ATOM   228  O O   . PHE A 1 33  ? -0.962  3.663   -0.376  1.00 28.72  ? 126 PHE A O   1 
ATOM   229  C CB  . PHE A 1 33  ? -0.280  0.601   0.081   1.00 29.49  ? 126 PHE A CB  1 
ATOM   230  C CG  . PHE A 1 33  ? 0.210   -0.723  -0.371  1.00 28.92  ? 126 PHE A CG  1 
ATOM   231  C CD1 . PHE A 1 33  ? -0.661  -1.774  -0.483  1.00 29.67  ? 126 PHE A CD1 1 
ATOM   232  C CD2 . PHE A 1 33  ? 1.519   -0.896  -0.715  1.00 31.65  ? 126 PHE A CD2 1 
ATOM   233  C CE1 . PHE A 1 33  ? -0.246  -2.996  -0.896  1.00 32.78  ? 126 PHE A CE1 1 
ATOM   234  C CE2 . PHE A 1 33  ? 1.966   -2.124  -1.149  1.00 32.69  ? 126 PHE A CE2 1 
ATOM   235  C CZ  . PHE A 1 33  ? 1.072   -3.176  -1.267  1.00 31.82  ? 126 PHE A CZ  1 
ATOM   236  N N   . PRO A 1 34  ? -2.888  2.577   0.005   1.00 28.39  ? 127 PRO A N   1 
ATOM   237  C CA  . PRO A 1 34  ? -3.507  3.718   0.621   1.00 30.12  ? 127 PRO A CA  1 
ATOM   238  C C   . PRO A 1 34  ? -2.779  4.058   1.935   1.00 30.42  ? 127 PRO A C   1 
ATOM   239  O O   . PRO A 1 34  ? -2.594  3.196   2.782   1.00 35.85  ? 127 PRO A O   1 
ATOM   240  C CB  . PRO A 1 34  ? -4.966  3.260   0.836   1.00 30.11  ? 127 PRO A CB  1 
ATOM   241  C CG  . PRO A 1 34  ? -4.871  1.814   0.965   1.00 30.56  ? 127 PRO A CG  1 
ATOM   242  C CD  . PRO A 1 34  ? -3.748  1.385   0.059   1.00 28.06  ? 127 PRO A CD  1 
ATOM   243  N N   . LYS A 1 35  ? -2.319  5.306   2.022   1.00 34.14  ? 128 LYS A N   1 
ATOM   244  C CA  . LYS A 1 35  ? -1.608  5.832   3.168   1.00 36.79  ? 128 LYS A CA  1 
ATOM   245  C C   . LYS A 1 35  ? -1.534  7.362   3.120   1.00 38.37  ? 128 LYS A C   1 
ATOM   246  O O   . LYS A 1 35  ? -1.817  7.990   2.112   1.00 34.50  ? 128 LYS A O   1 
ATOM   247  C CB  . LYS A 1 35  ? -0.177  5.279   3.190   1.00 39.99  ? 128 LYS A CB  1 
ATOM   248  C CG  . LYS A 1 35  ? 0.755   5.890   2.129   1.00 35.24  ? 128 LYS A CG  1 
ATOM   249  C CD  . LYS A 1 35  ? 2.072   5.159   2.148   1.00 44.02  ? 128 LYS A CD  1 
ATOM   250  C CE  . LYS A 1 35  ? 3.039   5.761   1.129   1.00 43.41  ? 128 LYS A CE  1 
ATOM   251  N NZ  . LYS A 1 35  ? 3.555   7.058   1.640   1.00 50.68  ? 128 LYS A NZ  1 
ATOM   252  N N   . GLY A 1 36  ? -1.083  7.959   4.199   1.00 40.62  ? 129 GLY A N   1 
ATOM   253  C CA  . GLY A 1 36  ? -0.881  9.380   4.201   1.00 37.63  ? 129 GLY A CA  1 
ATOM   254  C C   . GLY A 1 36  ? -0.230  9.858   5.492   1.00 42.67  ? 129 GLY A C   1 
ATOM   255  O O   . GLY A 1 36  ? 0.043   9.070   6.406   1.00 35.64  ? 129 GLY A O   1 
ATOM   256  N N   . LYS A 1 37  ? -0.065  11.176  5.563   1.00 43.32  ? 130 LYS A N   1 
ATOM   257  C CA  . LYS A 1 37  ? 0.738   11.858  6.549   1.00 44.30  ? 130 LYS A CA  1 
ATOM   258  C C   . LYS A 1 37  ? 0.010   11.914  7.915   1.00 43.62  ? 130 LYS A C   1 
ATOM   259  O O   . LYS A 1 37  ? -1.210  12.135  7.985   1.00 38.57  ? 130 LYS A O   1 
ATOM   260  C CB  . LYS A 1 37  ? 1.192   13.243  5.996   1.00 50.72  ? 130 LYS A CB  1 
ATOM   261  C CG  . LYS A 1 37  ? 2.562   13.214  5.259   1.00 52.47  ? 130 LYS A CG  1 
ATOM   262  C CD  . LYS A 1 37  ? 3.032   14.584  4.763   1.00 56.05  ? 130 LYS A CD  1 
ATOM   263  N N   . VAL A 1 38  ? 0.756   11.590  8.975   1.00 38.70  ? 131 VAL A N   1 
ATOM   264  C CA  . VAL A 1 38  ? 0.183   11.618  10.326  1.00 47.38  ? 131 VAL A CA  1 
ATOM   265  C C   . VAL A 1 38  ? -0.135  13.069  10.718  1.00 45.43  ? 131 VAL A C   1 
ATOM   266  O O   . VAL A 1 38  ? 0.676   13.947  10.444  1.00 48.60  ? 131 VAL A O   1 
ATOM   267  C CB  . VAL A 1 38  ? 1.111   10.922  11.366  1.00 48.83  ? 131 VAL A CB  1 
ATOM   268  C CG1 . VAL A 1 38  ? 2.447   11.657  11.578  1.00 50.17  ? 131 VAL A CG1 1 
ATOM   269  C CG2 . VAL A 1 38  ? 0.387   10.749  12.699  1.00 49.57  ? 131 VAL A CG2 1 
ATOM   270  N N   . ASN A 1 39  ? -1.303  13.310  11.314  1.00 49.19  ? 132 ASN A N   1 
ATOM   271  C CA  . ASN A 1 39  ? -1.591  14.619  11.970  1.00 52.99  ? 132 ASN A CA  1 
ATOM   272  C C   . ASN A 1 39  ? -0.905  14.744  13.356  1.00 59.91  ? 132 ASN A C   1 
ATOM   273  O O   . ASN A 1 39  ? -0.630  13.735  14.006  1.00 60.07  ? 132 ASN A O   1 
ATOM   274  C CB  . ASN A 1 39  ? -3.086  14.836  12.145  1.00 47.71  ? 132 ASN A CB  1 
ATOM   275  C CG  . ASN A 1 39  ? -3.817  14.967  10.840  1.00 42.84  ? 132 ASN A CG  1 
ATOM   276  O OD1 . ASN A 1 39  ? -3.257  15.351  9.829   1.00 53.49  ? 132 ASN A OD1 1 
ATOM   277  N ND2 . ASN A 1 39  ? -5.078  14.683  10.865  1.00 44.91  ? 132 ASN A ND2 1 
ATOM   278  N N   . LYS A 1 40  ? -0.617  15.983  13.786  1.00 66.30  ? 133 LYS A N   1 
ATOM   279  C CA  . LYS A 1 40  ? 0.007   16.248  15.090  1.00 67.02  ? 133 LYS A CA  1 
ATOM   280  C C   . LYS A 1 40  ? -0.899  15.690  16.207  1.00 66.08  ? 133 LYS A C   1 
ATOM   281  O O   . LYS A 1 40  ? -2.135  15.791  16.140  1.00 67.15  ? 133 LYS A O   1 
ATOM   282  C CB  . LYS A 1 40  ? 0.285   17.754  15.277  1.00 71.40  ? 133 LYS A CB  1 
ATOM   283  N N   . GLU A 1 41  ? -0.290  15.040  17.191  1.00 67.55  ? 134 GLU A N   1 
ATOM   284  C CA  . GLU A 1 41  ? -1.039  14.355  18.271  1.00 75.99  ? 134 GLU A CA  1 
ATOM   285  C C   . GLU A 1 41  ? -1.979  13.193  17.800  1.00 74.83  ? 134 GLU A C   1 
ATOM   286  O O   . GLU A 1 41  ? -2.871  12.811  18.555  1.00 76.91  ? 134 GLU A O   1 
ATOM   287  C CB  . GLU A 1 41  ? -1.812  15.382  19.156  1.00 71.87  ? 134 GLU A CB  1 
ATOM   288  N N   . GLU A 1 42  ? -1.767  12.612  16.599  1.00 67.79  ? 135 GLU A N   1 
ATOM   289  C CA  . GLU A 1 42  ? -2.605  11.466  16.088  1.00 55.90  ? 135 GLU A CA  1 
ATOM   290  C C   . GLU A 1 42  ? -1.888  10.110  16.283  1.00 49.91  ? 135 GLU A C   1 
ATOM   291  O O   . GLU A 1 42  ? -0.713  10.021  16.002  1.00 49.37  ? 135 GLU A O   1 
ATOM   292  C CB  . GLU A 1 42  ? -2.981  11.686  14.613  1.00 52.44  ? 135 GLU A CB  1 
ATOM   293  C CG  . GLU A 1 42  ? -3.858  10.604  13.995  1.00 48.19  ? 135 GLU A CG  1 
ATOM   294  C CD  . GLU A 1 42  ? -4.238  10.854  12.546  1.00 46.01  ? 135 GLU A CD  1 
ATOM   295  O OE1 . GLU A 1 42  ? -3.356  11.291  11.757  1.00 45.17  ? 135 GLU A OE1 1 
ATOM   296  O OE2 . GLU A 1 42  ? -5.410  10.563  12.186  1.00 45.19  ? 135 GLU A OE2 1 
ATOM   297  N N   . ALA A 1 43  ? -2.582  9.069   16.770  1.00 46.45  ? 136 ALA A N   1 
ATOM   298  C CA  . ALA A 1 43  ? -1.947  7.743   16.955  1.00 50.15  ? 136 ALA A CA  1 
ATOM   299  C C   . ALA A 1 43  ? -1.748  7.039   15.571  1.00 46.83  ? 136 ALA A C   1 
ATOM   300  O O   . ALA A 1 43  ? -2.587  7.162   14.676  1.00 40.39  ? 136 ALA A O   1 
ATOM   301  C CB  . ALA A 1 43  ? -2.768  6.861   17.897  1.00 47.92  ? 136 ALA A CB  1 
ATOM   302  N N   . PRO A 1 44  ? -0.653  6.292   15.421  1.00 48.46  ? 137 PRO A N   1 
ATOM   303  C CA  . PRO A 1 44  ? -0.429  5.608   14.129  1.00 50.25  ? 137 PRO A CA  1 
ATOM   304  C C   . PRO A 1 44  ? -1.652  4.810   13.661  1.00 46.11  ? 137 PRO A C   1 
ATOM   305  O O   . PRO A 1 44  ? -2.062  4.992   12.526  1.00 47.06  ? 137 PRO A O   1 
ATOM   306  C CB  . PRO A 1 44  ? 0.770   4.687   14.426  1.00 56.32  ? 137 PRO A CB  1 
ATOM   307  C CG  . PRO A 1 44  ? 1.497   5.342   15.560  1.00 50.96  ? 137 PRO A CG  1 
ATOM   308  C CD  . PRO A 1 44  ? 0.403   5.979   16.404  1.00 51.42  ? 137 PRO A CD  1 
ATOM   309  N N   . HIS A 1 45  ? -2.287  4.022   14.541  1.00 42.99  ? 138 HIS A N   1 
ATOM   310  C CA  . HIS A 1 45  ? -3.461  3.212   14.134  1.00 41.67  ? 138 HIS A CA  1 
ATOM   311  C C   . HIS A 1 45  ? -4.629  4.064   13.658  1.00 37.89  ? 138 HIS A C   1 
ATOM   312  O O   . HIS A 1 45  ? -5.382  3.667   12.728  1.00 34.96  ? 138 HIS A O   1 
ATOM   313  C CB  . HIS A 1 45  ? -3.861  2.150   15.187  1.00 47.93  ? 138 HIS A CB  1 
ATOM   314  C CG  . HIS A 1 45  ? -4.724  2.664   16.305  1.00 61.91  ? 138 HIS A CG  1 
ATOM   315  N ND1 . HIS A 1 45  ? -4.201  3.175   17.484  1.00 68.28  ? 138 HIS A ND1 1 
ATOM   316  C CD2 . HIS A 1 45  ? -6.075  2.714   16.443  1.00 61.48  ? 138 HIS A CD2 1 
ATOM   317  C CE1 . HIS A 1 45  ? -5.194  3.517   18.291  1.00 65.72  ? 138 HIS A CE1 1 
ATOM   318  N NE2 . HIS A 1 45  ? -6.340  3.245   17.686  1.00 67.05  ? 138 HIS A NE2 1 
ATOM   319  N N   . ASP A 1 46  ? -4.772  5.253   14.266  1.00 36.27  ? 139 ASP A N   1 
ATOM   320  C CA  . ASP A 1 46  ? -5.833  6.151   13.875  1.00 37.39  ? 139 ASP A CA  1 
ATOM   321  C C   . ASP A 1 46  ? -5.528  6.811   12.544  1.00 35.25  ? 139 ASP A C   1 
ATOM   322  O O   . ASP A 1 46  ? -6.428  6.992   11.732  1.00 34.13  ? 139 ASP A O   1 
ATOM   323  C CB  . ASP A 1 46  ? -6.043  7.237   14.914  1.00 38.32  ? 139 ASP A CB  1 
ATOM   324  C CG  . ASP A 1 46  ? -6.795  6.725   16.147  1.00 43.22  ? 139 ASP A CG  1 
ATOM   325  O OD1 . ASP A 1 46  ? -7.759  5.942   16.003  1.00 44.80  ? 139 ASP A OD1 1 
ATOM   326  O OD2 . ASP A 1 46  ? -6.421  7.141   17.243  1.00 45.24  ? 139 ASP A OD2 1 
ATOM   327  N N   . CYS A 1 47  ? -4.292  7.262   12.359  1.00 34.71  ? 140 CYS A N   1 
ATOM   328  C CA  . CYS A 1 47  ? -3.908  7.812   11.063  1.00 34.13  ? 140 CYS A CA  1 
ATOM   329  C C   . CYS A 1 47  ? -4.129  6.789   9.907   1.00 32.21  ? 140 CYS A C   1 
ATOM   330  O O   . CYS A 1 47  ? -4.749  7.089   8.901   1.00 33.62  ? 140 CYS A O   1 
ATOM   331  C CB  . CYS A 1 47  ? -2.470  8.242   11.112  1.00 37.91  ? 140 CYS A CB  1 
ATOM   332  S SG  . CYS A 1 47  ? -1.843  8.750   9.504   1.00 39.50  ? 140 CYS A SG  1 
ATOM   333  N N   . ALA A 1 48  ? -3.670  5.567   10.103  1.00 32.74  ? 141 ALA A N   1 
ATOM   334  C CA  . ALA A 1 48  ? -3.882  4.511   9.135   1.00 32.50  ? 141 ALA A CA  1 
ATOM   335  C C   . ALA A 1 48  ? -5.344  4.313   8.766   1.00 32.49  ? 141 ALA A C   1 
ATOM   336  O O   . ALA A 1 48  ? -5.679  4.214   7.585   1.00 31.00  ? 141 ALA A O   1 
ATOM   337  C CB  . ALA A 1 48  ? -3.312  3.219   9.663   1.00 33.78  ? 141 ALA A CB  1 
ATOM   338  N N   . ALA A 1 49  ? -6.226  4.252   9.761   1.00 29.83  ? 142 ALA A N   1 
ATOM   339  C CA  . ALA A 1 49  ? -7.666  4.055   9.486   1.00 30.47  ? 142 ALA A CA  1 
ATOM   340  C C   . ALA A 1 49  ? -8.270  5.249   8.776   1.00 28.64  ? 142 ALA A C   1 
ATOM   341  O O   . ALA A 1 49  ? -9.004  5.091   7.783   1.00 29.27  ? 142 ALA A O   1 
ATOM   342  C CB  . ALA A 1 49  ? -8.430  3.805   10.770  1.00 34.74  ? 142 ALA A CB  1 
ATOM   343  N N   . ARG A 1 50  ? -7.894  6.438   9.220   1.00 29.56  ? 143 ARG A N   1 
ATOM   344  C CA  . ARG A 1 50  ? -8.365  7.657   8.571   1.00 32.80  ? 143 ARG A CA  1 
ATOM   345  C C   . ARG A 1 50  ? -7.871  7.745   7.126   1.00 32.43  ? 143 ARG A C   1 
ATOM   346  O O   . ARG A 1 50  ? -8.639  8.009   6.182   1.00 32.00  ? 143 ARG A O   1 
ATOM   347  C CB  . ARG A 1 50  ? -7.852  8.881   9.329   1.00 35.15  ? 143 ARG A CB  1 
ATOM   348  C CG  . ARG A 1 50  ? -8.298  10.242  8.718   1.00 37.69  ? 143 ARG A CG  1 
ATOM   349  C CD  . ARG A 1 50  ? -7.776  11.441  9.501   1.00 38.70  ? 143 ARG A CD  1 
ATOM   350  N NE  . ARG A 1 50  ? -6.319  11.403  9.760   1.00 40.81  ? 143 ARG A NE  1 
ATOM   351  C CZ  . ARG A 1 50  ? -5.362  11.768  8.889   1.00 40.91  ? 143 ARG A CZ  1 
ATOM   352  N NH1 . ARG A 1 50  ? -5.685  12.182  7.675   1.00 42.52  ? 143 ARG A NH1 1 
ATOM   353  N NH2 . ARG A 1 50  ? -4.076  11.722  9.226   1.00 43.99  ? 143 ARG A NH2 1 
ATOM   354  N N   . GLU A 1 51  ? -6.566  7.537   6.927   1.00 36.05  ? 144 GLU A N   1 
ATOM   355  C CA  . GLU A 1 51  ? -6.081  7.655   5.535   1.00 32.66  ? 144 GLU A CA  1 
ATOM   356  C C   . GLU A 1 51  ? -6.769  6.645   4.678   1.00 31.77  ? 144 GLU A C   1 
ATOM   357  O O   . GLU A 1 51  ? -7.166  6.963   3.561   1.00 32.57  ? 144 GLU A O   1 
ATOM   358  C CB  . GLU A 1 51  ? -4.595  7.544   5.421   1.00 34.10  ? 144 GLU A CB  1 
ATOM   359  C CG  . GLU A 1 51  ? -3.888  8.708   6.072   1.00 37.17  ? 144 GLU A CG  1 
ATOM   360  C CD  . GLU A 1 51  ? -3.968  10.025  5.318   1.00 40.00  ? 144 GLU A CD  1 
ATOM   361  O OE1 . GLU A 1 51  ? -4.396  10.073  4.158   1.00 44.40  ? 144 GLU A OE1 1 
ATOM   362  O OE2 . GLU A 1 51  ? -3.513  11.031  5.879   1.00 48.20  ? 144 GLU A OE2 1 
ATOM   363  N N   . VAL A 1 52  ? -6.945  5.420   5.183   1.00 34.47  ? 145 VAL A N   1 
ATOM   364  C CA  . VAL A 1 52  ? -7.525  4.366   4.361   1.00 29.07  ? 145 VAL A CA  1 
ATOM   365  C C   . VAL A 1 52  ? -9.006  4.610   4.105   1.00 33.58  ? 145 VAL A C   1 
ATOM   366  O O   . VAL A 1 52  ? -9.544  4.293   3.003   1.00 32.15  ? 145 VAL A O   1 
ATOM   367  C CB  . VAL A 1 52  ? -7.260  2.994   4.973   1.00 33.56  ? 145 VAL A CB  1 
ATOM   368  C CG1 . VAL A 1 52  ? -8.056  1.937   4.254   1.00 35.03  ? 145 VAL A CG1 1 
ATOM   369  C CG2 . VAL A 1 52  ? -5.759  2.663   4.881   1.00 34.35  ? 145 VAL A CG2 1 
ATOM   370  N N   . PHE A 1 53  ? -9.683  5.127   5.123   1.00 32.80  ? 146 PHE A N   1 
ATOM   371  C CA  . PHE A 1 53  ? -11.067 5.478   4.927   1.00 35.92  ? 146 PHE A CA  1 
ATOM   372  C C   . PHE A 1 53  ? -11.311 6.570   3.866   1.00 33.04  ? 146 PHE A C   1 
ATOM   373  O O   . PHE A 1 53  ? -12.157 6.367   2.949   1.00 34.18  ? 146 PHE A O   1 
ATOM   374  C CB  . PHE A 1 53  ? -11.796 5.776   6.284   1.00 36.12  ? 146 PHE A CB  1 
ATOM   375  C CG  . PHE A 1 53  ? -13.270 5.868   6.100   1.00 38.35  ? 146 PHE A CG  1 
ATOM   376  C CD1 . PHE A 1 53  ? -14.036 4.728   6.017   1.00 41.10  ? 146 PHE A CD1 1 
ATOM   377  C CD2 . PHE A 1 53  ? -13.866 7.107   5.861   1.00 47.32  ? 146 PHE A CD2 1 
ATOM   378  C CE1 . PHE A 1 53  ? -15.389 4.807   5.778   1.00 45.49  ? 146 PHE A CE1 1 
ATOM   379  C CE2 . PHE A 1 53  ? -15.221 7.201   5.604   1.00 48.63  ? 146 PHE A CE2 1 
ATOM   380  C CZ  . PHE A 1 53  ? -15.983 6.045   5.562   1.00 46.06  ? 146 PHE A CZ  1 
ATOM   381  N N   . GLU A 1 54  ? -10.534 7.649   3.921   1.00 33.85  ? 147 GLU A N   1 
ATOM   382  C CA  . GLU A 1 54  ? -10.577 8.760   2.902   1.00 38.63  ? 147 GLU A CA  1 
ATOM   383  C C   . GLU A 1 54  ? -10.281 8.319   1.496   1.00 40.29  ? 147 GLU A C   1 
ATOM   384  O O   . GLU A 1 54  ? -10.875 8.795   0.536   1.00 37.32  ? 147 GLU A O   1 
ATOM   385  C CB  . GLU A 1 54  ? -9.531  9.837   3.200   1.00 44.57  ? 147 GLU A CB  1 
ATOM   386  C CG  . GLU A 1 54  ? -9.762  10.721  4.429   1.00 53.29  ? 147 GLU A CG  1 
ATOM   387  C CD  . GLU A 1 54  ? -8.522  11.572  4.831   1.00 60.71  ? 147 GLU A CD  1 
ATOM   388  O OE1 . GLU A 1 54  ? -7.489  11.602  4.080   1.00 61.65  ? 147 GLU A OE1 1 
ATOM   389  O OE2 . GLU A 1 54  ? -8.574  12.220  5.929   1.00 63.25  ? 147 GLU A OE2 1 
ATOM   390  N N   . GLU A 1 55  ? -9.291  7.441   1.373   1.00 33.80  ? 148 GLU A N   1 
ATOM   391  C CA  . GLU A 1 55  ? -8.868  6.998   0.050   1.00 35.43  ? 148 GLU A CA  1 
ATOM   392  C C   . GLU A 1 55  ? -9.633  5.823   -0.585  1.00 33.18  ? 148 GLU A C   1 
ATOM   393  O O   . GLU A 1 55  ? -9.561  5.672   -1.792  1.00 33.01  ? 148 GLU A O   1 
ATOM   394  C CB  . GLU A 1 55  ? -7.374  6.700   0.090   1.00 34.83  ? 148 GLU A CB  1 
ATOM   395  C CG  . GLU A 1 55  ? -6.544  7.967   0.309   1.00 35.36  ? 148 GLU A CG  1 
ATOM   396  C CD  . GLU A 1 55  ? -5.086  7.643   0.575   1.00 41.71  ? 148 GLU A CD  1 
ATOM   397  O OE1 . GLU A 1 55  ? -4.689  6.521   0.208   1.00 37.96  ? 148 GLU A OE1 1 
ATOM   398  O OE2 . GLU A 1 55  ? -4.377  8.498   1.164   1.00 39.50  ? 148 GLU A OE2 1 
ATOM   399  N N   . THR A 1 56  ? -10.334 5.010   0.203   1.00 31.46  ? 149 THR A N   1 
ATOM   400  C CA  . THR A 1 56  ? -11.021 3.795   -0.287  1.00 32.95  ? 149 THR A CA  1 
ATOM   401  C C   . THR A 1 56  ? -12.482 3.630   0.179   1.00 33.70  ? 149 THR A C   1 
ATOM   402  O O   . THR A 1 56  ? -13.213 2.746   -0.313  1.00 40.59  ? 149 THR A O   1 
ATOM   403  C CB  . THR A 1 56  ? -10.296 2.501   0.223   1.00 33.57  ? 149 THR A CB  1 
ATOM   404  O OG1 . THR A 1 56  ? -10.517 2.295   1.628   1.00 32.15  ? 149 THR A OG1 1 
ATOM   405  C CG2 . THR A 1 56  ? -8.810  2.579   -0.013  1.00 35.30  ? 149 THR A CG2 1 
ATOM   406  N N   . GLY A 1 57  ? -12.868 4.359   1.200   1.00 33.25  ? 150 GLY A N   1 
ATOM   407  C CA  . GLY A 1 57  ? -14.222 4.224   1.770   1.00 39.07  ? 150 GLY A CA  1 
ATOM   408  C C   . GLY A 1 57  ? -14.412 3.014   2.661   1.00 41.78  ? 150 GLY A C   1 
ATOM   409  O O   . GLY A 1 57  ? -15.527 2.703   3.049   1.00 42.37  ? 150 GLY A O   1 
ATOM   410  N N   . PHE A 1 58  ? -13.341 2.315   3.002   1.00 38.43  ? 151 PHE A N   1 
ATOM   411  C CA  . PHE A 1 58  ? -13.489 1.089   3.743   1.00 34.95  ? 151 PHE A CA  1 
ATOM   412  C C   . PHE A 1 58  ? -12.865 1.352   5.082   1.00 34.05  ? 151 PHE A C   1 
ATOM   413  O O   . PHE A 1 58  ? -11.750 1.877   5.166   1.00 34.97  ? 151 PHE A O   1 
ATOM   414  C CB  . PHE A 1 58  ? -12.839 -0.074  3.057   1.00 36.23  ? 151 PHE A CB  1 
ATOM   415  C CG  . PHE A 1 58  ? -12.977 -1.352  3.828   1.00 36.74  ? 151 PHE A CG  1 
ATOM   416  C CD1 . PHE A 1 58  ? -14.164 -2.072  3.785   1.00 38.20  ? 151 PHE A CD1 1 
ATOM   417  C CD2 . PHE A 1 58  ? -11.944 -1.809  4.635   1.00 36.74  ? 151 PHE A CD2 1 
ATOM   418  C CE1 . PHE A 1 58  ? -14.310 -3.233  4.505   1.00 39.58  ? 151 PHE A CE1 1 
ATOM   419  C CE2 . PHE A 1 58  ? -12.078 -2.980  5.356   1.00 33.00  ? 151 PHE A CE2 1 
ATOM   420  C CZ  . PHE A 1 58  ? -13.262 -3.681  5.310   1.00 37.44  ? 151 PHE A CZ  1 
ATOM   421  N N   . ASP A 1 59  ? -13.560 0.974   6.151   1.00 34.65  ? 152 ASP A N   1 
ATOM   422  C CA  . ASP A 1 59  ? -13.111 1.297   7.499   1.00 38.50  ? 152 ASP A CA  1 
ATOM   423  C C   . ASP A 1 59  ? -12.413 0.090   8.061   1.00 35.76  ? 152 ASP A C   1 
ATOM   424  O O   . ASP A 1 59  ? -13.035 -0.960  8.271   1.00 39.20  ? 152 ASP A O   1 
ATOM   425  C CB  . ASP A 1 59  ? -14.315 1.691   8.354   1.00 43.67  ? 152 ASP A CB  1 
ATOM   426  C CG  . ASP A 1 59  ? -13.938 2.065   9.796   1.00 47.62  ? 152 ASP A CG  1 
ATOM   427  O OD1 . ASP A 1 59  ? -12.731 2.103   10.163  1.00 47.96  ? 152 ASP A OD1 1 
ATOM   428  O OD2 . ASP A 1 59  ? -14.885 2.295   10.591  1.00 51.66  ? 152 ASP A OD2 1 
ATOM   429  N N   . ILE A 1 60  ? -11.124 0.239   8.316   1.00 34.43  ? 153 ILE A N   1 
ATOM   430  C CA  . ILE A 1 60  ? -10.312 -0.873  8.850   1.00 36.07  ? 153 ILE A CA  1 
ATOM   431  C C   . ILE A 1 60  ? -10.205 -0.893  10.401  1.00 38.81  ? 153 ILE A C   1 
ATOM   432  O O   . ILE A 1 60  ? -9.511  -1.720  10.984  1.00 34.10  ? 153 ILE A O   1 
ATOM   433  C CB  . ILE A 1 60  ? -8.870  -0.833  8.288   1.00 33.61  ? 153 ILE A CB  1 
ATOM   434  C CG1 . ILE A 1 60  ? -8.053  0.338   8.800   1.00 33.85  ? 153 ILE A CG1 1 
ATOM   435  C CG2 . ILE A 1 60  ? -8.852  -0.875  6.781   1.00 34.73  ? 153 ILE A CG2 1 
ATOM   436  C CD1 . ILE A 1 60  ? -6.563  0.223   8.434   1.00 35.12  ? 153 ILE A CD1 1 
ATOM   437  N N   . LYS A 1 61  ? -10.836 0.042   11.077  1.00 38.99  ? 154 LYS A N   1 
ATOM   438  C CA  . LYS A 1 61  ? -10.563 0.206   12.503  1.00 45.52  ? 154 LYS A CA  1 
ATOM   439  C C   . LYS A 1 61  ? -10.842 -1.082  13.288  1.00 39.92  ? 154 LYS A C   1 
ATOM   440  O O   . LYS A 1 61  ? -10.054 -1.449  14.155  1.00 36.80  ? 154 LYS A O   1 
ATOM   441  C CB  . LYS A 1 61  ? -11.312 1.440   13.073  1.00 51.62  ? 154 LYS A CB  1 
ATOM   442  C CG  . LYS A 1 61  ? -11.819 1.369   14.510  1.00 68.35  ? 154 LYS A CG  1 
ATOM   443  C CD  . LYS A 1 61  ? -12.467 2.680   14.989  1.00 76.47  ? 154 LYS A CD  1 
ATOM   444  C CE  . LYS A 1 61  ? -13.740 3.061   14.211  1.00 79.70  ? 154 LYS A CE  1 
ATOM   445  N NZ  . LYS A 1 61  ? -14.857 2.066   14.269  1.00 77.75  ? 154 LYS A NZ  1 
ATOM   446  N N   . ASP A 1 62  ? -11.930 -1.767  12.984  1.00 35.25  ? 155 ASP A N   1 
ATOM   447  C CA  . ASP A 1 62  ? -12.208 -3.035  13.690  1.00 40.01  ? 155 ASP A CA  1 
ATOM   448  C C   . ASP A 1 62  ? -11.276 -4.203  13.370  1.00 44.07  ? 155 ASP A C   1 
ATOM   449  O O   . ASP A 1 62  ? -11.404 -5.248  14.023  1.00 46.57  ? 155 ASP A O   1 
ATOM   450  C CB  . ASP A 1 62  ? -13.615 -3.511  13.341  1.00 43.69  ? 155 ASP A CB  1 
ATOM   451  C CG  . ASP A 1 62  ? -14.720 -2.578  13.898  1.00 49.07  ? 155 ASP A CG  1 
ATOM   452  O OD1 . ASP A 1 62  ? -14.463 -1.752  14.811  1.00 51.01  ? 155 ASP A OD1 1 
ATOM   453  O OD2 . ASP A 1 62  ? -15.842 -2.703  13.407  1.00 48.83  ? 155 ASP A OD2 1 
ATOM   454  N N   . TYR A 1 63  ? -10.404 -4.053  12.347  1.00 40.34  ? 156 TYR A N   1 
ATOM   455  C CA  . TYR A 1 63  ? -9.565  -5.130  11.816  1.00 38.02  ? 156 TYR A CA  1 
ATOM   456  C C   . TYR A 1 63  ? -8.067  -4.935  11.985  1.00 41.50  ? 156 TYR A C   1 
ATOM   457  O O   . TYR A 1 63  ? -7.285  -5.884  11.847  1.00 46.81  ? 156 TYR A O   1 
ATOM   458  C CB  . TYR A 1 63  ? -9.831  -5.309  10.341  1.00 39.79  ? 156 TYR A CB  1 
ATOM   459  C CG  . TYR A 1 63  ? -11.235 -5.484  10.053  1.00 38.19  ? 156 TYR A CG  1 
ATOM   460  C CD1 . TYR A 1 63  ? -11.973 -6.488  10.701  1.00 46.85  ? 156 TYR A CD1 1 
ATOM   461  C CD2 . TYR A 1 63  ? -11.888 -4.611  9.235   1.00 43.58  ? 156 TYR A CD2 1 
ATOM   462  C CE1 . TYR A 1 63  ? -13.329 -6.632  10.485  1.00 45.26  ? 156 TYR A CE1 1 
ATOM   463  C CE2 . TYR A 1 63  ? -13.239 -4.731  8.987   1.00 45.06  ? 156 TYR A CE2 1 
ATOM   464  C CZ  . TYR A 1 63  ? -13.957 -5.733  9.626   1.00 48.59  ? 156 TYR A CZ  1 
ATOM   465  O OH  . TYR A 1 63  ? -15.276 -5.826  9.365   1.00 58.14  ? 156 TYR A OH  1 
ATOM   466  N N   . ILE A 1 64  ? -7.640  -3.720  12.261  1.00 42.91  ? 157 ILE A N   1 
ATOM   467  C CA  . ILE A 1 64  ? -6.234  -3.469  12.532  1.00 42.31  ? 157 ILE A CA  1 
ATOM   468  C C   . ILE A 1 64  ? -5.765  -4.273  13.677  1.00 43.09  ? 157 ILE A C   1 
ATOM   469  O O   . ILE A 1 64  ? -6.382  -4.248  14.763  1.00 42.65  ? 157 ILE A O   1 
ATOM   470  C CB  . ILE A 1 64  ? -5.934  -1.987  12.946  1.00 50.31  ? 157 ILE A CB  1 
ATOM   471  C CG1 . ILE A 1 64  ? -5.894  -1.110  11.726  1.00 52.59  ? 157 ILE A CG1 1 
ATOM   472  C CG2 . ILE A 1 64  ? -4.582  -1.836  13.686  1.00 50.38  ? 157 ILE A CG2 1 
ATOM   473  C CD1 . ILE A 1 64  ? -6.045  0.361   12.047  1.00 61.77  ? 157 ILE A CD1 1 
ATOM   474  N N   A CYS A 1 65  ? -4.678  -5.006  13.454  0.25 39.53  ? 158 CYS A N   1 
ATOM   475  N N   B CYS A 1 65  ? -4.647  -4.959  13.482  0.25 43.27  ? 158 CYS A N   1 
ATOM   476  C CA  A CYS A 1 65  ? -3.959  -5.682  14.505  0.25 39.13  ? 158 CYS A CA  1 
ATOM   477  C CA  B CYS A 1 65  ? -4.006  -5.715  14.526  0.25 45.40  ? 158 CYS A CA  1 
ATOM   478  C C   A CYS A 1 65  ? -2.684  -4.919  14.750  0.25 42.68  ? 158 CYS A C   1 
ATOM   479  C C   B CYS A 1 65  ? -2.653  -5.060  14.792  0.25 46.21  ? 158 CYS A C   1 
ATOM   480  O O   A CYS A 1 65  ? -1.879  -4.731  13.835  0.25 43.89  ? 158 CYS A O   1 
ATOM   481  O O   B CYS A 1 65  ? -1.766  -5.095  13.936  0.25 46.35  ? 158 CYS A O   1 
ATOM   482  C CB  A CYS A 1 65  ? -3.624  -7.105  14.103  0.25 36.78  ? 158 CYS A CB  1 
ATOM   483  C CB  B CYS A 1 65  ? -3.877  -7.172  14.084  0.25 46.60  ? 158 CYS A CB  1 
ATOM   484  S SG  A CYS A 1 65  ? -5.048  -8.182  14.011  0.25 33.02  ? 158 CYS A SG  1 
ATOM   485  S SG  B CYS A 1 65  ? -2.829  -8.197  15.133  0.25 54.46  ? 158 CYS A SG  1 
ATOM   486  N N   . LYS A 1 66  ? -2.503  -4.485  15.989  1.00 46.70  ? 159 LYS A N   1 
ATOM   487  C CA  . LYS A 1 66  ? -1.360  -3.622  16.375  1.00 47.79  ? 159 LYS A CA  1 
ATOM   488  C C   . LYS A 1 66  ? 0.058   -4.019  16.000  1.00 41.74  ? 159 LYS A C   1 
ATOM   489  O O   . LYS A 1 66  ? 0.905   -3.142  15.721  1.00 47.13  ? 159 LYS A O   1 
ATOM   490  C CB  . LYS A 1 66  ? -1.407  -3.353  17.900  1.00 47.62  ? 159 LYS A CB  1 
ATOM   491  C CG  . LYS A 1 66  ? -1.112  -4.579  18.769  1.00 50.66  ? 159 LYS A CG  1 
ATOM   492  N N   . ASP A 1 67  ? 0.326   -5.308  15.995  1.00 46.25  ? 160 ASP A N   1 
ATOM   493  C CA  . ASP A 1 67  ? 1.657   -5.823  15.691  1.00 49.35  ? 160 ASP A CA  1 
ATOM   494  C C   . ASP A 1 67  ? 1.823   -6.296  14.270  1.00 48.81  ? 160 ASP A C   1 
ATOM   495  O O   . ASP A 1 67  ? 2.936   -6.658  13.900  1.00 47.48  ? 160 ASP A O   1 
ATOM   496  C CB  . ASP A 1 67  ? 1.961   -6.982  16.639  1.00 65.69  ? 160 ASP A CB  1 
ATOM   497  C CG  . ASP A 1 67  ? 1.934   -6.541  18.086  1.00 72.25  ? 160 ASP A CG  1 
ATOM   498  O OD1 . ASP A 1 67  ? 2.823   -5.742  18.440  1.00 72.66  ? 160 ASP A OD1 1 
ATOM   499  O OD2 . ASP A 1 67  ? 1.003   -6.931  18.826  1.00 74.12  ? 160 ASP A OD2 1 
ATOM   500  N N   . ASP A 1 68  ? 0.751   -6.302  13.465  1.00 43.06  ? 161 ASP A N   1 
ATOM   501  C CA  . ASP A 1 68  ? 0.833   -6.746  12.068  1.00 38.02  ? 161 ASP A CA  1 
ATOM   502  C C   . ASP A 1 68  ? 0.961   -5.570  11.133  1.00 36.56  ? 161 ASP A C   1 
ATOM   503  O O   . ASP A 1 68  ? -0.024  -4.996  10.676  1.00 31.56  ? 161 ASP A O   1 
ATOM   504  C CB  . ASP A 1 68  ? -0.403  -7.531  11.685  1.00 39.75  ? 161 ASP A CB  1 
ATOM   505  C CG  . ASP A 1 68  ? -0.629  -8.768  12.555  1.00 44.04  ? 161 ASP A CG  1 
ATOM   506  O OD1 . ASP A 1 68  ? 0.281   -9.098  13.276  1.00 39.45  ? 161 ASP A OD1 1 
ATOM   507  O OD2 . ASP A 1 68  ? -1.710  -9.434  12.493  1.00 41.82  ? 161 ASP A OD2 1 
ATOM   508  N N   . TYR A 1 69  ? 2.183   -5.191  10.855  1.00 38.40  ? 162 TYR A N   1 
ATOM   509  C CA  . TYR A 1 69  ? 2.442   -4.145  9.873   1.00 35.94  ? 162 TYR A CA  1 
ATOM   510  C C   . TYR A 1 69  ? 3.805   -4.379  9.236   1.00 41.39  ? 162 TYR A C   1 
ATOM   511  O O   . TYR A 1 69  ? 4.577   -5.233  9.708   1.00 37.20  ? 162 TYR A O   1 
ATOM   512  C CB  . TYR A 1 69  ? 2.362   -2.747  10.543  1.00 37.75  ? 162 TYR A CB  1 
ATOM   513  C CG  . TYR A 1 69  ? 3.324   -2.577  11.708  1.00 44.93  ? 162 TYR A CG  1 
ATOM   514  C CD1 . TYR A 1 69  ? 4.700   -2.327  11.485  1.00 45.26  ? 162 TYR A CD1 1 
ATOM   515  C CD2 . TYR A 1 69  ? 2.879   -2.702  13.024  1.00 46.26  ? 162 TYR A CD2 1 
ATOM   516  C CE1 . TYR A 1 69  ? 5.573   -2.189  12.529  1.00 49.11  ? 162 TYR A CE1 1 
ATOM   517  C CE2 . TYR A 1 69  ? 3.760   -2.564  14.086  1.00 47.11  ? 162 TYR A CE2 1 
ATOM   518  C CZ  . TYR A 1 69  ? 5.083   -2.305  13.836  1.00 51.35  ? 162 TYR A CZ  1 
ATOM   519  O OH  . TYR A 1 69  ? 5.946   -2.156  14.872  1.00 57.82  ? 162 TYR A OH  1 
ATOM   520  N N   . ILE A 1 70  ? 4.070   -3.615  8.173   1.00 40.28  ? 163 ILE A N   1 
ATOM   521  C CA  . ILE A 1 70  ? 5.361   -3.502  7.535   1.00 40.14  ? 163 ILE A CA  1 
ATOM   522  C C   . ILE A 1 70  ? 5.668   -2.050  7.459   1.00 39.27  ? 163 ILE A C   1 
ATOM   523  O O   . ILE A 1 70  ? 4.823   -1.234  7.058   1.00 34.18  ? 163 ILE A O   1 
ATOM   524  C CB  . ILE A 1 70  ? 5.367   -4.085  6.116   1.00 44.88  ? 163 ILE A CB  1 
ATOM   525  C CG1 . ILE A 1 70  ? 5.331   -5.591  6.226   1.00 46.81  ? 163 ILE A CG1 1 
ATOM   526  C CG2 . ILE A 1 70  ? 6.637   -3.690  5.370   1.00 47.50  ? 163 ILE A CG2 1 
ATOM   527  C CD1 . ILE A 1 70  ? 5.004   -6.298  4.942   1.00 52.78  ? 163 ILE A CD1 1 
ATOM   528  N N   . GLU A 1 71  ? 6.895   -1.750  7.861   1.00 38.71  ? 164 GLU A N   1 
ATOM   529  C CA  . GLU A 1 71  ? 7.387   -0.410  8.033   1.00 42.55  ? 164 GLU A CA  1 
ATOM   530  C C   . GLU A 1 71  ? 8.693   -0.273  7.268   1.00 40.26  ? 164 GLU A C   1 
ATOM   531  O O   . GLU A 1 71  ? 9.583   -1.089  7.434   1.00 40.27  ? 164 GLU A O   1 
ATOM   532  C CB  . GLU A 1 71  ? 7.643   -0.181  9.497   1.00 43.81  ? 164 GLU A CB  1 
ATOM   533  C CG  . GLU A 1 71  ? 8.028   1.234   9.855   1.00 54.96  ? 164 GLU A CG  1 
ATOM   534  C CD  . GLU A 1 71  ? 8.031   1.424   11.367  1.00 59.10  ? 164 GLU A CD  1 
ATOM   535  O OE1 . GLU A 1 71  ? 9.061   1.097   12.001  1.00 72.89  ? 164 GLU A OE1 1 
ATOM   536  O OE2 . GLU A 1 71  ? 7.009   1.886   11.912  1.00 56.10  ? 164 GLU A OE2 1 
ATOM   537  N N   . LEU A 1 72  ? 8.801   0.753   6.450   1.00 36.81  ? 165 LEU A N   1 
ATOM   538  C CA  . LEU A 1 72  ? 10.028  1.028   5.701   1.00 38.77  ? 165 LEU A CA  1 
ATOM   539  C C   . LEU A 1 72  ? 10.433  2.494   5.881   1.00 45.77  ? 165 LEU A C   1 
ATOM   540  O O   . LEU A 1 72  ? 9.592   3.378   5.933   1.00 44.98  ? 165 LEU A O   1 
ATOM   541  C CB  . LEU A 1 72  ? 9.808   0.745   4.208   1.00 42.02  ? 165 LEU A CB  1 
ATOM   542  C CG  . LEU A 1 72  ? 9.541   -0.710  3.864   1.00 44.99  ? 165 LEU A CG  1 
ATOM   543  C CD1 . LEU A 1 72  ? 9.303   -0.809  2.381   1.00 48.03  ? 165 LEU A CD1 1 
ATOM   544  C CD2 . LEU A 1 72  ? 10.646  -1.679  4.311   1.00 45.92  ? 165 LEU A CD2 1 
ATOM   545  N N   . ARG A 1 73  ? 11.733  2.753   5.956   1.00 52.54  ? 166 ARG A N   1 
ATOM   546  C CA  . ARG A 1 73  ? 12.237  4.119   5.979   1.00 56.70  ? 166 ARG A CA  1 
ATOM   547  C C   . ARG A 1 73  ? 12.867  4.316   4.612   1.00 53.02  ? 166 ARG A C   1 
ATOM   548  O O   . ARG A 1 73  ? 13.802  3.640   4.243   1.00 53.28  ? 166 ARG A O   1 
ATOM   549  C CB  . ARG A 1 73  ? 13.229  4.342   7.123   1.00 62.55  ? 166 ARG A CB  1 
ATOM   550  C CG  . ARG A 1 73  ? 13.292  5.776   7.646   1.00 75.04  ? 166 ARG A CG  1 
ATOM   551  C CD  . ARG A 1 73  ? 14.464  5.951   8.606   1.00 84.76  ? 166 ARG A CD  1 
ATOM   552  N NE  . ARG A 1 73  ? 15.724  5.550   7.941   1.00 91.90  ? 166 ARG A NE  1 
ATOM   553  C CZ  . ARG A 1 73  ? 16.780  4.961   8.517   1.00 93.58  ? 166 ARG A CZ  1 
ATOM   554  N NH1 . ARG A 1 73  ? 16.820  4.680   9.821   1.00 98.87  ? 166 ARG A NH1 1 
ATOM   555  N NH2 . ARG A 1 73  ? 17.831  4.649   7.771   1.00 98.30  ? 166 ARG A NH2 1 
ATOM   556  N N   . ILE A 1 74  ? 12.299  5.233   3.866   1.00 49.85  ? 167 ILE A N   1 
ATOM   557  C CA  . ILE A 1 74  ? 12.684  5.510   2.501   1.00 58.08  ? 167 ILE A CA  1 
ATOM   558  C C   . ILE A 1 74  ? 13.046  6.994   2.474   1.00 58.48  ? 167 ILE A C   1 
ATOM   559  O O   . ILE A 1 74  ? 12.170  7.850   2.704   1.00 60.12  ? 167 ILE A O   1 
ATOM   560  C CB  . ILE A 1 74  ? 11.487  5.226   1.570   1.00 60.50  ? 167 ILE A CB  1 
ATOM   561  C CG1 . ILE A 1 74  ? 11.233  3.703   1.518   1.00 59.79  ? 167 ILE A CG1 1 
ATOM   562  C CG2 . ILE A 1 74  ? 11.694  5.863   0.188   1.00 61.98  ? 167 ILE A CG2 1 
ATOM   563  C CD1 . ILE A 1 74  ? 9.948   3.342   0.795   1.00 60.92  ? 167 ILE A CD1 1 
ATOM   564  N N   . ASN A 1 75  ? 14.329  7.288   2.246   1.00 57.18  ? 168 ASN A N   1 
ATOM   565  C CA  . ASN A 1 75  ? 14.849  8.667   2.288   1.00 58.36  ? 168 ASN A CA  1 
ATOM   566  C C   . ASN A 1 75  ? 14.465  9.403   3.536   1.00 54.65  ? 168 ASN A C   1 
ATOM   567  O O   . ASN A 1 75  ? 13.890  10.485  3.485   1.00 60.11  ? 168 ASN A O   1 
ATOM   568  C CB  . ASN A 1 75  ? 14.345  9.419   1.063   1.00 60.18  ? 168 ASN A CB  1 
ATOM   569  C CG  . ASN A 1 75  ? 14.762  8.733   -0.210  1.00 60.47  ? 168 ASN A CG  1 
ATOM   570  O OD1 . ASN A 1 75  ? 15.863  8.150   -0.281  1.00 53.66  ? 168 ASN A OD1 1 
ATOM   571  N ND2 . ASN A 1 75  ? 13.883  8.746   -1.204  1.00 58.77  ? 168 ASN A ND2 1 
ATOM   572  N N   . ASP A 1 76  ? 14.749  8.756   4.648   1.00 54.97  ? 169 ASP A N   1 
ATOM   573  C CA  . ASP A 1 76  ? 14.448  9.228   5.994   1.00 69.75  ? 169 ASP A CA  1 
ATOM   574  C C   . ASP A 1 76  ? 12.956  9.522   6.332   1.00 67.16  ? 169 ASP A C   1 
ATOM   575  O O   . ASP A 1 76  ? 12.684  10.122  7.369   1.00 81.11  ? 169 ASP A O   1 
ATOM   576  C CB  . ASP A 1 76  ? 15.421  10.365  6.399   1.00 76.72  ? 169 ASP A CB  1 
ATOM   577  C CG  . ASP A 1 76  ? 16.537  9.867   7.348   1.00 90.51  ? 169 ASP A CG  1 
ATOM   578  O OD1 . ASP A 1 76  ? 17.429  9.049   6.959   1.00 78.16  ? 169 ASP A OD1 1 
ATOM   579  O OD2 . ASP A 1 76  ? 16.491  10.287  8.519   1.00 109.53 ? 169 ASP A OD2 1 
ATOM   580  N N   . GLN A 1 77  ? 12.016  9.047   5.499   1.00 68.47  ? 170 GLN A N   1 
ATOM   581  C CA  . GLN A 1 77  ? 10.557  9.068   5.792   1.00 64.83  ? 170 GLN A CA  1 
ATOM   582  C C   . GLN A 1 77  ? 10.074  7.664   6.175   1.00 57.80  ? 170 GLN A C   1 
ATOM   583  O O   . GLN A 1 77  ? 10.228  6.704   5.409   1.00 56.39  ? 170 GLN A O   1 
ATOM   584  C CB  . GLN A 1 77  ? 9.743   9.561   4.589   1.00 71.48  ? 170 GLN A CB  1 
ATOM   585  C CG  . GLN A 1 77  ? 8.232   9.729   4.882   1.00 79.57  ? 170 GLN A CG  1 
ATOM   586  C CD  . GLN A 1 77  ? 7.670   11.114  4.540   1.00 81.81  ? 170 GLN A CD  1 
ATOM   587  O OE1 . GLN A 1 77  ? 8.401   12.105  4.483   1.00 91.41  ? 170 GLN A OE1 1 
ATOM   588  N NE2 . GLN A 1 77  ? 6.358   11.190  4.338   1.00 87.90  ? 170 GLN A NE2 1 
ATOM   589  N N   . LEU A 1 78  ? 9.486   7.549   7.352   1.00 52.77  ? 171 LEU A N   1 
ATOM   590  C CA  . LEU A 1 78  ? 8.912   6.296   7.809   1.00 53.58  ? 171 LEU A CA  1 
ATOM   591  C C   . LEU A 1 78  ? 7.546   6.115   7.120   1.00 47.88  ? 171 LEU A C   1 
ATOM   592  O O   . LEU A 1 78  ? 6.824   7.077   6.949   1.00 51.69  ? 171 LEU A O   1 
ATOM   593  C CB  . LEU A 1 78  ? 8.773   6.306   9.320   1.00 65.79  ? 171 LEU A CB  1 
ATOM   594  C CG  . LEU A 1 78  ? 8.663   4.933   9.959   1.00 73.83  ? 171 LEU A CG  1 
ATOM   595  C CD1 . LEU A 1 78  ? 10.077  4.410   10.193  1.00 81.08  ? 171 LEU A CD1 1 
ATOM   596  C CD2 . LEU A 1 78  ? 7.824   4.980   11.242  1.00 76.62  ? 171 LEU A CD2 1 
ATOM   597  N N   . ALA A 1 79  ? 7.255   4.899   6.638   1.00 42.13  ? 172 ALA A N   1 
ATOM   598  C CA  . ALA A 1 79  ? 5.934   4.527   6.095   1.00 40.75  ? 172 ALA A CA  1 
ATOM   599  C C   . ALA A 1 79  ? 5.578   3.192   6.709   1.00 41.07  ? 172 ALA A C   1 
ATOM   600  O O   . ALA A 1 79  ? 6.365   2.238   6.598   1.00 40.47  ? 172 ALA A O   1 
ATOM   601  C CB  . ALA A 1 79  ? 5.928   4.472   4.562   1.00 39.58  ? 172 ALA A CB  1 
ATOM   602  N N   . ARG A 1 80  ? 4.433   3.143   7.418   1.00 34.83  ? 173 ARG A N   1 
ATOM   603  C CA  . ARG A 1 80  ? 3.979   1.927   8.074   1.00 34.10  ? 173 ARG A CA  1 
ATOM   604  C C   . ARG A 1 80  ? 2.612   1.536   7.545   1.00 34.72  ? 173 ARG A C   1 
ATOM   605  O O   . ARG A 1 80  ? 1.663   2.337   7.577   1.00 34.52  ? 173 ARG A O   1 
ATOM   606  C CB  . ARG A 1 80  ? 3.922   2.078   9.601   1.00 36.22  ? 173 ARG A CB  1 
ATOM   607  C CG  . ARG A 1 80  ? 3.325   0.830   10.286  1.00 39.18  ? 173 ARG A CG  1 
ATOM   608  C CD  . ARG A 1 80  ? 3.002   1.108   11.721  1.00 41.44  ? 173 ARG A CD  1 
ATOM   609  N NE  . ARG A 1 80  ? 4.250   1.341   12.454  1.00 43.68  ? 173 ARG A NE  1 
ATOM   610  C CZ  . ARG A 1 80  ? 4.311   1.623   13.751  1.00 51.24  ? 173 ARG A CZ  1 
ATOM   611  N NH1 . ARG A 1 80  ? 3.197   1.673   14.479  1.00 48.96  ? 173 ARG A NH1 1 
ATOM   612  N NH2 . ARG A 1 80  ? 5.488   1.873   14.307  1.00 48.92  ? 173 ARG A NH2 1 
ATOM   613  N N   . LEU A 1 81  ? 2.503   0.293   7.080   1.00 33.98  ? 174 LEU A N   1 
ATOM   614  C CA  . LEU A 1 81  ? 1.269   -0.213  6.503   1.00 30.75  ? 174 LEU A CA  1 
ATOM   615  C C   . LEU A 1 81  ? 0.872   -1.359  7.300   1.00 32.20  ? 174 LEU A C   1 
ATOM   616  O O   . LEU A 1 81  ? 1.593   -2.369  7.352   1.00 28.94  ? 174 LEU A O   1 
ATOM   617  C CB  . LEU A 1 81  ? 1.450   -0.646  5.046   1.00 30.31  ? 174 LEU A CB  1 
ATOM   618  C CG  . LEU A 1 81  ? 1.929   0.499   4.140   1.00 32.96  ? 174 LEU A CG  1 
ATOM   619  C CD1 . LEU A 1 81  ? 2.143   -0.070  2.744   1.00 34.04  ? 174 LEU A CD1 1 
ATOM   620  C CD2 . LEU A 1 81  ? 1.023   1.739   4.071   1.00 32.63  ? 174 LEU A CD2 1 
ATOM   621  N N   . TYR A 1 82  ? -0.290  -1.236  7.937   1.00 30.51  ? 175 TYR A N   1 
ATOM   622  C CA  . TYR A 1 82  ? -0.872  -2.291  8.710   1.00 28.04  ? 175 TYR A CA  1 
ATOM   623  C C   . TYR A 1 82  ? -1.433  -3.328  7.810   1.00 31.95  ? 175 TYR A C   1 
ATOM   624  O O   . TYR A 1 82  ? -2.090  -2.989  6.833   1.00 32.42  ? 175 TYR A O   1 
ATOM   625  C CB  . TYR A 1 82  ? -1.994  -1.729  9.608   1.00 29.47  ? 175 TYR A CB  1 
ATOM   626  C CG  . TYR A 1 82  ? -1.435  -0.954  10.731  1.00 30.61  ? 175 TYR A CG  1 
ATOM   627  C CD1 . TYR A 1 82  ? -1.027  -1.600  11.889  1.00 34.99  ? 175 TYR A CD1 1 
ATOM   628  C CD2 . TYR A 1 82  ? -1.258  0.397   10.642  1.00 32.07  ? 175 TYR A CD2 1 
ATOM   629  C CE1 . TYR A 1 82  ? -0.453  -0.899  12.933  1.00 37.76  ? 175 TYR A CE1 1 
ATOM   630  C CE2 . TYR A 1 82  ? -0.675  1.087   11.660  1.00 36.99  ? 175 TYR A CE2 1 
ATOM   631  C CZ  . TYR A 1 82  ? -0.299  0.428   12.809  1.00 36.86  ? 175 TYR A CZ  1 
ATOM   632  O OH  . TYR A 1 82  ? 0.278   1.145   13.797  1.00 40.88  ? 175 TYR A OH  1 
ATOM   633  N N   . ILE A 1 83  ? -1.249  -4.605  8.155   1.00 29.30  ? 176 ILE A N   1 
ATOM   634  C CA  . ILE A 1 83  ? -1.678  -5.680  7.279   1.00 30.19  ? 176 ILE A CA  1 
ATOM   635  C C   . ILE A 1 83  ? -3.077  -6.146  7.682   1.00 30.35  ? 176 ILE A C   1 
ATOM   636  O O   . ILE A 1 83  ? -3.299  -6.513  8.811   1.00 32.66  ? 176 ILE A O   1 
ATOM   637  C CB  . ILE A 1 83  ? -0.614  -6.794  7.316   1.00 35.07  ? 176 ILE A CB  1 
ATOM   638  C CG1 . ILE A 1 83  ? 0.656   -6.266  6.659   1.00 40.24  ? 176 ILE A CG1 1 
ATOM   639  C CG2 . ILE A 1 83  ? -1.030  -8.062  6.580   1.00 34.34  ? 176 ILE A CG2 1 
ATOM   640  C CD1 . ILE A 1 83  ? 1.827   -7.182  6.946   1.00 51.04  ? 176 ILE A CD1 1 
ATOM   641  N N   . ILE A 1 84  ? -4.012  -6.120  6.726   1.00 29.38  ? 177 ILE A N   1 
ATOM   642  C CA  . ILE A 1 84  ? -5.407  -6.389  6.931   1.00 30.99  ? 177 ILE A CA  1 
ATOM   643  C C   . ILE A 1 84  ? -5.937  -7.475  5.993   1.00 26.85  ? 177 ILE A C   1 
ATOM   644  O O   . ILE A 1 84  ? -6.468  -7.179  4.918   1.00 27.27  ? 177 ILE A O   1 
ATOM   645  C CB  . ILE A 1 84  ? -6.214  -5.124  6.683   1.00 32.04  ? 177 ILE A CB  1 
ATOM   646  C CG1 . ILE A 1 84  ? -5.597  -3.921  7.421   1.00 33.60  ? 177 ILE A CG1 1 
ATOM   647  C CG2 . ILE A 1 84  ? -7.671  -5.385  7.042   1.00 32.43  ? 177 ILE A CG2 1 
ATOM   648  C CD1 . ILE A 1 84  ? -5.735  -3.961  8.914   1.00 40.41  ? 177 ILE A CD1 1 
ATOM   649  N N   . PRO A 1 85  ? -5.796  -8.750  6.371   1.00 28.19  ? 178 PRO A N   1 
ATOM   650  C CA  . PRO A 1 85  ? -6.225  -9.830  5.512   1.00 28.32  ? 178 PRO A CA  1 
ATOM   651  C C   . PRO A 1 85  ? -7.699  -10.078 5.556   1.00 31.07  ? 178 PRO A C   1 
ATOM   652  O O   . PRO A 1 85  ? -8.409  -9.647  6.487   1.00 30.28  ? 178 PRO A O   1 
ATOM   653  C CB  . PRO A 1 85  ? -5.518  -11.071 6.104   1.00 31.13  ? 178 PRO A CB  1 
ATOM   654  C CG  . PRO A 1 85  ? -4.480  -10.534 7.014   1.00 30.95  ? 178 PRO A CG  1 
ATOM   655  C CD  . PRO A 1 85  ? -5.026  -9.246  7.531   1.00 30.49  ? 178 PRO A CD  1 
ATOM   656  N N   . GLY A 1 86  ? -8.165  -10.763 4.529   1.00 33.31  ? 179 GLY A N   1 
ATOM   657  C CA  . GLY A 1 86  ? -9.472  -11.324 4.538   1.00 33.27  ? 179 GLY A CA  1 
ATOM   658  C C   . GLY A 1 86  ? -10.605 -10.415 4.227   1.00 34.14  ? 179 GLY A C   1 
ATOM   659  O O   . GLY A 1 86  ? -11.735 -10.640 4.660   1.00 40.61  ? 179 GLY A O   1 
ATOM   660  N N   . ILE A 1 87  ? -10.329 -9.360  3.499   1.00 38.28  ? 180 ILE A N   1 
ATOM   661  C CA  . ILE A 1 87  ? -11.393 -8.442  3.087   1.00 35.06  ? 180 ILE A CA  1 
ATOM   662  C C   . ILE A 1 87  ? -11.971 -8.958  1.776   1.00 36.48  ? 180 ILE A C   1 
ATOM   663  O O   . ILE A 1 87  ? -11.230 -9.119  0.825   1.00 36.77  ? 180 ILE A O   1 
ATOM   664  C CB  . ILE A 1 87  ? -10.887 -6.994  2.956   1.00 32.40  ? 180 ILE A CB  1 
ATOM   665  C CG1 . ILE A 1 87  ? -10.268 -6.508  4.290   1.00 32.87  ? 180 ILE A CG1 1 
ATOM   666  C CG2 . ILE A 1 87  ? -11.978 -6.096  2.434   1.00 33.65  ? 180 ILE A CG2 1 
ATOM   667  C CD1 . ILE A 1 87  ? -11.021 -6.899  5.571   1.00 32.34  ? 180 ILE A CD1 1 
ATOM   668  N N   . PRO A 1 88  ? -13.302 -9.196  1.729   1.00 39.23  ? 181 PRO A N   1 
ATOM   669  C CA  . PRO A 1 88  ? -13.892 -9.780  0.519   1.00 41.30  ? 181 PRO A CA  1 
ATOM   670  C C   . PRO A 1 88  ? -13.628 -8.949  -0.734  1.00 42.38  ? 181 PRO A C   1 
ATOM   671  O O   . PRO A 1 88  ? -13.789 -7.713  -0.699  1.00 40.60  ? 181 PRO A O   1 
ATOM   672  C CB  . PRO A 1 88  ? -15.401 -9.831  0.835   1.00 44.15  ? 181 PRO A CB  1 
ATOM   673  C CG  . PRO A 1 88  ? -15.514 -9.744  2.314   1.00 48.30  ? 181 PRO A CG  1 
ATOM   674  C CD  . PRO A 1 88  ? -14.303 -8.998  2.808   1.00 42.56  ? 181 PRO A CD  1 
ATOM   675  N N   . LYS A 1 89  ? -13.240 -9.641  -1.812  1.00 46.11  ? 182 LYS A N   1 
ATOM   676  C CA  . LYS A 1 89  ? -13.036 -9.048  -3.116  1.00 51.02  ? 182 LYS A CA  1 
ATOM   677  C C   . LYS A 1 89  ? -14.228 -8.315  -3.696  1.00 47.21  ? 182 LYS A C   1 
ATOM   678  O O   . LYS A 1 89  ? -14.017 -7.442  -4.512  1.00 49.18  ? 182 LYS A O   1 
ATOM   679  C CB  . LYS A 1 89  ? -12.515 -10.066 -4.154  1.00 61.46  ? 182 LYS A CB  1 
ATOM   680  C CG  . LYS A 1 89  ? -11.062 -9.803  -4.559  1.00 70.27  ? 182 LYS A CG  1 
ATOM   681  C CD  . LYS A 1 89  ? -10.772 -10.089 -6.031  1.00 80.56  ? 182 LYS A CD  1 
ATOM   682  C CE  . LYS A 1 89  ? -11.176 -11.491 -6.422  1.00 87.95  ? 182 LYS A CE  1 
ATOM   683  N NZ  . LYS A 1 89  ? -10.587 -12.484 -5.473  1.00 96.58  ? 182 LYS A NZ  1 
ATOM   684  N N   . ASP A 1 90  ? -15.454 -8.655  -3.298  1.00 47.57  ? 183 ASP A N   1 
ATOM   685  C CA  . ASP A 1 90  ? -16.650 -7.905  -3.731  1.00 50.24  ? 183 ASP A CA  1 
ATOM   686  C C   . ASP A 1 90  ? -16.993 -6.662  -2.887  1.00 48.30  ? 183 ASP A C   1 
ATOM   687  O O   . ASP A 1 90  ? -17.999 -5.992  -3.143  1.00 52.76  ? 183 ASP A O   1 
ATOM   688  C CB  . ASP A 1 90  ? -17.859 -8.844  -3.838  1.00 55.03  ? 183 ASP A CB  1 
ATOM   689  C CG  . ASP A 1 90  ? -18.300 -9.422  -2.507  1.00 59.60  ? 183 ASP A CG  1 
ATOM   690  O OD1 . ASP A 1 90  ? -17.930 -8.946  -1.417  1.00 60.33  ? 183 ASP A OD1 1 
ATOM   691  O OD2 . ASP A 1 90  ? -19.053 -10.398 -2.547  1.00 70.25  ? 183 ASP A OD2 1 
ATOM   692  N N   . THR A 1 91  ? -16.159 -6.336  -1.895  1.00 49.90  ? 184 THR A N   1 
ATOM   693  C CA  . THR A 1 91  ? -16.311 -5.075  -1.150  1.00 45.70  ? 184 THR A CA  1 
ATOM   694  C C   . THR A 1 91  ? -16.360 -3.867  -2.121  1.00 50.25  ? 184 THR A C   1 
ATOM   695  O O   . THR A 1 91  ? -15.556 -3.771  -3.025  1.00 54.02  ? 184 THR A O   1 
ATOM   696  C CB  . THR A 1 91  ? -15.173 -4.869  -0.159  1.00 41.86  ? 184 THR A CB  1 
ATOM   697  O OG1 . THR A 1 91  ? -15.044 -6.014  0.717   1.00 42.49  ? 184 THR A OG1 1 
ATOM   698  C CG2 . THR A 1 91  ? -15.387 -3.601  0.663   1.00 41.33  ? 184 THR A CG2 1 
ATOM   699  N N   . LYS A 1 92  ? -17.333 -2.987  -1.949  1.00 51.97  ? 185 LYS A N   1 
ATOM   700  C CA  . LYS A 1 92  ? -17.477 -1.802  -2.782  1.00 51.48  ? 185 LYS A CA  1 
ATOM   701  C C   . LYS A 1 92  ? -16.671 -0.706  -2.098  1.00 45.00  ? 185 LYS A C   1 
ATOM   702  O O   . LYS A 1 92  ? -16.947 -0.310  -0.972  1.00 50.09  ? 185 LYS A O   1 
ATOM   703  C CB  . LYS A 1 92  ? -18.984 -1.406  -2.954  1.00 60.10  ? 185 LYS A CB  1 
ATOM   704  C CG  . LYS A 1 92  ? -19.875 -2.377  -3.776  1.00 59.67  ? 185 LYS A CG  1 
ATOM   705  C CD  . LYS A 1 92  ? -19.216 -2.931  -5.057  1.00 59.71  ? 185 LYS A CD  1 
ATOM   706  N N   . PHE A 1 93  ? -15.625 -0.269  -2.782  1.00 46.76  ? 186 PHE A N   1 
ATOM   707  C CA  . PHE A 1 93  ? -14.741 0.748   -2.323  1.00 42.39  ? 186 PHE A CA  1 
ATOM   708  C C   . PHE A 1 93  ? -15.077 2.019   -3.066  1.00 45.32  ? 186 PHE A C   1 
ATOM   709  O O   . PHE A 1 93  ? -15.200 1.990   -4.261  1.00 54.50  ? 186 PHE A O   1 
ATOM   710  C CB  . PHE A 1 93  ? -13.329 0.357   -2.672  1.00 41.45  ? 186 PHE A CB  1 
ATOM   711  C CG  . PHE A 1 93  ? -12.845 -0.870  -1.950  1.00 41.03  ? 186 PHE A CG  1 
ATOM   712  C CD1 . PHE A 1 93  ? -12.497 -0.787  -0.621  1.00 38.84  ? 186 PHE A CD1 1 
ATOM   713  C CD2 . PHE A 1 93  ? -12.743 -2.086  -2.604  1.00 37.30  ? 186 PHE A CD2 1 
ATOM   714  C CE1 . PHE A 1 93  ? -12.062 -1.887  0.058   1.00 38.69  ? 186 PHE A CE1 1 
ATOM   715  C CE2 . PHE A 1 93  ? -12.307 -3.201  -1.931  1.00 37.93  ? 186 PHE A CE2 1 
ATOM   716  C CZ  . PHE A 1 93  ? -11.957 -3.096  -0.604  1.00 37.75  ? 186 PHE A CZ  1 
ATOM   717  N N   . ASN A 1 94  ? -15.172 3.140   -2.367  1.00 55.47  ? 187 ASN A N   1 
ATOM   718  C CA  . ASN A 1 94  ? -15.460 4.445   -2.970  1.00 57.24  ? 187 ASN A CA  1 
ATOM   719  C C   . ASN A 1 94  ? -14.708 5.488   -2.203  1.00 53.07  ? 187 ASN A C   1 
ATOM   720  O O   . ASN A 1 94  ? -15.038 5.771   -1.066  1.00 56.21  ? 187 ASN A O   1 
ATOM   721  C CB  . ASN A 1 94  ? -16.957 4.785   -2.887  1.00 62.41  ? 187 ASN A CB  1 
ATOM   722  C CG  . ASN A 1 94  ? -17.796 3.878   -3.751  1.00 76.71  ? 187 ASN A CG  1 
ATOM   723  O OD1 . ASN A 1 94  ? -18.648 3.123   -3.251  1.00 84.45  ? 187 ASN A OD1 1 
ATOM   724  N ND2 . ASN A 1 94  ? -17.542 3.913   -5.064  1.00 78.05  ? 187 ASN A ND2 1 
ATOM   725  N N   . PRO A 1 95  ? -13.739 6.132   -2.828  1.00 54.72  ? 188 PRO A N   1 
ATOM   726  C CA  . PRO A 1 95  ? -13.102 7.207   -2.069  1.00 54.89  ? 188 PRO A CA  1 
ATOM   727  C C   . PRO A 1 95  ? -14.015 8.370   -1.724  1.00 62.82  ? 188 PRO A C   1 
ATOM   728  O O   . PRO A 1 95  ? -15.049 8.595   -2.397  1.00 57.45  ? 188 PRO A O   1 
ATOM   729  C CB  . PRO A 1 95  ? -12.006 7.693   -3.005  1.00 56.58  ? 188 PRO A CB  1 
ATOM   730  C CG  . PRO A 1 95  ? -12.496 7.329   -4.340  1.00 60.51  ? 188 PRO A CG  1 
ATOM   731  C CD  . PRO A 1 95  ? -13.303 6.087   -4.233  1.00 58.16  ? 188 PRO A CD  1 
ATOM   732  N N   . LYS A 1 96  ? -13.678 9.061   -0.637  0.50 68.14  ? 189 LYS A N   1 
ATOM   733  C CA  . LYS A 1 96  ? -14.330 10.310  -0.272  0.50 75.74  ? 189 LYS A CA  1 
ATOM   734  C C   . LYS A 1 96  ? -13.673 11.373  -1.130  0.50 78.86  ? 189 LYS A C   1 
ATOM   735  O O   . LYS A 1 96  ? -14.324 12.192  -1.782  0.50 75.70  ? 189 LYS A O   1 
ATOM   736  C CB  . LYS A 1 96  ? -14.084 10.647  1.201   0.50 80.55  ? 189 LYS A CB  1 
ATOM   737  C CG  . LYS A 1 96  ? -14.395 9.534   2.200   0.50 85.20  ? 189 LYS A CG  1 
ATOM   738  C CD  . LYS A 1 96  ? -15.806 8.983   2.041   0.50 86.30  ? 189 LYS A CD  1 
ATOM   739  C CE  . LYS A 1 96  ? -15.777 7.572   1.483   0.50 85.73  ? 189 LYS A CE  1 
ATOM   740  N NZ  . LYS A 1 96  ? -17.036 7.192   0.785   0.50 85.13  ? 189 LYS A NZ  1 
ATOM   741  N N   . THR A 1 97  ? -12.347 11.309  -1.113  0.50 81.99  ? 190 THR A N   1 
ATOM   742  C CA  . THR A 1 97  ? -11.481 12.268  -1.766  0.50 79.80  ? 190 THR A CA  1 
ATOM   743  C C   . THR A 1 97  ? -11.320 11.955  -3.263  0.50 80.16  ? 190 THR A C   1 
ATOM   744  O O   . THR A 1 97  ? -10.230 11.563  -3.703  0.50 71.23  ? 190 THR A O   1 
ATOM   745  C CB  . THR A 1 97  ? -10.092 12.270  -1.070  0.50 79.30  ? 190 THR A CB  1 
ATOM   746  O OG1 . THR A 1 97  ? -9.530  10.949  -1.070  0.50 69.90  ? 190 THR A OG1 1 
ATOM   747  C CG2 . THR A 1 97  ? -10.202 12.757  0.382   0.50 76.56  ? 190 THR A CG2 1 
ATOM   748  N N   . ARG A 1 98  ? -12.388 12.132  -4.049  0.50 78.69  ? 191 ARG A N   1 
ATOM   749  C CA  . ARG A 1 98  ? -12.322 11.795  -5.476  0.50 75.61  ? 191 ARG A CA  1 
ATOM   750  C C   . ARG A 1 98  ? -11.582 12.848  -6.300  0.50 71.03  ? 191 ARG A C   1 
ATOM   751  O O   . ARG A 1 98  ? -11.372 12.675  -7.502  0.50 71.41  ? 191 ARG A O   1 
ATOM   752  C CB  . ARG A 1 98  ? -13.701 11.503  -6.070  0.50 79.33  ? 191 ARG A CB  1 
ATOM   753  C CG  . ARG A 1 98  ? -13.983 10.011  -6.183  0.50 82.45  ? 191 ARG A CG  1 
ATOM   754  C CD  . ARG A 1 98  ? -14.421 9.580   -7.578  0.50 85.12  ? 191 ARG A CD  1 
ATOM   755  N NE  . ARG A 1 98  ? -13.313 9.043   -8.375  0.50 85.83  ? 191 ARG A NE  1 
ATOM   756  C CZ  . ARG A 1 98  ? -13.368 8.840   -9.691  0.50 87.04  ? 191 ARG A CZ  1 
ATOM   757  N NH1 . ARG A 1 98  ? -14.471 9.136   -10.365 0.50 88.20  ? 191 ARG A NH1 1 
ATOM   758  N NH2 . ARG A 1 98  ? -12.322 8.350   -10.339 0.50 83.83  ? 191 ARG A NH2 1 
ATOM   759  N N   . ARG A 1 99  ? -11.164 13.923  -5.645  0.50 63.92  ? 192 ARG A N   1 
ATOM   760  C CA  . ARG A 1 99  ? -10.216 14.856  -6.243  0.50 60.32  ? 192 ARG A CA  1 
ATOM   761  C C   . ARG A 1 99  ? -8.765  14.368  -6.131  0.50 52.44  ? 192 ARG A C   1 
ATOM   762  O O   . ARG A 1 99  ? -7.875  14.938  -6.761  0.50 44.65  ? 192 ARG A O   1 
ATOM   763  C CB  . ARG A 1 99  ? -10.343 16.232  -5.583  0.50 67.66  ? 192 ARG A CB  1 
ATOM   764  C CG  . ARG A 1 99  ? -11.482 17.081  -6.122  0.50 71.83  ? 192 ARG A CG  1 
ATOM   765  C CD  . ARG A 1 99  ? -11.627 18.385  -5.355  0.50 76.66  ? 192 ARG A CD  1 
ATOM   766  N NE  . ARG A 1 99  ? -11.875 19.504  -6.258  0.50 83.97  ? 192 ARG A NE  1 
ATOM   767  C CZ  . ARG A 1 99  ? -13.077 19.865  -6.693  0.50 87.79  ? 192 ARG A CZ  1 
ATOM   768  N NH1 . ARG A 1 99  ? -14.160 19.207  -6.300  0.50 91.92  ? 192 ARG A NH1 1 
ATOM   769  N NH2 . ARG A 1 99  ? -13.197 20.894  -7.520  0.50 87.82  ? 192 ARG A NH2 1 
ATOM   770  N N   . GLU A 1 100 ? -8.540  13.330  -5.318  1.00 46.58  ? 193 GLU A N   1 
ATOM   771  C CA  . GLU A 1 100 ? -7.183  12.763  -5.019  1.00 46.91  ? 193 GLU A CA  1 
ATOM   772  C C   . GLU A 1 100 ? -6.951  11.354  -5.546  1.00 36.33  ? 193 GLU A C   1 
ATOM   773  O O   . GLU A 1 100 ? -5.818  11.041  -5.845  1.00 36.89  ? 193 GLU A O   1 
ATOM   774  C CB  . GLU A 1 100 ? -6.971  12.799  -3.511  1.00 53.15  ? 193 GLU A CB  1 
ATOM   775  C CG  . GLU A 1 100 ? -7.414  14.170  -2.962  1.00 74.13  ? 193 GLU A CG  1 
ATOM   776  C CD  . GLU A 1 100 ? -7.098  14.434  -1.494  1.00 80.47  ? 193 GLU A CD  1 
ATOM   777  O OE1 . GLU A 1 100 ? -5.917  14.277  -1.114  1.00 83.88  ? 193 GLU A OE1 1 
ATOM   778  O OE2 . GLU A 1 100 ? -8.032  14.841  -0.746  1.00 92.22  ? 193 GLU A OE2 1 
ATOM   779  N N   . ILE A 1 101 ? -8.010  10.552  -5.683  1.00 32.52  ? 194 ILE A N   1 
ATOM   780  C CA  . ILE A 1 101 ? -7.964  9.141   -6.102  1.00 36.79  ? 194 ILE A CA  1 
ATOM   781  C C   . ILE A 1 101 ? -8.730  8.898   -7.434  1.00 33.48  ? 194 ILE A C   1 
ATOM   782  O O   . ILE A 1 101 ? -9.950  9.152   -7.557  1.00 36.64  ? 194 ILE A O   1 
ATOM   783  C CB  . ILE A 1 101 ? -8.529  8.193   -5.008  1.00 35.92  ? 194 ILE A CB  1 
ATOM   784  C CG1 . ILE A 1 101 ? -7.759  8.386   -3.701  1.00 35.46  ? 194 ILE A CG1 1 
ATOM   785  C CG2 . ILE A 1 101 ? -8.501  6.736   -5.473  1.00 37.47  ? 194 ILE A CG2 1 
ATOM   786  C CD1 . ILE A 1 101 ? -6.302  7.986   -3.745  1.00 36.83  ? 194 ILE A CD1 1 
ATOM   787  N N   . ARG A 1 102 ? -7.994  8.419   -8.426  1.00 31.25  ? 195 ARG A N   1 
ATOM   788  C CA  . ARG A 1 102 ? -8.547  8.131   -9.742  1.00 34.65  ? 195 ARG A CA  1 
ATOM   789  C C   . ARG A 1 102 ? -9.243  6.798   -9.713  1.00 31.84  ? 195 ARG A C   1 
ATOM   790  O O   . ARG A 1 102 ? -10.324 6.639   -10.240 1.00 30.37  ? 195 ARG A O   1 
ATOM   791  C CB  . ARG A 1 102 ? -7.457  8.169   -10.825 1.00 32.04  ? 195 ARG A CB  1 
ATOM   792  C CG  . ARG A 1 102 ? -8.033  8.045   -12.233 1.00 32.67  ? 195 ARG A CG  1 
ATOM   793  C CD  . ARG A 1 102 ? -7.021  7.655   -13.285 1.00 29.50  ? 195 ARG A CD  1 
ATOM   794  N NE  . ARG A 1 102 ? -6.013  8.691   -13.432 1.00 33.62  ? 195 ARG A NE  1 
ATOM   795  C CZ  . ARG A 1 102 ? -6.216  9.811   -14.147 1.00 37.07  ? 195 ARG A CZ  1 
ATOM   796  N NH1 . ARG A 1 102 ? -7.371  10.018  -14.798 1.00 34.13  ? 195 ARG A NH1 1 
ATOM   797  N NH2 . ARG A 1 102 ? -5.289  10.724  -14.214 1.00 34.56  ? 195 ARG A NH2 1 
ATOM   798  N N   . ASN A 1 103 ? -8.628  5.812   -9.083  1.00 36.84  ? 196 ASN A N   1 
ATOM   799  C CA  . ASN A 1 103 ? -9.084  4.478   -9.222  1.00 34.27  ? 196 ASN A CA  1 
ATOM   800  C C   . ASN A 1 103 ? -8.573  3.619   -8.076  1.00 33.63  ? 196 ASN A C   1 
ATOM   801  O O   . ASN A 1 103 ? -7.627  3.985   -7.414  1.00 27.38  ? 196 ASN A O   1 
ATOM   802  C CB  . ASN A 1 103 ? -8.565  3.943   -10.557 1.00 34.35  ? 196 ASN A CB  1 
ATOM   803  C CG  . ASN A 1 103 ? -9.472  2.880   -11.087 1.00 41.36  ? 196 ASN A CG  1 
ATOM   804  O OD1 . ASN A 1 103 ? -10.424 2.474   -10.383 1.00 38.43  ? 196 ASN A OD1 1 
ATOM   805  N ND2 . ASN A 1 103 ? -9.209  2.399   -12.287 1.00 43.26  ? 196 ASN A ND2 1 
ATOM   806  N N   . ILE A 1 104 ? -9.261  2.519   -7.834  1.00 33.19  ? 197 ILE A N   1 
ATOM   807  C CA  . ILE A 1 104 ? -8.991  1.581   -6.756  1.00 34.01  ? 197 ILE A CA  1 
ATOM   808  C C   . ILE A 1 104 ? -9.190  0.197   -7.318  1.00 32.70  ? 197 ILE A C   1 
ATOM   809  O O   . ILE A 1 104 ? -10.248 -0.065  -7.811  1.00 31.56  ? 197 ILE A O   1 
ATOM   810  C CB  . ILE A 1 104 ? -10.020 1.681   -5.591  1.00 33.49  ? 197 ILE A CB  1 
ATOM   811  C CG1 . ILE A 1 104 ? -9.976  3.038   -4.944  1.00 37.49  ? 197 ILE A CG1 1 
ATOM   812  C CG2 . ILE A 1 104 ? -9.767  0.626   -4.528  1.00 35.23  ? 197 ILE A CG2 1 
ATOM   813  C CD1 . ILE A 1 104 ? -11.167 3.299   -4.055  1.00 41.07  ? 197 ILE A CD1 1 
ATOM   814  N N   . GLU A 1 105 ? -8.218  -0.700  -7.174  1.00 31.65  ? 198 GLU A N   1 
ATOM   815  C CA  . GLU A 1 105 ? -8.291  -2.026  -7.810  1.00 31.35  ? 198 GLU A CA  1 
ATOM   816  C C   . GLU A 1 105 ? -7.552  -3.051  -7.003  1.00 28.70  ? 198 GLU A C   1 
ATOM   817  O O   . GLU A 1 105 ? -6.563  -2.710  -6.371  1.00 30.82  ? 198 GLU A O   1 
ATOM   818  C CB  . GLU A 1 105 ? -7.673  -2.026  -9.230  1.00 35.45  ? 198 GLU A CB  1 
ATOM   819  C CG  . GLU A 1 105 ? -8.603  -1.583  -10.356 1.00 38.73  ? 198 GLU A CG  1 
ATOM   820  C CD  . GLU A 1 105 ? -7.854  -1.426  -11.681 1.00 44.48  ? 198 GLU A CD  1 
ATOM   821  O OE1 . GLU A 1 105 ? -6.859  -2.152  -11.900 1.00 38.91  ? 198 GLU A OE1 1 
ATOM   822  O OE2 . GLU A 1 105 ? -8.268  -0.583  -12.518 1.00 52.70  ? 198 GLU A OE2 1 
ATOM   823  N N   . TRP A 1 106 ? -7.987  -4.296  -7.132  1.00 27.22  ? 199 TRP A N   1 
ATOM   824  C CA  . TRP A 1 106 ? -7.245  -5.469  -6.667  1.00 31.76  ? 199 TRP A CA  1 
ATOM   825  C C   . TRP A 1 106 ? -6.158  -5.846  -7.635  1.00 29.52  ? 199 TRP A C   1 
ATOM   826  O O   . TRP A 1 106 ? -6.375  -5.807  -8.836  1.00 33.80  ? 199 TRP A O   1 
ATOM   827  C CB  . TRP A 1 106 ? -8.174  -6.699  -6.522  1.00 32.70  ? 199 TRP A CB  1 
ATOM   828  C CG  . TRP A 1 106 ? -9.180  -6.542  -5.411  1.00 33.32  ? 199 TRP A CG  1 
ATOM   829  C CD1 . TRP A 1 106 ? -10.487 -6.212  -5.571  1.00 35.37  ? 199 TRP A CD1 1 
ATOM   830  C CD2 . TRP A 1 106 ? -8.953  -6.606  -3.994  1.00 32.29  ? 199 TRP A CD2 1 
ATOM   831  N NE1 . TRP A 1 106 ? -11.105 -6.123  -4.340  1.00 37.04  ? 199 TRP A NE1 1 
ATOM   832  C CE2 . TRP A 1 106 ? -10.189 -6.365  -3.363  1.00 34.90  ? 199 TRP A CE2 1 
ATOM   833  C CE3 . TRP A 1 106 ? -7.843  -6.886  -3.198  1.00 32.78  ? 199 TRP A CE3 1 
ATOM   834  C CZ2 . TRP A 1 106 ? -10.354 -6.432  -1.972  1.00 39.58  ? 199 TRP A CZ2 1 
ATOM   835  C CZ3 . TRP A 1 106 ? -7.977  -6.906  -1.838  1.00 32.11  ? 199 TRP A CZ3 1 
ATOM   836  C CH2 . TRP A 1 106 ? -9.231  -6.689  -1.220  1.00 39.74  ? 199 TRP A CH2 1 
ATOM   837  N N   . PHE A 1 107 ? -5.004  -6.237  -7.121  1.00 29.92  ? 200 PHE A N   1 
ATOM   838  C CA  . PHE A 1 107 ? -3.914  -6.709  -7.943  1.00 31.96  ? 200 PHE A CA  1 
ATOM   839  C C   . PHE A 1 107 ? -3.443  -7.983  -7.358  1.00 36.56  ? 200 PHE A C   1 
ATOM   840  O O   . PHE A 1 107 ? -3.310  -8.066  -6.131  1.00 36.63  ? 200 PHE A O   1 
ATOM   841  C CB  . PHE A 1 107 ? -2.727  -5.699  -8.009  1.00 30.32  ? 200 PHE A CB  1 
ATOM   842  C CG  . PHE A 1 107 ? -3.059  -4.430  -8.822  1.00 29.79  ? 200 PHE A CG  1 
ATOM   843  C CD1 . PHE A 1 107 ? -3.687  -3.360  -8.220  1.00 28.17  ? 200 PHE A CD1 1 
ATOM   844  C CD2 . PHE A 1 107 ? -2.856  -4.407  -10.226 1.00 29.99  ? 200 PHE A CD2 1 
ATOM   845  C CE1 . PHE A 1 107 ? -4.022  -2.241  -8.968  1.00 31.53  ? 200 PHE A CE1 1 
ATOM   846  C CE2 . PHE A 1 107 ? -3.204  -3.304  -10.988 1.00 29.42  ? 200 PHE A CE2 1 
ATOM   847  C CZ  . PHE A 1 107 ? -3.789  -2.210  -10.355 1.00 30.57  ? 200 PHE A CZ  1 
ATOM   848  N N   . SER A 1 108 ? -3.042  -8.911  -8.248  1.00 37.05  ? 201 SER A N   1 
ATOM   849  C CA  . SER A 1 108 ? -2.429  -10.175 -7.850  1.00 35.91  ? 201 SER A CA  1 
ATOM   850  C C   . SER A 1 108 ? -1.056  -9.920  -7.308  1.00 34.09  ? 201 SER A C   1 
ATOM   851  O O   . SER A 1 108 ? -0.192  -9.376  -8.008  1.00 34.76  ? 201 SER A O   1 
ATOM   852  C CB  . SER A 1 108 ? -2.361  -11.189 -9.013  1.00 40.78  ? 201 SER A CB  1 
ATOM   853  O OG  . SER A 1 108 ? -1.408  -12.185 -8.762  1.00 42.93  ? 201 SER A OG  1 
ATOM   854  N N   . ILE A 1 109 ? -0.809  -10.379 -6.077  1.00 32.42  ? 202 ILE A N   1 
ATOM   855  C CA  . ILE A 1 109 ? 0.512   -10.222 -5.470  1.00 39.59  ? 202 ILE A CA  1 
ATOM   856  C C   . ILE A 1 109 ? 1.613   -10.856 -6.311  1.00 40.38  ? 202 ILE A C   1 
ATOM   857  O O   . ILE A 1 109 ? 2.708   -10.293 -6.479  1.00 37.80  ? 202 ILE A O   1 
ATOM   858  C CB  . ILE A 1 109 ? 0.566   -10.816 -4.070  1.00 42.73  ? 202 ILE A CB  1 
ATOM   859  C CG1 . ILE A 1 109 ? -0.327  -10.039 -3.130  1.00 53.71  ? 202 ILE A CG1 1 
ATOM   860  C CG2 . ILE A 1 109 ? 1.972   -10.625 -3.497  1.00 50.47  ? 202 ILE A CG2 1 
ATOM   861  C CD1 . ILE A 1 109 ? -0.366  -10.632 -1.738  1.00 54.87  ? 202 ILE A CD1 1 
ATOM   862  N N   . GLU A 1 110 ? 1.301   -12.021 -6.877  1.00 43.78  ? 203 GLU A N   1 
ATOM   863  C CA  . GLU A 1 110 ? 2.343   -12.777 -7.537  1.00 47.08  ? 203 GLU A CA  1 
ATOM   864  C C   . GLU A 1 110 ? 2.772   -12.158 -8.860  1.00 43.93  ? 203 GLU A C   1 
ATOM   865  O O   . GLU A 1 110 ? 3.911   -12.338 -9.276  1.00 38.92  ? 203 GLU A O   1 
ATOM   866  C CB  . GLU A 1 110 ? 1.985   -14.236 -7.605  1.00 55.66  ? 203 GLU A CB  1 
ATOM   867  C CG  . GLU A 1 110 ? 0.876   -14.608 -8.557  1.00 69.07  ? 203 GLU A CG  1 
ATOM   868  C CD  . GLU A 1 110 ? 0.643   -16.101 -8.558  1.00 75.75  ? 203 GLU A CD  1 
ATOM   869  O OE1 . GLU A 1 110 ? 1.146   -16.789 -7.628  1.00 77.75  ? 203 GLU A OE1 1 
ATOM   870  O OE2 . GLU A 1 110 ? -0.033  -16.564 -9.502  1.00 81.86  ? 203 GLU A OE2 1 
ATOM   871  N N   . LYS A 1 111 ? 1.884   -11.362 -9.460  1.00 41.89  ? 204 LYS A N   1 
ATOM   872  C CA  . LYS A 1 111 ? 2.176   -10.617 -10.696 1.00 41.78  ? 204 LYS A CA  1 
ATOM   873  C C   . LYS A 1 111 ? 2.738   -9.206  -10.492 1.00 40.50  ? 204 LYS A C   1 
ATOM   874  O O   . LYS A 1 111 ? 3.200   -8.607  -11.445 1.00 37.95  ? 204 LYS A O   1 
ATOM   875  C CB  . LYS A 1 111 ? 0.923   -10.477 -11.521 1.00 47.52  ? 204 LYS A CB  1 
ATOM   876  C CG  . LYS A 1 111 ? 0.352   -11.803 -11.971 1.00 62.57  ? 204 LYS A CG  1 
ATOM   877  C CD  . LYS A 1 111 ? -0.769  -11.547 -12.954 1.00 68.09  ? 204 LYS A CD  1 
ATOM   878  C CE  . LYS A 1 111 ? -1.655  -12.757 -13.106 1.00 72.74  ? 204 LYS A CE  1 
ATOM   879  N NZ  . LYS A 1 111 ? -2.982  -12.254 -13.532 1.00 82.86  ? 204 LYS A NZ  1 
ATOM   880  N N   . LEU A 1 112 ? 2.683   -8.644  -9.284  1.00 35.33  ? 205 LEU A N   1 
ATOM   881  C CA  . LEU A 1 112 ? 3.284   -7.348  -9.042  1.00 34.16  ? 205 LEU A CA  1 
ATOM   882  C C   . LEU A 1 112 ? 4.802   -7.514  -9.054  1.00 39.30  ? 205 LEU A C   1 
ATOM   883  O O   . LEU A 1 112 ? 5.347   -8.555  -8.650  1.00 39.60  ? 205 LEU A O   1 
ATOM   884  C CB  . LEU A 1 112 ? 2.841   -6.752  -7.691  1.00 34.91  ? 205 LEU A CB  1 
ATOM   885  C CG  . LEU A 1 112 ? 1.379   -6.290  -7.648  1.00 32.38  ? 205 LEU A CG  1 
ATOM   886  C CD1 . LEU A 1 112 ? 0.921   -6.026  -6.187  1.00 31.76  ? 205 LEU A CD1 1 
ATOM   887  C CD2 . LEU A 1 112 ? 1.216   -5.016  -8.517  1.00 35.22  ? 205 LEU A CD2 1 
ATOM   888  N N   . PRO A 1 113 ? 5.503   -6.501  -9.549  1.00 40.90  ? 206 PRO A N   1 
ATOM   889  C CA  . PRO A 1 113 ? 6.972   -6.545  -9.422  1.00 43.53  ? 206 PRO A CA  1 
ATOM   890  C C   . PRO A 1 113 ? 7.425   -6.320  -7.972  1.00 46.93  ? 206 PRO A C   1 
ATOM   891  O O   . PRO A 1 113 ? 6.727   -5.654  -7.176  1.00 42.71  ? 206 PRO A O   1 
ATOM   892  C CB  . PRO A 1 113 ? 7.433   -5.412  -10.342 1.00 42.42  ? 206 PRO A CB  1 
ATOM   893  C CG  . PRO A 1 113 ? 6.259   -4.438  -10.325 1.00 47.15  ? 206 PRO A CG  1 
ATOM   894  C CD  . PRO A 1 113 ? 5.006   -5.265  -10.197 1.00 42.90  ? 206 PRO A CD  1 
ATOM   895  N N   . CYS A 1 114 ? 8.560   -6.889  -7.602  1.00 42.08  ? 207 CYS A N   1 
ATOM   896  C CA  . CYS A 1 114 ? 9.125   -6.590  -6.319  1.00 46.00  ? 207 CYS A CA  1 
ATOM   897  C C   . CYS A 1 114 ? 10.471  -5.921  -6.503  1.00 47.64  ? 207 CYS A C   1 
ATOM   898  O O   . CYS A 1 114 ? 11.205  -5.781  -5.555  1.00 50.68  ? 207 CYS A O   1 
ATOM   899  C CB  . CYS A 1 114 ? 9.237   -7.830  -5.483  1.00 49.53  ? 207 CYS A CB  1 
ATOM   900  S SG  . CYS A 1 114 ? 10.339  -8.948  -6.311  1.00 58.01  ? 207 CYS A SG  1 
ATOM   901  N N   . HIS A 1 115 ? 10.750  -5.456  -7.714  1.00 50.99  ? 208 HIS A N   1 
ATOM   902  C CA  . HIS A 1 115 ? 11.872  -4.534  -7.974  1.00 54.29  ? 208 HIS A CA  1 
ATOM   903  C C   . HIS A 1 115 ? 11.529  -3.931  -9.306  1.00 53.53  ? 208 HIS A C   1 
ATOM   904  O O   . HIS A 1 115 ? 10.716  -4.530  -10.062 1.00 56.29  ? 208 HIS A O   1 
ATOM   905  C CB  . HIS A 1 115 ? 13.189  -5.327  -8.127  1.00 55.85  ? 208 HIS A CB  1 
ATOM   906  C CG  . HIS A 1 115 ? 13.153  -6.298  -9.271  1.00 59.44  ? 208 HIS A CG  1 
ATOM   907  N ND1 . HIS A 1 115 ? 13.190  -5.892  -10.594 1.00 59.18  ? 208 HIS A ND1 1 
ATOM   908  C CD2 . HIS A 1 115 ? 12.975  -7.639  -9.298  1.00 55.16  ? 208 HIS A CD2 1 
ATOM   909  C CE1 . HIS A 1 115 ? 13.075  -6.944  -11.381 1.00 56.24  ? 208 HIS A CE1 1 
ATOM   910  N NE2 . HIS A 1 115 ? 12.950  -8.014  -10.620 1.00 53.92  ? 208 HIS A NE2 1 
ATOM   911  N N   A ARG A 1 116 ? 12.082  -2.761  -9.635  0.30 54.00  ? 209 ARG A N   1 
ATOM   912  N N   B ARG A 1 116 ? 12.139  -2.791  -9.622  0.21 56.49  ? 209 ARG A N   1 
ATOM   913  C CA  A ARG A 1 116 ? 11.985  -2.239  -11.011 0.30 55.83  ? 209 ARG A CA  1 
ATOM   914  C CA  B ARG A 1 116 ? 12.040  -2.267  -10.967 0.21 59.14  ? 209 ARG A CA  1 
ATOM   915  C C   A ARG A 1 116 ? 13.120  -2.817  -11.854 0.30 57.13  ? 209 ARG A C   1 
ATOM   916  C C   B ARG A 1 116 ? 13.164  -2.797  -11.856 0.21 59.92  ? 209 ARG A C   1 
ATOM   917  O O   A ARG A 1 116 ? 14.130  -3.259  -11.324 0.30 57.04  ? 209 ARG A O   1 
ATOM   918  O O   B ARG A 1 116 ? 14.222  -3.171  -11.360 0.21 60.99  ? 209 ARG A O   1 
ATOM   919  C CB  A ARG A 1 116 ? 12.020  -0.718  -11.040 0.30 53.03  ? 209 ARG A CB  1 
ATOM   920  C CB  B ARG A 1 116 ? 12.009  -0.739  -10.984 0.21 58.51  ? 209 ARG A CB  1 
ATOM   921  C CG  A ARG A 1 116 ? 10.803  -0.088  -10.388 0.30 50.99  ? 209 ARG A CG  1 
ATOM   922  C CG  B ARG A 1 116 ? 11.608  -0.168  -12.334 0.21 58.19  ? 209 ARG A CG  1 
ATOM   923  C CD  A ARG A 1 116 ? 11.130  1.247   -9.785  0.30 50.47  ? 209 ARG A CD  1 
ATOM   924  C CD  B ARG A 1 116 ? 10.450  -0.948  -12.946 0.21 59.25  ? 209 ARG A CD  1 
ATOM   925  N NE  A ARG A 1 116 ? 11.155  2.306   -10.778 0.30 50.27  ? 209 ARG A NE  1 
ATOM   926  N NE  B ARG A 1 116 ? 10.154  -0.654  -14.350 0.21 56.69  ? 209 ARG A NE  1 
ATOM   927  C CZ  A ARG A 1 116 ? 11.819  3.460   -10.667 0.30 51.83  ? 209 ARG A CZ  1 
ATOM   928  C CZ  B ARG A 1 116 ? 9.569   -1.496  -15.216 0.21 58.65  ? 209 ARG A CZ  1 
ATOM   929  N NH1 A ARG A 1 116 ? 12.583  3.740   -9.603  0.30 52.17  ? 209 ARG A NH1 1 
ATOM   930  N NH1 B ARG A 1 116 ? 9.344   -1.095  -16.468 0.21 58.79  ? 209 ARG A NH1 1 
ATOM   931  N NH2 A ARG A 1 116 ? 11.731  4.347   -11.650 0.30 48.90  ? 209 ARG A NH2 1 
ATOM   932  N NH2 B ARG A 1 116 ? 9.206   -2.737  -14.868 0.21 57.33  ? 209 ARG A NH2 1 
ATOM   933  N N   . ASN A 1 117 ? 12.916  -2.846  -13.165 1.00 62.83  ? 210 ASN A N   1 
ATOM   934  C CA  . ASN A 1 117 ? 13.903  -3.290  -14.120 1.00 68.94  ? 210 ASN A CA  1 
ATOM   935  C C   . ASN A 1 117 ? 14.836  -2.164  -14.430 1.00 73.91  ? 210 ASN A C   1 
ATOM   936  O O   . ASN A 1 117 ? 14.468  -0.953  -14.449 1.00 57.81  ? 210 ASN A O   1 
ATOM   937  C CB  . ASN A 1 117 ? 13.221  -3.692  -15.424 1.00 75.37  ? 210 ASN A CB  1 
ATOM   938  C CG  . ASN A 1 117 ? 12.175  -4.740  -15.209 1.00 70.93  ? 210 ASN A CG  1 
ATOM   939  O OD1 . ASN A 1 117 ? 12.305  -5.583  -14.310 1.00 64.15  ? 210 ASN A OD1 1 
ATOM   940  N ND2 . ASN A 1 117 ? 11.115  -4.678  -16.002 1.00 61.75  ? 210 ASN A ND2 1 
ATOM   941  N N   . ASP A 1 118 ? 16.055  -2.586  -14.731 1.00 79.51  ? 211 ASP A N   1 
ATOM   942  C CA  . ASP A 1 118 ? 17.030  -1.665  -15.237 1.00 83.12  ? 211 ASP A CA  1 
ATOM   943  C C   . ASP A 1 118 ? 16.778  -1.467  -16.754 1.00 86.24  ? 211 ASP A C   1 
ATOM   944  O O   . ASP A 1 118 ? 15.730  -1.909  -17.312 1.00 72.64  ? 211 ASP A O   1 
ATOM   945  C CB  . ASP A 1 118 ? 18.472  -2.045  -14.777 1.00 77.88  ? 211 ASP A CB  1 
ATOM   946  C CG  . ASP A 1 118 ? 18.909  -3.409  -15.186 1.00 73.03  ? 211 ASP A CG  1 
ATOM   947  O OD1 . ASP A 1 118 ? 18.281  -4.035  -16.091 1.00 73.28  ? 211 ASP A OD1 1 
ATOM   948  O OD2 . ASP A 1 118 ? 19.927  -3.824  -14.589 1.00 66.84  ? 211 ASP A OD2 1 
ATOM   949  N N   . MET A 1 119 ? 17.683  -0.706  -17.369 1.00 94.66  ? 212 MET A N   1 
ATOM   950  C CA  . MET A 1 119 ? 17.696  -0.465  -18.805 1.00 92.61  ? 212 MET A CA  1 
ATOM   951  C C   . MET A 1 119 ? 19.044  -0.954  -19.370 1.00 113.40 ? 212 MET A C   1 
ATOM   952  O O   . MET A 1 119 ? 19.535  -0.405  -20.361 1.00 125.80 ? 212 MET A O   1 
ATOM   953  C CB  . MET A 1 119 ? 17.478  1.027   -19.025 1.00 76.06  ? 212 MET A CB  1 
ATOM   954  C CG  . MET A 1 119 ? 16.347  1.543   -18.161 1.00 71.12  ? 212 MET A CG  1 
ATOM   955  S SD  . MET A 1 119 ? 15.784  3.220   -18.454 1.00 69.48  ? 212 MET A SD  1 
ATOM   956  C CE  . MET A 1 119 ? 16.774  4.124   -17.266 1.00 70.86  ? 212 MET A CE  1 
ATOM   957  N N   . THR A 1 120 ? 19.625  -1.997  -18.747 1.00 123.36 ? 213 THR A N   1 
ATOM   958  C CA  . THR A 1 120 ? 20.878  -2.637  -19.205 1.00 116.47 ? 213 THR A CA  1 
ATOM   959  C C   . THR A 1 120 ? 20.797  -3.216  -20.634 1.00 111.57 ? 213 THR A C   1 
ATOM   960  O O   . THR A 1 120 ? 21.824  -3.236  -21.299 1.00 93.43  ? 213 THR A O   1 
ATOM   961  C CB  . THR A 1 120 ? 21.410  -3.747  -18.237 1.00 118.56 ? 213 THR A CB  1 
ATOM   962  O OG1 . THR A 1 120 ? 20.418  -4.763  -18.034 1.00 128.61 ? 213 THR A OG1 1 
ATOM   963  C CG2 . THR A 1 120 ? 21.836  -3.182  -16.881 1.00 114.13 ? 213 THR A CG2 1 
ATOM   964  N N   . PRO A 1 121 ? 19.590  -3.670  -21.113 1.00 129.41 ? 214 PRO A N   1 
ATOM   965  C CA  . PRO A 1 121 ? 19.493  -3.878  -22.580 1.00 119.37 ? 214 PRO A CA  1 
ATOM   966  C C   . PRO A 1 121 ? 19.528  -2.573  -23.441 1.00 110.32 ? 214 PRO A C   1 
ATOM   967  O O   . PRO A 1 121 ? 19.317  -2.653  -24.647 1.00 114.27 ? 214 PRO A O   1 
ATOM   968  C CB  . PRO A 1 121 ? 18.157  -4.648  -22.746 1.00 119.97 ? 214 PRO A CB  1 
ATOM   969  C CG  . PRO A 1 121 ? 17.361  -4.330  -21.519 1.00 123.32 ? 214 PRO A CG  1 
ATOM   970  C CD  . PRO A 1 121 ? 18.385  -4.205  -20.423 1.00 129.27 ? 214 PRO A CD  1 
ATOM   971  N N   . LYS A 1 122 ? 19.776  -1.402  -22.837 1.00 94.02  ? 215 LYS A N   1 
ATOM   972  C CA  . LYS A 1 122 ? 20.000  -0.132  -23.544 1.00 88.76  ? 215 LYS A CA  1 
ATOM   973  C C   . LYS A 1 122 ? 21.348  0.583   -23.148 1.00 92.52  ? 215 LYS A C   1 
ATOM   974  O O   . LYS A 1 122 ? 21.597  1.706   -23.612 1.00 98.37  ? 215 LYS A O   1 
ATOM   975  C CB  . LYS A 1 122 ? 18.783  0.790   -23.301 1.00 81.51  ? 215 LYS A CB  1 
ATOM   976  C CG  . LYS A 1 122 ? 18.674  1.987   -24.228 1.00 72.57  ? 215 LYS A CG  1 
ATOM   977  N N   . SER A 1 123 ? 22.211  -0.061  -22.331 1.00 80.31  ? 216 SER A N   1 
ATOM   978  C CA  . SER A 1 123 ? 23.494  0.530   -21.844 1.00 65.28  ? 216 SER A CA  1 
ATOM   979  C C   . SER A 1 123 ? 23.378  1.914   -21.091 1.00 57.81  ? 216 SER A C   1 
ATOM   980  O O   . SER A 1 123 ? 24.255  2.790   -21.150 1.00 49.88  ? 216 SER A O   1 
ATOM   981  C CB  . SER A 1 123 ? 24.497  0.585   -23.002 1.00 64.14  ? 216 SER A CB  1 
ATOM   982  O OG  . SER A 1 123 ? 24.912  -0.723  -23.369 1.00 66.98  ? 216 SER A OG  1 
ATOM   983  N N   . LYS A 1 124 ? 22.281  2.065   -20.357 1.00 45.15  ? 217 LYS A N   1 
ATOM   984  C CA  . LYS A 1 124 ? 21.885  3.284   -19.735 1.00 45.76  ? 217 LYS A CA  1 
ATOM   985  C C   . LYS A 1 124 ? 21.658  3.034   -18.229 1.00 43.47  ? 217 LYS A C   1 
ATOM   986  O O   . LYS A 1 124 ? 21.101  1.998   -17.831 1.00 42.47  ? 217 LYS A O   1 
ATOM   987  C CB  . LYS A 1 124 ? 20.599  3.767   -20.423 1.00 55.11  ? 217 LYS A CB  1 
ATOM   988  C CG  . LYS A 1 124 ? 20.040  5.096   -19.937 1.00 58.68  ? 217 LYS A CG  1 
ATOM   989  C CD  . LYS A 1 124 ? 18.916  5.593   -20.846 1.00 65.33  ? 217 LYS A CD  1 
ATOM   990  N N   . LEU A 1 125 ? 22.105  3.972   -17.406 1.00 39.90  ? 218 LEU A N   1 
ATOM   991  C CA  . LEU A 1 125 ? 21.965  3.839   -15.969 1.00 42.73  ? 218 LEU A CA  1 
ATOM   992  C C   . LEU A 1 125 ? 20.546  4.213   -15.578 1.00 40.27  ? 218 LEU A C   1 
ATOM   993  O O   . LEU A 1 125 ? 19.975  5.153   -16.104 1.00 40.31  ? 218 LEU A O   1 
ATOM   994  C CB  . LEU A 1 125 ? 22.921  4.742   -15.195 1.00 38.90  ? 218 LEU A CB  1 
ATOM   995  C CG  . LEU A 1 125 ? 24.416  4.533   -15.504 1.00 40.52  ? 218 LEU A CG  1 
ATOM   996  C CD1 . LEU A 1 125 ? 25.268  5.381   -14.619 1.00 43.14  ? 218 LEU A CD1 1 
ATOM   997  C CD2 . LEU A 1 125 ? 24.853  3.093   -15.410 1.00 44.30  ? 218 LEU A CD2 1 
ATOM   998  N N   . GLY A 1 126 ? 20.050  3.471   -14.613 1.00 40.65  ? 219 GLY A N   1 
ATOM   999  C CA  . GLY A 1 126 ? 18.853  3.832   -13.843 1.00 41.35  ? 219 GLY A CA  1 
ATOM   1000 C C   . GLY A 1 126 ? 17.857  2.705   -13.905 1.00 39.37  ? 219 GLY A C   1 
ATOM   1001 O O   . GLY A 1 126 ? 18.175  1.553   -14.272 1.00 39.42  ? 219 GLY A O   1 
ATOM   1002 N N   . LEU A 1 127 ? 16.625  3.075   -13.591 1.00 45.12  ? 220 LEU A N   1 
ATOM   1003 C CA  . LEU A 1 127 ? 15.468  2.195   -13.619 1.00 42.04  ? 220 LEU A CA  1 
ATOM   1004 C C   . LEU A 1 127 ? 14.442  2.714   -14.611 1.00 37.84  ? 220 LEU A C   1 
ATOM   1005 O O   . LEU A 1 127 ? 14.233  3.903   -14.658 1.00 36.70  ? 220 LEU A O   1 
ATOM   1006 C CB  . LEU A 1 127 ? 14.884  2.166   -12.196 1.00 44.94  ? 220 LEU A CB  1 
ATOM   1007 C CG  . LEU A 1 127 ? 15.790  1.413   -11.204 1.00 45.50  ? 220 LEU A CG  1 
ATOM   1008 C CD1 . LEU A 1 127 ? 15.190  1.627   -9.839  1.00 52.90  ? 220 LEU A CD1 1 
ATOM   1009 C CD2 . LEU A 1 127 ? 15.922  -0.077  -11.564 1.00 49.54  ? 220 LEU A CD2 1 
ATOM   1010 N N   . ALA A 1 128 ? 13.784  1.834   -15.363 1.00 39.16  ? 221 ALA A N   1 
ATOM   1011 C CA  . ALA A 1 128 ? 12.671  2.239   -16.212 1.00 44.82  ? 221 ALA A CA  1 
ATOM   1012 C C   . ALA A 1 128 ? 11.496  2.598   -15.319 1.00 43.95  ? 221 ALA A C   1 
ATOM   1013 O O   . ALA A 1 128 ? 11.362  2.057   -14.217 1.00 43.77  ? 221 ALA A O   1 
ATOM   1014 C CB  . ALA A 1 128 ? 12.263  1.133   -17.189 1.00 48.30  ? 221 ALA A CB  1 
ATOM   1015 N N   . PRO A 1 129 ? 10.632  3.492   -15.801 1.00 50.83  ? 222 PRO A N   1 
ATOM   1016 C CA  . PRO A 1 129 ? 9.454   3.799   -15.036 1.00 45.95  ? 222 PRO A CA  1 
ATOM   1017 C C   . PRO A 1 129 ? 8.579   2.568   -14.848 1.00 41.04  ? 222 PRO A C   1 
ATOM   1018 O O   . PRO A 1 129 ? 8.686   1.555   -15.584 1.00 36.08  ? 222 PRO A O   1 
ATOM   1019 C CB  . PRO A 1 129 ? 8.750   4.903   -15.859 1.00 53.29  ? 222 PRO A CB  1 
ATOM   1020 C CG  . PRO A 1 129 ? 9.665   5.234   -17.018 1.00 55.06  ? 222 PRO A CG  1 
ATOM   1021 C CD  . PRO A 1 129 ? 10.538  4.026   -17.184 1.00 57.93  ? 222 PRO A CD  1 
ATOM   1022 N N   . ASN A 1 130 ? 7.809   2.626   -13.757 1.00 42.86  ? 223 ASN A N   1 
ATOM   1023 C CA  . ASN A 1 130 ? 6.938   1.544   -13.405 1.00 37.29  ? 223 ASN A CA  1 
ATOM   1024 C C   . ASN A 1 130 ? 5.821   2.118   -12.647 1.00 36.69  ? 223 ASN A C   1 
ATOM   1025 O O   . ASN A 1 130 ? 6.047   2.822   -11.689 1.00 33.47  ? 223 ASN A O   1 
ATOM   1026 C CB  . ASN A 1 130 ? 7.656   0.570   -12.531 1.00 45.19  ? 223 ASN A CB  1 
ATOM   1027 C CG  . ASN A 1 130 ? 6.881   -0.709  -12.332 1.00 44.67  ? 223 ASN A CG  1 
ATOM   1028 O OD1 . ASN A 1 130 ? 5.900   -0.727  -11.631 1.00 44.18  ? 223 ASN A OD1 1 
ATOM   1029 N ND2 . ASN A 1 130 ? 7.315   -1.771  -12.955 1.00 48.79  ? 223 ASN A ND2 1 
ATOM   1030 N N   . LYS A 1 131 ? 4.605   1.790   -13.067 1.00 35.51  ? 224 LYS A N   1 
ATOM   1031 C CA  . LYS A 1 131 ? 3.432   2.395   -12.460 1.00 37.16  ? 224 LYS A CA  1 
ATOM   1032 C C   . LYS A 1 131 ? 3.201   1.920   -11.032 1.00 32.99  ? 224 LYS A C   1 
ATOM   1033 O O   . LYS A 1 131 ? 2.402   2.506   -10.337 1.00 31.75  ? 224 LYS A O   1 
ATOM   1034 C CB  . LYS A 1 131 ? 2.184   2.185   -13.305 1.00 37.02  ? 224 LYS A CB  1 
ATOM   1035 C CG  . LYS A 1 131 ? 1.799   0.755   -13.474 1.00 38.75  ? 224 LYS A CG  1 
ATOM   1036 C CD  . LYS A 1 131 ? 0.616   0.714   -14.381 1.00 44.19  ? 224 LYS A CD  1 
ATOM   1037 C CE  . LYS A 1 131 ? 0.023   -0.675  -14.489 1.00 47.69  ? 224 LYS A CE  1 
ATOM   1038 N NZ  . LYS A 1 131 ? -1.301  -0.492  -15.206 1.00 55.87  ? 224 LYS A NZ  1 
ATOM   1039 N N   . PHE A 1 132 ? 3.864   0.835   -10.621 1.00 29.18  ? 225 PHE A N   1 
ATOM   1040 C CA  . PHE A 1 132 ? 3.788   0.369   -9.253  1.00 32.18  ? 225 PHE A CA  1 
ATOM   1041 C C   . PHE A 1 132 ? 4.941   0.789   -8.335  1.00 33.83  ? 225 PHE A C   1 
ATOM   1042 O O   . PHE A 1 132 ? 5.133   0.157   -7.273  1.00 31.67  ? 225 PHE A O   1 
ATOM   1043 C CB  . PHE A 1 132 ? 3.719   -1.128  -9.295  1.00 30.82  ? 225 PHE A CB  1 
ATOM   1044 C CG  . PHE A 1 132 ? 2.544   -1.637  -10.047 1.00 32.13  ? 225 PHE A CG  1 
ATOM   1045 C CD1 . PHE A 1 132 ? 1.287   -1.518  -9.515  1.00 31.66  ? 225 PHE A CD1 1 
ATOM   1046 C CD2 . PHE A 1 132 ? 2.699   -2.280  -11.255 1.00 33.20  ? 225 PHE A CD2 1 
ATOM   1047 C CE1 . PHE A 1 132 ? 0.204   -2.026  -10.171 1.00 33.25  ? 225 PHE A CE1 1 
ATOM   1048 C CE2 . PHE A 1 132 ? 1.625   -2.780  -11.929 1.00 34.64  ? 225 PHE A CE2 1 
ATOM   1049 C CZ  . PHE A 1 132 ? 0.374   -2.657  -11.389 1.00 33.69  ? 225 PHE A CZ  1 
ATOM   1050 N N   . PHE A 1 133 ? 5.671   1.843   -8.723  0.51 34.19  ? 226 PHE A N   1 
ATOM   1051 C CA  . PHE A 1 133 ? 6.835   2.352   -7.982  0.51 35.82  ? 226 PHE A CA  1 
ATOM   1052 C C   . PHE A 1 133 ? 6.623   2.446   -6.467  0.51 35.32  ? 226 PHE A C   1 
ATOM   1053 O O   . PHE A 1 133 ? 7.469   1.980   -5.692  0.51 34.75  ? 226 PHE A O   1 
ATOM   1054 C CB  . PHE A 1 133 ? 7.242   3.737   -8.523  0.51 37.29  ? 226 PHE A CB  1 
ATOM   1055 C CG  . PHE A 1 133 ? 8.309   4.424   -7.714  0.51 38.85  ? 226 PHE A CG  1 
ATOM   1056 C CD1 . PHE A 1 133 ? 9.650   4.049   -7.838  0.51 42.77  ? 226 PHE A CD1 1 
ATOM   1057 C CD2 . PHE A 1 133 ? 7.986   5.448   -6.831  0.51 41.12  ? 226 PHE A CD2 1 
ATOM   1058 C CE1 . PHE A 1 133 ? 10.641  4.681   -7.092  0.51 42.44  ? 226 PHE A CE1 1 
ATOM   1059 C CE2 . PHE A 1 133 ? 8.970   6.084   -6.082  0.51 42.63  ? 226 PHE A CE2 1 
ATOM   1060 C CZ  . PHE A 1 133 ? 10.297  5.702   -6.212  0.51 42.13  ? 226 PHE A CZ  1 
ATOM   1061 N N   . MET A 1 134 ? 5.517   3.058   -6.046  0.51 33.07  ? 227 MET A N   1 
ATOM   1062 C CA  . MET A 1 134 ? 5.262   3.242   -4.602  0.51 33.61  ? 227 MET A CA  1 
ATOM   1063 C C   . MET A 1 134 ? 4.947   1.963   -3.844  0.51 33.68  ? 227 MET A C   1 
ATOM   1064 O O   . MET A 1 134 ? 5.220   1.892   -2.651  0.51 35.32  ? 227 MET A O   1 
ATOM   1065 C CB  . MET A 1 134 ? 4.149   4.255   -4.346  0.51 32.98  ? 227 MET A CB  1 
ATOM   1066 C CG  . MET A 1 134 ? 4.569   5.693   -4.599  0.51 35.05  ? 227 MET A CG  1 
ATOM   1067 S SD  . MET A 1 134 ? 5.951   6.319   -3.636  0.51 32.70  ? 227 MET A SD  1 
ATOM   1068 C CE  . MET A 1 134 ? 5.300   6.286   -1.964  0.51 32.05  ? 227 MET A CE  1 
ATOM   1069 N N   . ALA A 1 135 ? 4.368   0.969   -4.517  1.00 33.33  ? 228 ALA A N   1 
ATOM   1070 C CA  . ALA A 1 135 ? 4.080   -0.312  -3.887  1.00 32.64  ? 228 ALA A CA  1 
ATOM   1071 C C   . ALA A 1 135 ? 5.261   -1.226  -3.791  1.00 33.84  ? 228 ALA A C   1 
ATOM   1072 O O   . ALA A 1 135 ? 5.410   -2.005  -2.850  1.00 29.64  ? 228 ALA A O   1 
ATOM   1073 C CB  . ALA A 1 135 ? 2.973   -1.007  -4.660  1.00 29.57  ? 228 ALA A CB  1 
ATOM   1074 N N   . ILE A 1 136 ? 6.104   -1.163  -4.813  1.00 34.34  ? 229 ILE A N   1 
ATOM   1075 C CA  . ILE A 1 136 ? 7.172   -2.100  -4.983  1.00 30.83  ? 229 ILE A CA  1 
ATOM   1076 C C   . ILE A 1 136 ? 7.980   -2.423  -3.751  1.00 30.22  ? 229 ILE A C   1 
ATOM   1077 O O   . ILE A 1 136 ? 8.263   -3.597  -3.505  1.00 28.13  ? 229 ILE A O   1 
ATOM   1078 C CB  . ILE A 1 136 ? 8.079   -1.627  -6.163  1.00 35.24  ? 229 ILE A CB  1 
ATOM   1079 C CG1 . ILE A 1 136 ? 7.458   -2.223  -7.429  1.00 38.13  ? 229 ILE A CG1 1 
ATOM   1080 C CG2 . ILE A 1 136 ? 9.531   -2.048  -5.979  1.00 33.89  ? 229 ILE A CG2 1 
ATOM   1081 C CD1 . ILE A 1 136 ? 7.994   -1.648  -8.731  1.00 41.68  ? 229 ILE A CD1 1 
ATOM   1082 N N   . PRO A 1 137 ? 8.425   -1.415  -3.002  1.00 31.70  ? 230 PRO A N   1 
ATOM   1083 C CA  . PRO A 1 137 ? 9.274   -1.737  -1.829  1.00 33.19  ? 230 PRO A CA  1 
ATOM   1084 C C   . PRO A 1 137 ? 8.618   -2.576  -0.733  1.00 35.34  ? 230 PRO A C   1 
ATOM   1085 O O   . PRO A 1 137 ? 9.330   -3.144  0.097   1.00 38.42  ? 230 PRO A O   1 
ATOM   1086 C CB  . PRO A 1 137 ? 9.657   -0.373  -1.245  1.00 33.67  ? 230 PRO A CB  1 
ATOM   1087 C CG  . PRO A 1 137 ? 9.277   0.638   -2.257  1.00 36.40  ? 230 PRO A CG  1 
ATOM   1088 C CD  . PRO A 1 137 ? 8.336   0.034   -3.250  1.00 36.26  ? 230 PRO A CD  1 
ATOM   1089 N N   . PHE A 1 138 ? 7.292   -2.684  -0.738  1.00 31.38  ? 231 PHE A N   1 
ATOM   1090 C CA  . PHE A 1 138 ? 6.602   -3.474  0.259   1.00 30.61  ? 231 PHE A CA  1 
ATOM   1091 C C   . PHE A 1 138 ? 6.379   -4.887  -0.180  1.00 30.02  ? 231 PHE A C   1 
ATOM   1092 O O   . PHE A 1 138 ? 5.960   -5.686  0.609   1.00 32.07  ? 231 PHE A O   1 
ATOM   1093 C CB  . PHE A 1 138 ? 5.276   -2.796  0.596   1.00 32.12  ? 231 PHE A CB  1 
ATOM   1094 C CG  . PHE A 1 138 ? 5.444   -1.438  1.269   1.00 34.63  ? 231 PHE A CG  1 
ATOM   1095 C CD1 . PHE A 1 138 ? 5.559   -1.339  2.654   1.00 33.93  ? 231 PHE A CD1 1 
ATOM   1096 C CD2 . PHE A 1 138 ? 5.512   -0.259  0.511   1.00 35.51  ? 231 PHE A CD2 1 
ATOM   1097 C CE1 . PHE A 1 138 ? 5.736   -0.120  3.265   1.00 31.70  ? 231 PHE A CE1 1 
ATOM   1098 C CE2 . PHE A 1 138 ? 5.669   0.986   1.136   1.00 35.58  ? 231 PHE A CE2 1 
ATOM   1099 C CZ  . PHE A 1 138 ? 5.785   1.053   2.502   1.00 36.43  ? 231 PHE A CZ  1 
ATOM   1100 N N   . ILE A 1 139 ? 6.619   -5.216  -1.449  1.00 29.98  ? 232 ILE A N   1 
ATOM   1101 C CA  . ILE A 1 139 ? 6.146   -6.457  -1.969  1.00 30.90  ? 232 ILE A CA  1 
ATOM   1102 C C   . ILE A 1 139 ? 6.944   -7.703  -1.513  1.00 37.00  ? 232 ILE A C   1 
ATOM   1103 O O   . ILE A 1 139 ? 6.343   -8.711  -1.154  1.00 35.42  ? 232 ILE A O   1 
ATOM   1104 C CB  . ILE A 1 139 ? 6.115   -6.445  -3.487  1.00 33.13  ? 232 ILE A CB  1 
ATOM   1105 C CG1 . ILE A 1 139 ? 5.102   -5.432  -3.991  1.00 35.97  ? 232 ILE A CG1 1 
ATOM   1106 C CG2 . ILE A 1 139 ? 5.718   -7.826  -4.005  1.00 37.34  ? 232 ILE A CG2 1 
ATOM   1107 C CD1 . ILE A 1 139 ? 3.682   -5.612  -3.455  1.00 36.07  ? 232 ILE A CD1 1 
ATOM   1108 N N   . ARG A 1 140 ? 8.269   -7.645  -1.557  1.00 37.10  ? 233 ARG A N   1 
ATOM   1109 C CA  . ARG A 1 140 ? 9.090   -8.726  -0.980  1.00 43.48  ? 233 ARG A CA  1 
ATOM   1110 C C   . ARG A 1 140 ? 8.827   -8.875  0.540   1.00 37.91  ? 233 ARG A C   1 
ATOM   1111 O O   . ARG A 1 140 ? 8.561   -9.987  1.020   1.00 39.72  ? 233 ARG A O   1 
ATOM   1112 C CB  . ARG A 1 140 ? 10.595  -8.517  -1.318  1.00 47.03  ? 233 ARG A CB  1 
ATOM   1113 C CG  . ARG A 1 140 ? 11.607  -9.444  -0.659  1.00 60.24  ? 233 ARG A CG  1 
ATOM   1114 C CD  . ARG A 1 140 ? 11.254  -10.899 -0.823  1.00 76.66  ? 233 ARG A CD  1 
ATOM   1115 N NE  . ARG A 1 140 ? 10.796  -11.163 -2.192  1.00 92.41  ? 233 ARG A NE  1 
ATOM   1116 C CZ  . ARG A 1 140 ? 10.126  -12.251 -2.575  1.00 100.27 ? 233 ARG A CZ  1 
ATOM   1117 N NH1 . ARG A 1 140 ? 9.839   -13.243 -1.712  1.00 96.43  ? 233 ARG A NH1 1 
ATOM   1118 N NH2 . ARG A 1 140 ? 9.759   -12.354 -3.850  1.00 98.70  ? 233 ARG A NH2 1 
ATOM   1119 N N   . PRO A 1 141 ? 8.912   -7.776  1.304   1.00 36.00  ? 234 PRO A N   1 
ATOM   1120 C CA  . PRO A 1 141 ? 8.597   -7.907  2.729   1.00 37.36  ? 234 PRO A CA  1 
ATOM   1121 C C   . PRO A 1 141 ? 7.164   -8.461  3.008   1.00 38.74  ? 234 PRO A C   1 
ATOM   1122 O O   . PRO A 1 141 ? 6.965   -9.210  3.977   1.00 43.72  ? 234 PRO A O   1 
ATOM   1123 C CB  . PRO A 1 141 ? 8.771   -6.491  3.262   1.00 34.12  ? 234 PRO A CB  1 
ATOM   1124 C CG  . PRO A 1 141 ? 9.542   -5.773  2.297   1.00 36.40  ? 234 PRO A CG  1 
ATOM   1125 C CD  . PRO A 1 141 ? 9.485   -6.472  0.985   1.00 35.67  ? 234 PRO A CD  1 
ATOM   1126 N N   . LEU A 1 142 ? 6.184   -8.139  2.165   1.00 36.73  ? 235 LEU A N   1 
ATOM   1127 C CA  . LEU A 1 142 ? 4.848   -8.697  2.373   1.00 35.02  ? 235 LEU A CA  1 
ATOM   1128 C C   . LEU A 1 142 ? 4.813   -10.189 2.109   1.00 35.02  ? 235 LEU A C   1 
ATOM   1129 O O   . LEU A 1 142 ? 4.120   -10.927 2.788   1.00 31.09  ? 235 LEU A O   1 
ATOM   1130 C CB  . LEU A 1 142 ? 3.810   -8.026  1.459   1.00 35.22  ? 235 LEU A CB  1 
ATOM   1131 C CG  . LEU A 1 142 ? 2.393   -8.610  1.471   1.00 33.75  ? 235 LEU A CG  1 
ATOM   1132 C CD1 . LEU A 1 142 ? 1.749   -8.417  2.847   1.00 32.71  ? 235 LEU A CD1 1 
ATOM   1133 C CD2 . LEU A 1 142 ? 1.541   -7.998  0.340   1.00 35.39  ? 235 LEU A CD2 1 
ATOM   1134 N N   . ARG A 1 143 ? 5.463   -10.596 1.029   1.00 34.78  ? 236 ARG A N   1 
ATOM   1135 C CA  . ARG A 1 143 ? 5.517   -11.988 0.657   1.00 36.80  ? 236 ARG A CA  1 
ATOM   1136 C C   . ARG A 1 143 ? 6.255   -12.730 1.790   1.00 38.63  ? 236 ARG A C   1 
ATOM   1137 O O   . ARG A 1 143 ? 5.786   -13.773 2.229   1.00 42.51  ? 236 ARG A O   1 
ATOM   1138 C CB  . ARG A 1 143 ? 6.239   -12.177 -0.662  1.00 37.34  ? 236 ARG A CB  1 
ATOM   1139 C CG  . ARG A 1 143 ? 5.470   -11.744 -1.896  1.00 42.19  ? 236 ARG A CG  1 
ATOM   1140 C CD  . ARG A 1 143 ? 6.325   -11.951 -3.170  1.00 49.72  ? 236 ARG A CD  1 
ATOM   1141 N NE  . ARG A 1 143 ? 5.612   -11.604 -4.419  1.00 56.48  ? 236 ARG A NE  1 
ATOM   1142 C CZ  . ARG A 1 143 ? 6.151   -11.066 -5.546  1.00 60.60  ? 236 ARG A CZ  1 
ATOM   1143 N NH1 . ARG A 1 143 ? 7.462   -10.775 -5.646  1.00 56.43  ? 236 ARG A NH1 1 
ATOM   1144 N NH2 . ARG A 1 143 ? 5.352   -10.781 -6.593  1.00 56.25  ? 236 ARG A NH2 1 
ATOM   1145 N N   . ASP A 1 144 ? 7.340   -12.176 2.325   1.00 42.39  ? 237 ASP A N   1 
ATOM   1146 C CA  . ASP A 1 144 ? 8.041   -12.854 3.430   1.00 41.33  ? 237 ASP A CA  1 
ATOM   1147 C C   . ASP A 1 144 ? 7.199   -12.877 4.688   1.00 45.57  ? 237 ASP A C   1 
ATOM   1148 O O   . ASP A 1 144 ? 7.232   -13.841 5.422   1.00 52.21  ? 237 ASP A O   1 
ATOM   1149 C CB  . ASP A 1 144 ? 9.382   -12.203 3.744   1.00 46.02  ? 237 ASP A CB  1 
ATOM   1150 C CG  . ASP A 1 144 ? 10.430  -12.377 2.606   1.00 52.70  ? 237 ASP A CG  1 
ATOM   1151 O OD1 . ASP A 1 144 ? 10.197  -13.164 1.646   1.00 48.12  ? 237 ASP A OD1 1 
ATOM   1152 O OD2 . ASP A 1 144 ? 11.464  -11.656 2.650   1.00 51.90  ? 237 ASP A OD2 1 
ATOM   1153 N N   . TRP A 1 145 ? 6.447   -11.824 4.958   1.00 46.50  ? 238 TRP A N   1 
ATOM   1154 C CA  . TRP A 1 145 ? 5.556   -11.791 6.153   1.00 42.07  ? 238 TRP A CA  1 
ATOM   1155 C C   . TRP A 1 145 ? 4.401   -12.776 6.028   1.00 39.54  ? 238 TRP A C   1 
ATOM   1156 O O   . TRP A 1 145 ? 4.075   -13.451 6.999   1.00 45.89  ? 238 TRP A O   1 
ATOM   1157 C CB  . TRP A 1 145 ? 5.042   -10.363 6.379   1.00 41.66  ? 238 TRP A CB  1 
ATOM   1158 C CG  . TRP A 1 145 ? 4.292   -10.086 7.627   1.00 39.47  ? 238 TRP A CG  1 
ATOM   1159 C CD1 . TRP A 1 145 ? 4.746   -9.393  8.727   1.00 39.23  ? 238 TRP A CD1 1 
ATOM   1160 C CD2 . TRP A 1 145 ? 2.917   -10.385 7.879   1.00 38.43  ? 238 TRP A CD2 1 
ATOM   1161 N NE1 . TRP A 1 145 ? 3.750   -9.286  9.666   1.00 40.80  ? 238 TRP A NE1 1 
ATOM   1162 C CE2 . TRP A 1 145 ? 2.617   -9.894  9.177   1.00 42.22  ? 238 TRP A CE2 1 
ATOM   1163 C CE3 . TRP A 1 145 ? 1.901   -10.995 7.133   1.00 36.36  ? 238 TRP A CE3 1 
ATOM   1164 C CZ2 . TRP A 1 145 ? 1.353   -10.014 9.739   1.00 42.64  ? 238 TRP A CZ2 1 
ATOM   1165 C CZ3 . TRP A 1 145 ? 0.625   -11.124 7.706   1.00 40.01  ? 238 TRP A CZ3 1 
ATOM   1166 C CH2 . TRP A 1 145 ? 0.372   -10.650 8.994   1.00 40.00  ? 238 TRP A CH2 1 
ATOM   1167 N N   . LEU A 1 146 ? 3.792   -12.893 4.846   1.00 38.52  ? 239 LEU A N   1 
ATOM   1168 C CA  . LEU A 1 146 ? 2.708   -13.902 4.634   1.00 38.45  ? 239 LEU A CA  1 
ATOM   1169 C C   . LEU A 1 146 ? 3.189   -15.364 4.772   1.00 43.74  ? 239 LEU A C   1 
ATOM   1170 O O   . LEU A 1 146 ? 2.466   -16.232 5.286   1.00 42.25  ? 239 LEU A O   1 
ATOM   1171 C CB  . LEU A 1 146 ? 2.066   -13.745 3.273   1.00 38.36  ? 239 LEU A CB  1 
ATOM   1172 C CG  . LEU A 1 146 ? 1.314   -12.407 3.079   1.00 37.55  ? 239 LEU A CG  1 
ATOM   1173 C CD1 . LEU A 1 146 ? 0.906   -12.283 1.625   1.00 35.34  ? 239 LEU A CD1 1 
ATOM   1174 C CD2 . LEU A 1 146 ? 0.110   -12.378 4.010   1.00 38.18  ? 239 LEU A CD2 1 
ATOM   1175 N N   . SER A 1 147 ? 4.383   -15.621 4.263   1.00 45.01  ? 240 SER A N   1 
ATOM   1176 C CA  . SER A 1 147 ? 5.063   -16.920 4.456   1.00 48.13  ? 240 SER A CA  1 
ATOM   1177 C C   . SER A 1 147 ? 5.186   -17.291 5.900   1.00 46.55  ? 240 SER A C   1 
ATOM   1178 O O   . SER A 1 147 ? 4.709   -18.340 6.269   1.00 54.85  ? 240 SER A O   1 
ATOM   1179 C CB  . SER A 1 147 ? 6.479   -16.897 3.879   1.00 46.63  ? 240 SER A CB  1 
ATOM   1180 O OG  . SER A 1 147 ? 6.403   -16.844 2.504   1.00 56.38  ? 240 SER A OG  1 
ATOM   1181 N N   . ARG A 1 148 ? 5.830   -16.439 6.708   1.00 49.79  ? 241 ARG A N   1 
ATOM   1182 C CA  . ARG A 1 148 ? 5.903   -16.631 8.158   1.00 56.35  ? 241 ARG A CA  1 
ATOM   1183 C C   . ARG A 1 148 ? 4.517   -16.776 8.907   1.00 66.50  ? 241 ARG A C   1 
ATOM   1184 O O   . ARG A 1 148 ? 4.291   -17.778 9.601   1.00 72.45  ? 241 ARG A O   1 
ATOM   1185 C CB  . ARG A 1 148 ? 6.769   -15.541 8.831   1.00 61.57  ? 241 ARG A CB  1 
ATOM   1186 C CG  . ARG A 1 148 ? 8.255   -15.556 8.473   1.00 62.67  ? 241 ARG A CG  1 
ATOM   1187 N N   . ARG A 1 149 ? 3.637   -15.791 8.740   0.50 64.97  ? 242 ARG A N   1 
ATOM   1188 C CA  . ARG A 1 149 ? 2.342   -15.768 9.426   0.50 65.78  ? 242 ARG A CA  1 
ATOM   1189 C C   . ARG A 1 149 ? 1.333   -16.833 8.970   0.50 66.58  ? 242 ARG A C   1 
ATOM   1190 O O   . ARG A 1 149 ? 0.459   -17.213 9.750   0.50 72.38  ? 242 ARG A O   1 
ATOM   1191 C CB  . ARG A 1 149 ? 1.702   -14.393 9.274   0.50 67.15  ? 242 ARG A CB  1 
ATOM   1192 C CG  . ARG A 1 149 ? 0.202   -14.395 9.512   0.50 68.53  ? 242 ARG A CG  1 
ATOM   1193 C CD  . ARG A 1 149 ? -0.135  -14.634 10.968  0.50 68.69  ? 242 ARG A CD  1 
ATOM   1194 N NE  . ARG A 1 149 ? 0.622   -13.758 11.848  0.50 69.37  ? 242 ARG A NE  1 
ATOM   1195 C CZ  . ARG A 1 149 ? 0.142   -12.636 12.367  0.50 69.28  ? 242 ARG A CZ  1 
ATOM   1196 N NH1 . ARG A 1 149 ? 0.904   -11.902 13.164  0.50 71.26  ? 242 ARG A NH1 1 
ATOM   1197 N NH2 . ARG A 1 149 ? -1.099  -12.256 12.087  0.50 67.91  ? 242 ARG A NH2 1 
ATOM   1198 N N   . PHE A 1 150 ? 1.454   -17.318 7.734   1.00 64.87  ? 243 PHE A N   1 
ATOM   1199 C CA  . PHE A 1 150 ? 0.502   -18.309 7.165   1.00 59.97  ? 243 PHE A CA  1 
ATOM   1200 C C   . PHE A 1 150 ? 1.211   -19.580 6.666   1.00 69.76  ? 243 PHE A C   1 
ATOM   1201 O O   . PHE A 1 150 ? 1.001   -20.655 7.218   1.00 88.27  ? 243 PHE A O   1 
ATOM   1202 C CB  . PHE A 1 150 ? -0.335  -17.680 6.045   1.00 53.91  ? 243 PHE A CB  1 
ATOM   1203 C CG  . PHE A 1 150 ? -1.267  -16.583 6.513   1.00 58.23  ? 243 PHE A CG  1 
ATOM   1204 C CD1 . PHE A 1 150 ? -2.516  -16.886 7.052   1.00 61.89  ? 243 PHE A CD1 1 
ATOM   1205 C CD2 . PHE A 1 150 ? -0.916  -15.251 6.421   1.00 51.85  ? 243 PHE A CD2 1 
ATOM   1206 C CE1 . PHE A 1 150 ? -3.380  -15.887 7.508   1.00 61.64  ? 243 PHE A CE1 1 
ATOM   1207 C CE2 . PHE A 1 150 ? -1.776  -14.245 6.888   1.00 53.63  ? 243 PHE A CE2 1 
ATOM   1208 C CZ  . PHE A 1 150 ? -3.002  -14.560 7.429   1.00 57.49  ? 243 PHE A CZ  1 
ATOM   1209 N N   . GLY A 1 151 ? 2.020   -19.472 5.609   1.00 81.93  ? 244 GLY A N   1 
ATOM   1210 C CA  . GLY A 1 151 ? 2.763   -20.612 5.049   1.00 79.32  ? 244 GLY A CA  1 
ATOM   1211 C C   . GLY A 1 151 ? 2.354   -20.915 3.626   1.00 89.30  ? 244 GLY A C   1 
ATOM   1212 O O   . GLY A 1 151 ? 2.075   -22.066 3.287   1.00 111.34 ? 244 GLY A O   1 
HETATM 1213 C C1  . EDO B 2 .   ? -11.913 6.454   10.198  1.00 72.84  ? 301 EDO A C1  1 
HETATM 1214 O O1  . EDO B 2 .   ? -13.145 6.874   9.571   1.00 71.55  ? 301 EDO A O1  1 
HETATM 1215 C C2  . EDO B 2 .   ? -12.065 4.992   10.614  1.00 74.64  ? 301 EDO A C2  1 
HETATM 1216 O O2  . EDO B 2 .   ? -11.739 4.772   12.003  1.00 76.13  ? 301 EDO A O2  1 
HETATM 1217 C C1  . EDO C 2 .   ? 4.121   5.315   -14.666 1.00 84.06  ? 302 EDO A C1  1 
HETATM 1218 O O1  . EDO C 2 .   ? 4.935   5.621   -13.513 1.00 78.74  ? 302 EDO A O1  1 
HETATM 1219 C C2  . EDO C 2 .   ? 4.917   5.016   -15.949 1.00 75.93  ? 302 EDO A C2  1 
HETATM 1220 O O2  . EDO C 2 .   ? 5.104   3.610   -16.195 1.00 80.84  ? 302 EDO A O2  1 
HETATM 1221 S S   . DMS D 3 .   ? -8.204  -9.480  -8.982  1.00 90.62  ? 303 DMS A S   1 
HETATM 1222 O O   . DMS D 3 .   ? -6.927  -9.082  -9.603  1.00 77.35  ? 303 DMS A O   1 
HETATM 1223 C C1  . DMS D 3 .   ? -9.552  -8.655  -9.660  1.00 79.68  ? 303 DMS A C1  1 
HETATM 1224 C C2  . DMS D 3 .   ? -8.532  -11.076 -9.473  1.00 88.60  ? 303 DMS A C2  1 
HETATM 1225 C C   . ACT E 4 .   ? -0.647  11.666  -15.622 1.00 70.44  ? 304 ACT A C   1 
HETATM 1226 O O   . ACT E 4 .   ? -0.087  12.238  -14.676 1.00 61.08  ? 304 ACT A O   1 
HETATM 1227 O OXT . ACT E 4 .   ? -1.671  11.011  -15.363 1.00 82.28  ? 304 ACT A OXT 1 
HETATM 1228 C CH3 . ACT E 4 .   ? -0.144  11.780  -17.055 1.00 74.16  ? 304 ACT A CH3 1 
HETATM 1229 C C   . ACT F 4 .   ? 8.442   6.018   -11.628 1.00 59.08  ? 305 ACT A C   1 
HETATM 1230 O O   . ACT F 4 .   ? 8.676   4.804   -11.806 1.00 50.23  ? 305 ACT A O   1 
HETATM 1231 O OXT . ACT F 4 .   ? 7.429   6.546   -12.183 1.00 65.94  ? 305 ACT A OXT 1 
HETATM 1232 C CH3 . ACT F 4 .   ? 9.397   6.829   -10.763 1.00 57.28  ? 305 ACT A CH3 1 
HETATM 1233 N N1  . LF4 G 5 .   ? 2.383   7.745   -7.552  0.51 41.14  ? 306 LF4 A N1  1 
HETATM 1234 N N3  . LF4 G 5 .   ? 0.398   6.841   -5.745  0.51 39.65  ? 306 LF4 A N3  1 
HETATM 1235 C C4  . LF4 G 5 .   ? 4.383   8.691   -7.147  0.51 40.98  ? 306 LF4 A C4  1 
HETATM 1236 C C5  . LF4 G 5 .   ? 3.758   8.489   -5.943  0.51 40.71  ? 306 LF4 A C5  1 
HETATM 1237 C C6  . LF4 G 5 .   ? 2.524   7.891   -6.229  0.51 41.17  ? 306 LF4 A C6  1 
HETATM 1238 C C7  . LF4 G 5 .   ? 1.474   7.471   -5.262  0.51 40.93  ? 306 LF4 A C7  1 
HETATM 1239 C C8  . LF4 G 5 .   ? -0.537  6.137   -4.871  0.51 39.11  ? 306 LF4 A C8  1 
HETATM 1240 C C10 . LF4 G 5 .   ? -1.644  6.776   -2.694  0.51 39.93  ? 306 LF4 A C10 1 
HETATM 1241 C C13 . LF4 G 5 .   ? -2.941  8.917   -3.866  0.51 35.02  ? 306 LF4 A C13 1 
HETATM 1242 C C1  . LF4 G 5 .   ? 6.688   8.261   -8.048  0.51 43.77  ? 306 LF4 A C1  1 
HETATM 1243 C C11 . LF4 G 5 .   ? -2.485  7.579   -1.931  0.51 38.08  ? 306 LF4 A C11 1 
HETATM 1244 C C12 . LF4 G 5 .   ? -3.111  8.628   -2.545  0.51 36.49  ? 306 LF4 A C12 1 
HETATM 1245 C C14 . LF4 G 5 .   ? -2.108  8.099   -4.615  0.51 37.10  ? 306 LF4 A C14 1 
HETATM 1246 C C2  . LF4 G 5 .   ? 5.718   9.304   -7.494  0.51 41.05  ? 306 LF4 A C2  1 
HETATM 1247 C C3  . LF4 G 5 .   ? 6.342   10.073  -6.330  0.51 40.12  ? 306 LF4 A C3  1 
HETATM 1248 C C9  . LF4 G 5 .   ? -1.439  7.028   -4.043  0.51 38.46  ? 306 LF4 A C9  1 
HETATM 1249 F F1  . LF4 G 5 .   ? -3.940  9.416   -1.804  0.51 35.68  ? 306 LF4 A F1  1 
HETATM 1250 N N2  . LF4 G 5 .   ? 3.524   8.239   -8.085  0.51 41.59  ? 306 LF4 A N2  1 
HETATM 1251 O O1  . LF4 G 5 .   ? 1.619   7.688   -4.054  0.51 47.36  ? 306 LF4 A O1  1 
HETATM 1252 O O   . HOH H 6 .   ? 4.624   -14.985 0.866   1.00 42.08  ? 401 HOH A O   1 
HETATM 1253 O O   . HOH H 6 .   ? 0.568   -0.814  16.215  1.00 64.03  ? 402 HOH A O   1 
HETATM 1254 O O   . HOH H 6 .   ? -7.518  3.776   -13.515 1.00 59.11  ? 403 HOH A O   1 
HETATM 1255 O O   . HOH H 6 .   ? -6.174  10.870  2.074   1.00 56.38  ? 404 HOH A O   1 
HETATM 1256 O O   . HOH H 6 .   ? 26.280  3.730   -22.352 1.00 34.33  ? 405 HOH A O   1 
HETATM 1257 O O   . HOH H 6 .   ? -15.393 -1.706  7.682   1.00 43.63  ? 406 HOH A O   1 
HETATM 1258 O O   . HOH H 6 .   ? -14.149 -4.760  -4.916  1.00 61.48  ? 407 HOH A O   1 
HETATM 1259 O O   . HOH H 6 .   ? 3.435   3.965   -7.851  1.00 28.11  ? 408 HOH A O   1 
HETATM 1260 O O   . HOH H 6 .   ? 9.802   -5.503  -2.754  1.00 30.85  ? 409 HOH A O   1 
HETATM 1261 O O   . HOH H 6 .   ? -7.662  10.415  13.421  1.00 53.34  ? 410 HOH A O   1 
HETATM 1262 O O   . HOH H 6 .   ? 8.895   -15.132 0.573   1.00 57.09  ? 411 HOH A O   1 
HETATM 1263 O O   . HOH H 6 .   ? 4.542   -7.378  11.990  1.00 42.93  ? 412 HOH A O   1 
HETATM 1264 O O   . HOH H 6 .   ? 3.976   8.996   14.183  1.00 49.47  ? 413 HOH A O   1 
HETATM 1265 O O   . HOH H 6 .   ? 13.378  6.337   -11.964 1.00 60.32  ? 414 HOH A O   1 
HETATM 1266 O O   . HOH H 6 .   ? -0.259  -14.914 -1.062  1.00 53.62  ? 415 HOH A O   1 
HETATM 1267 O O   . HOH H 6 .   ? -3.441  9.013   -12.487 1.00 32.35  ? 416 HOH A O   1 
HETATM 1268 O O   . HOH H 6 .   ? -6.060  -7.751  10.446  1.00 30.64  ? 417 HOH A O   1 
HETATM 1269 O O   . HOH H 6 .   ? -4.915  -13.304 -8.086  1.00 54.02  ? 418 HOH A O   1 
HETATM 1270 O O   . HOH H 6 .   ? 18.052  8.058   -1.765  1.00 48.42  ? 419 HOH A O   1 
HETATM 1271 O O   . HOH H 6 .   ? 7.035   -6.210  9.596   1.00 54.75  ? 420 HOH A O   1 
HETATM 1272 O O   . HOH H 6 .   ? -1.738  17.916  12.352  1.00 63.77  ? 421 HOH A O   1 
HETATM 1273 O O   . HOH H 6 .   ? 8.551   -9.104  6.104   1.00 39.57  ? 422 HOH A O   1 
HETATM 1274 O O   . HOH H 6 .   ? 10.213  -5.461  -12.500 1.00 55.68  ? 423 HOH A O   1 
HETATM 1275 O O   . HOH H 6 .   ? -6.347  -4.762  -11.293 1.00 37.81  ? 424 HOH A O   1 
HETATM 1276 O O   . HOH H 6 .   ? -3.129  -18.099 -0.815  1.00 50.46  ? 425 HOH A O   1 
HETATM 1277 O O   . HOH H 6 .   ? 5.907   -11.126 -10.578 1.00 46.85  ? 426 HOH A O   1 
HETATM 1278 O O   . HOH H 6 .   ? -4.213  -1.883  0.630   1.00 26.70  ? 427 HOH A O   1 
HETATM 1279 O O   . HOH H 6 .   ? -8.796  0.525   15.471  1.00 53.84  ? 428 HOH A O   1 
HETATM 1280 O O   . HOH H 6 .   ? -5.187  9.507   17.570  1.00 47.96  ? 429 HOH A O   1 
HETATM 1281 O O   . HOH H 6 .   ? -12.931 -0.988  16.898  1.00 58.74  ? 430 HOH A O   1 
HETATM 1282 O O   . HOH H 6 .   ? -10.031 2.641   7.301   1.00 40.06  ? 431 HOH A O   1 
HETATM 1283 O O   . HOH H 6 .   ? 6.933   3.507   -1.323  1.00 52.19  ? 432 HOH A O   1 
HETATM 1284 O O   . HOH H 6 .   ? 20.028  0.338   -15.866 1.00 43.06  ? 433 HOH A O   1 
HETATM 1285 O O   . HOH H 6 .   ? -3.535  -9.024  10.495  1.00 41.14  ? 434 HOH A O   1 
HETATM 1286 O O   . HOH H 6 .   ? 12.031  -2.826  0.468   1.00 46.64  ? 435 HOH A O   1 
HETATM 1287 O O   . HOH H 6 .   ? -1.080  -13.737 -6.062  1.00 39.53  ? 436 HOH A O   1 
HETATM 1288 O O   . HOH H 6 .   ? -16.149 0.137   5.712   1.00 38.64  ? 437 HOH A O   1 
HETATM 1289 O O   . HOH H 6 .   ? -13.836 -1.386  11.012  1.00 41.79  ? 438 HOH A O   1 
HETATM 1290 O O   . HOH H 6 .   ? -2.980  -4.982  11.111  1.00 31.60  ? 439 HOH A O   1 
HETATM 1291 O O   . HOH H 6 .   ? -2.879  1.749   -14.709 1.00 39.23  ? 440 HOH A O   1 
HETATM 1292 O O   . HOH H 6 .   ? -6.631  -0.049  -14.708 1.00 47.65  ? 441 HOH A O   1 
HETATM 1293 O O   . HOH H 6 .   ? -2.719  12.748  -13.448 1.00 44.64  ? 442 HOH A O   1 
HETATM 1294 O O   . HOH H 6 .   ? -9.766  4.750   13.976  1.00 44.95  ? 443 HOH A O   1 
HETATM 1295 O O   . HOH H 6 .   ? 2.117   15.533  12.249  1.00 65.23  ? 444 HOH A O   1 
HETATM 1296 O O   . HOH H 6 .   ? -9.164  -3.892  15.229  1.00 58.47  ? 445 HOH A O   1 
HETATM 1297 O O   . HOH H 6 .   ? 10.255  1.611   -5.866  1.00 52.10  ? 446 HOH A O   1 
HETATM 1298 O O   . HOH H 6 .   ? 1.346   4.655   -1.656  1.00 34.66  ? 447 HOH A O   1 
HETATM 1299 O O   . HOH H 6 .   ? -5.995  -19.483 -7.857  1.00 51.09  ? 448 HOH A O   1 
HETATM 1300 O O   . HOH H 6 .   ? -16.147 -6.108  3.331   1.00 49.08  ? 449 HOH A O   1 
HETATM 1301 O O   . HOH H 6 .   ? -0.635  12.588  3.136   1.00 50.29  ? 450 HOH A O   1 
HETATM 1302 O O   . HOH H 6 .   ? 13.532  0.521   5.882   1.00 44.95  ? 451 HOH A O   1 
HETATM 1303 O O   . HOH H 6 .   ? 16.489  5.670   -12.334 1.00 44.72  ? 452 HOH A O   1 
HETATM 1304 O O   . HOH H 6 .   ? -3.229  -8.460  -11.122 1.00 29.14  ? 453 HOH A O   1 
HETATM 1305 O O   . HOH H 6 .   ? 16.391  -3.374  -9.421  1.00 61.03  ? 454 HOH A O   1 
HETATM 1306 O O   . HOH H 6 .   ? -9.287  6.976   12.337  1.00 41.72  ? 455 HOH A O   1 
HETATM 1307 O O   . HOH H 6 .   ? -1.291  3.278   17.189  1.00 43.49  ? 456 HOH A O   1 
HETATM 1308 O O   . HOH H 6 .   ? -6.649  11.374  -0.681  1.00 45.81  ? 457 HOH A O   1 
HETATM 1309 O O   . HOH H 6 .   ? 2.621   2.384   -1.298  1.00 31.69  ? 458 HOH A O   1 
HETATM 1310 O O   . HOH H 6 .   ? 8.418   -3.803  9.411   1.00 46.62  ? 459 HOH A O   1 
HETATM 1311 O O   . HOH H 6 .   ? -4.023  -5.656  18.294  1.00 59.07  ? 460 HOH A O   1 
HETATM 1312 O O   . HOH H 6 .   ? -10.461 -4.799  -8.873  1.00 41.99  ? 461 HOH A O   1 
HETATM 1313 O O   . HOH H 6 .   ? 12.475  -3.067  -4.890  1.00 62.87  ? 462 HOH A O   1 
HETATM 1314 O O   . HOH H 6 .   ? 4.734   0.153   -15.690 1.00 44.52  ? 463 HOH A O   1 
HETATM 1315 O O   . HOH H 6 .   ? -19.528 -3.515  0.173   1.00 52.70  ? 464 HOH A O   1 
HETATM 1316 O O   . HOH H 6 .   ? 9.899   -15.378 5.996   1.00 59.27  ? 465 HOH A O   1 
HETATM 1317 O O   . HOH H 6 .   ? -0.244  11.324  19.449  1.00 75.75  ? 466 HOH A O   1 
HETATM 1318 O O   . HOH H 6 .   ? -0.432  4.476   -13.919 1.00 58.34  ? 467 HOH A O   1 
HETATM 1319 O O   . HOH H 6 .   ? 3.511   -10.005 -14.306 1.00 67.80  ? 468 HOH A O   1 
HETATM 1320 O O   . HOH H 6 .   ? -7.915  2.261   14.143  1.00 51.69  ? 469 HOH A O   1 
HETATM 1321 O O   . HOH H 6 .   ? 9.577   9.498   9.997   1.00 64.77  ? 470 HOH A O   1 
HETATM 1322 O O   . HOH H 6 .   ? -17.591 -1.342  16.062  1.00 63.95  ? 471 HOH A O   1 
HETATM 1323 O O   . HOH H 6 .   ? 6.089   -5.507  13.199  1.00 71.71  ? 472 HOH A O   1 
HETATM 1324 O O   . HOH H 6 .   ? 5.126   -4.400  -13.549 1.00 42.05  ? 473 HOH A O   1 
HETATM 1325 O O   . HOH H 6 .   ? -16.972 -0.454  3.279   1.00 59.10  ? 474 HOH A O   1 
HETATM 1326 O O   . HOH H 6 .   ? -20.742 -5.950  -0.950  1.00 62.33  ? 475 HOH A O   1 
HETATM 1327 O O   . HOH H 6 .   ? 11.220  -8.917  5.280   1.00 57.88  ? 476 HOH A O   1 
HETATM 1328 O O   . HOH H 6 .   ? 0.192   -5.977  -12.801 1.00 58.07  ? 477 HOH A O   1 
HETATM 1329 O O   . HOH H 6 .   ? 8.745   -7.072  7.531   1.00 47.98  ? 478 HOH A O   1 
HETATM 1330 O O   . HOH H 6 .   ? -17.951 2.142   7.039   1.00 56.32  ? 479 HOH A O   1 
# 
